data_9BC7
#
_entry.id   9BC7
#
_cell.length_a   1.00
_cell.length_b   1.00
_cell.length_c   1.00
_cell.angle_alpha   90.00
_cell.angle_beta   90.00
_cell.angle_gamma   90.00
#
_symmetry.space_group_name_H-M   'P 1'
#
loop_
_entity.id
_entity.type
_entity.pdbx_description
1 polymer 'Potassium/sodium hyperpolarization-activated cyclic nucleotide-gated channel 1'
2 non-polymer 1,2-DIOLEOYL-SN-GLYCERO-3-PHOSPHOCHOLINE
3 non-polymer "ADENOSINE-3',5'-CYCLIC-MONOPHOSPHATE"
#
_entity_poly.entity_id   1
_entity_poly.type   'polypeptide(L)'
_entity_poly.pdbx_seq_one_letter_code
;MEGGGKPNSSSNSRDDGNSVFPAKASATGAGPAAAEKRLGTPPGGGGAGAKEHGNSVCFKVDGGGGGGGGGGGGEEPAGG
FEDAEGPRRQYGFMQRQFTSMLQPGVNKFSLRMFGSQKAVEKEQERVKTAGFWIIHPYSDFRFYWDLIMLIMMVGNLVII
PVGITFFTEQTTTPWIIFNVASDTVFLLDLIMNFRTGTVNEDSSEIILDPKVIKMNYLKSWFVVDFISSIPVDYIFLIVE
KGMDSEVYKTARALRIVRFTKILSLLRLLRLSRLIRYIHQWEEIFHMTYDLASAVVRIFNLIGMLLLLCHWDGCLQFLVP
LLQDFPPDCWVSLNEMVNDSWGKQYSYALFKAMSHMLCIGYGAQAPVSMSDLWITMLSMIVGATCYAMFVGHATALIQSL
DSSRRQYQEKYKQVEQYMSFHKLPADMRQKIHDYYEHRYQGKIFDEENILNELNDPLREEIVNFNCRKLVATMPLFANAD
PNFVTAMLSKLRFEVFQPGDYIIREGAVGKKMYFIQHGVAGVITKSSKEMKLTDGSYFGEICLLTKGRRTASVRADTYCR
LYSLSVDNFNEVLEEYPMMRRAFETVAIDRLDRIGKKNSILLQKFQKDLNTGVFNNQENEILKQIVKHDREMVQAALPRE
SSSVLNTDPDAEKPRFASNL
;
_entity_poly.pdbx_strand_id   A,B,C,D
#
loop_
_chem_comp.id
_chem_comp.type
_chem_comp.name
_chem_comp.formula
CMP non-polymer ADENOSINE-3',5'-CYCLIC-MONOPHOSPHATE 'C10 H12 N5 O6 P'
PCW non-polymer 1,2-DIOLEOYL-SN-GLYCERO-3-PHOSPHOCHOLINE 'C44 H85 N O8 P 1'
#
# COMPACT_ATOMS: atom_id res chain seq x y z
N MET A 94 -21.11 -46.32 -23.54
CA MET A 94 -22.43 -46.17 -24.17
C MET A 94 -22.91 -44.73 -24.12
N GLN A 95 -23.94 -44.38 -24.88
CA GLN A 95 -24.41 -42.99 -25.08
C GLN A 95 -24.84 -42.25 -23.79
N ARG A 96 -25.22 -42.97 -22.74
CA ARG A 96 -25.51 -42.38 -21.43
C ARG A 96 -24.29 -41.69 -20.78
N GLN A 97 -23.07 -42.15 -21.08
CA GLN A 97 -21.84 -41.47 -20.68
C GLN A 97 -21.60 -40.15 -21.44
N PHE A 98 -22.15 -40.03 -22.65
CA PHE A 98 -22.20 -38.77 -23.40
C PHE A 98 -23.28 -37.83 -22.89
N THR A 99 -24.48 -38.33 -22.58
CA THR A 99 -25.56 -37.55 -21.95
C THR A 99 -25.18 -37.01 -20.56
N SER A 100 -24.28 -37.68 -19.85
CA SER A 100 -23.70 -37.23 -18.58
C SER A 100 -22.62 -36.14 -18.71
N MET A 101 -22.15 -35.82 -19.92
CA MET A 101 -21.08 -34.84 -20.16
C MET A 101 -21.56 -33.38 -20.14
N LEU A 102 -22.86 -33.13 -20.33
CA LEU A 102 -23.45 -31.79 -20.36
C LEU A 102 -23.90 -31.26 -18.99
N GLN A 103 -24.03 -32.12 -17.96
CA GLN A 103 -24.34 -31.75 -16.57
C GLN A 103 -23.08 -31.42 -15.75
N PRO A 104 -23.20 -30.75 -14.59
CA PRO A 104 -22.05 -30.40 -13.75
C PRO A 104 -21.33 -31.63 -13.20
N GLY A 105 -20.01 -31.54 -13.06
CA GLY A 105 -19.16 -32.60 -12.52
C GLY A 105 -18.99 -32.54 -11.00
N VAL A 106 -18.09 -33.40 -10.55
CA VAL A 106 -17.75 -33.57 -9.14
C VAL A 106 -16.30 -33.34 -8.79
N ASN A 107 -15.57 -32.65 -9.65
CA ASN A 107 -14.20 -32.16 -9.42
C ASN A 107 -14.20 -31.05 -8.35
N LYS A 108 -13.06 -30.78 -7.69
CA LYS A 108 -13.01 -29.92 -6.49
C LYS A 108 -13.58 -28.51 -6.67
N PHE A 109 -13.61 -27.97 -7.88
CA PHE A 109 -14.28 -26.71 -8.18
C PHE A 109 -15.78 -26.77 -7.87
N SER A 110 -16.46 -27.84 -8.29
CA SER A 110 -17.88 -28.03 -8.06
C SER A 110 -18.20 -28.08 -6.56
N LEU A 111 -17.40 -28.82 -5.79
CA LEU A 111 -17.49 -28.84 -4.33
C LEU A 111 -17.22 -27.46 -3.70
N ARG A 112 -16.24 -26.70 -4.18
CA ARG A 112 -15.97 -25.35 -3.70
C ARG A 112 -17.11 -24.35 -3.98
N MET A 113 -17.80 -24.48 -5.13
CA MET A 113 -18.91 -23.60 -5.49
C MET A 113 -20.19 -23.91 -4.74
N PHE A 114 -20.50 -25.19 -4.52
CA PHE A 114 -21.81 -25.62 -4.00
C PHE A 114 -21.81 -26.16 -2.56
N GLY A 115 -20.66 -26.56 -2.01
CA GLY A 115 -20.56 -27.23 -0.71
C GLY A 115 -20.42 -28.75 -0.87
N SER A 116 -21.15 -29.53 -0.08
CA SER A 116 -21.09 -30.99 -0.13
C SER A 116 -21.67 -31.59 -1.42
N GLN A 117 -21.42 -32.87 -1.66
CA GLN A 117 -21.98 -33.61 -2.79
C GLN A 117 -23.52 -33.56 -2.83
N LYS A 118 -24.20 -33.40 -1.70
CA LYS A 118 -25.66 -33.26 -1.66
C LYS A 118 -26.18 -31.95 -2.26
N ALA A 119 -25.34 -30.90 -2.37
CA ALA A 119 -25.68 -29.71 -3.15
C ALA A 119 -25.40 -29.90 -4.64
N VAL A 120 -24.28 -30.54 -4.99
CA VAL A 120 -23.89 -30.82 -6.37
C VAL A 120 -24.91 -31.75 -7.04
N GLU A 121 -25.29 -32.86 -6.39
CA GLU A 121 -26.24 -33.82 -6.93
C GLU A 121 -27.67 -33.25 -7.07
N LYS A 122 -28.03 -32.22 -6.29
CA LYS A 122 -29.29 -31.47 -6.48
C LYS A 122 -29.24 -30.58 -7.71
N GLU A 123 -28.16 -29.82 -7.90
CA GLU A 123 -27.99 -28.99 -9.10
C GLU A 123 -27.89 -29.85 -10.37
N GLN A 124 -27.24 -31.01 -10.30
CA GLN A 124 -27.17 -31.99 -11.39
C GLN A 124 -28.56 -32.49 -11.81
N GLU A 125 -29.50 -32.69 -10.88
CA GLU A 125 -30.90 -32.99 -11.23
C GLU A 125 -31.66 -31.76 -11.76
N ARG A 126 -31.27 -30.58 -11.33
CA ARG A 126 -31.94 -29.40 -11.81
C ARG A 126 -31.78 -29.24 -13.27
N VAL A 127 -30.58 -29.53 -13.78
CA VAL A 127 -30.29 -29.56 -15.23
C VAL A 127 -31.14 -30.60 -15.95
N LYS A 128 -31.07 -31.86 -15.51
CA LYS A 128 -31.76 -33.00 -16.15
C LYS A 128 -33.28 -32.83 -16.24
N THR A 129 -33.87 -32.16 -15.25
CA THR A 129 -35.32 -31.89 -15.17
C THR A 129 -35.79 -30.64 -15.93
N ALA A 130 -34.89 -29.88 -16.57
CA ALA A 130 -35.23 -28.74 -17.42
C ALA A 130 -35.67 -29.18 -18.85
N GLY A 131 -35.53 -28.30 -19.84
CA GLY A 131 -35.83 -28.59 -21.25
C GLY A 131 -34.94 -29.69 -21.87
N PHE A 132 -35.24 -30.06 -23.13
CA PHE A 132 -34.72 -31.28 -23.76
C PHE A 132 -33.19 -31.43 -23.69
N TRP A 133 -32.44 -30.37 -24.00
CA TRP A 133 -31.02 -30.24 -23.69
C TRP A 133 -30.70 -28.83 -23.20
N ILE A 134 -29.90 -28.73 -22.14
CA ILE A 134 -29.23 -27.50 -21.71
C ILE A 134 -27.82 -27.88 -21.27
N ILE A 135 -26.83 -27.06 -21.61
CA ILE A 135 -25.42 -27.25 -21.27
C ILE A 135 -25.13 -26.45 -20.01
N HIS A 136 -24.64 -27.09 -18.95
CA HIS A 136 -24.27 -26.37 -17.73
C HIS A 136 -22.94 -25.65 -17.94
N PRO A 137 -22.75 -24.40 -17.48
CA PRO A 137 -21.55 -23.62 -17.80
C PRO A 137 -20.26 -24.21 -17.23
N TYR A 138 -20.34 -25.02 -16.18
CA TYR A 138 -19.20 -25.73 -15.60
C TYR A 138 -19.06 -27.18 -16.05
N SER A 139 -19.83 -27.61 -17.06
CA SER A 139 -19.74 -28.97 -17.57
C SER A 139 -18.42 -29.25 -18.27
N ASP A 140 -18.00 -30.51 -18.29
CA ASP A 140 -16.80 -30.93 -19.01
C ASP A 140 -16.93 -30.68 -20.51
N PHE A 141 -18.14 -30.79 -21.07
CA PHE A 141 -18.40 -30.44 -22.47
C PHE A 141 -18.19 -28.96 -22.76
N ARG A 142 -18.66 -28.08 -21.87
CA ARG A 142 -18.46 -26.65 -22.04
C ARG A 142 -16.97 -26.29 -21.95
N PHE A 143 -16.28 -26.96 -21.06
CA PHE A 143 -14.88 -26.66 -20.90
C PHE A 143 -13.96 -27.16 -21.96
N TYR A 144 -14.18 -28.32 -22.52
CA TYR A 144 -13.45 -28.76 -23.71
C TYR A 144 -13.85 -27.98 -24.97
N TRP A 145 -15.12 -27.59 -25.14
CA TRP A 145 -15.53 -26.75 -26.24
C TRP A 145 -14.83 -25.39 -26.22
N ASP A 146 -14.73 -24.74 -25.06
CA ASP A 146 -14.01 -23.49 -24.94
C ASP A 146 -12.51 -23.64 -25.28
N LEU A 147 -11.84 -24.73 -24.91
CA LEU A 147 -10.46 -24.98 -25.33
C LEU A 147 -10.31 -25.19 -26.83
N ILE A 148 -11.22 -25.95 -27.47
CA ILE A 148 -11.23 -26.10 -28.93
C ILE A 148 -11.38 -24.74 -29.61
N MET A 149 -12.29 -23.88 -29.12
CA MET A 149 -12.41 -22.51 -29.62
C MET A 149 -11.16 -21.68 -29.39
N LEU A 150 -10.62 -21.59 -28.18
CA LEU A 150 -9.45 -20.75 -27.87
C LEU A 150 -8.24 -21.08 -28.76
N ILE A 151 -7.91 -22.37 -28.90
CA ILE A 151 -6.77 -22.83 -29.71
C ILE A 151 -6.95 -22.47 -31.18
N MET A 152 -8.15 -22.59 -31.72
CA MET A 152 -8.46 -22.27 -33.12
C MET A 152 -8.61 -20.76 -33.36
N MET A 153 -9.16 -20.03 -32.41
CA MET A 153 -9.43 -18.59 -32.48
C MET A 153 -8.16 -17.75 -32.47
N VAL A 154 -7.16 -18.10 -31.67
CA VAL A 154 -5.83 -17.46 -31.76
C VAL A 154 -5.20 -17.70 -33.13
N GLY A 155 -5.34 -18.89 -33.69
CA GLY A 155 -4.89 -19.19 -35.06
C GLY A 155 -5.58 -18.32 -36.13
N ASN A 156 -6.88 -18.08 -36.01
CA ASN A 156 -7.62 -17.23 -36.95
C ASN A 156 -7.28 -15.75 -36.83
N LEU A 157 -7.17 -15.20 -35.62
CA LEU A 157 -6.78 -13.80 -35.44
C LEU A 157 -5.32 -13.49 -35.82
N VAL A 158 -4.47 -14.52 -35.95
CA VAL A 158 -3.13 -14.41 -36.55
C VAL A 158 -3.15 -14.52 -38.08
N ILE A 159 -3.79 -15.53 -38.68
CA ILE A 159 -3.73 -15.78 -40.12
C ILE A 159 -4.59 -14.83 -40.95
N ILE A 160 -5.77 -14.44 -40.51
CA ILE A 160 -6.72 -13.66 -41.32
C ILE A 160 -6.15 -12.31 -41.78
N PRO A 161 -5.57 -11.44 -40.94
CA PRO A 161 -4.96 -10.20 -41.40
C PRO A 161 -3.91 -10.39 -42.50
N VAL A 162 -3.07 -11.42 -42.40
CA VAL A 162 -2.00 -11.70 -43.36
C VAL A 162 -2.57 -12.15 -44.70
N GLY A 163 -3.50 -13.10 -44.67
CA GLY A 163 -4.19 -13.60 -45.85
C GLY A 163 -5.03 -12.55 -46.58
N ILE A 164 -5.55 -11.55 -45.87
CA ILE A 164 -6.23 -10.40 -46.49
C ILE A 164 -5.22 -9.40 -47.06
N THR A 165 -4.16 -9.08 -46.31
CA THR A 165 -3.25 -7.97 -46.65
C THR A 165 -2.24 -8.32 -47.74
N PHE A 166 -1.45 -9.38 -47.58
CA PHE A 166 -0.27 -9.63 -48.42
C PHE A 166 -0.53 -10.50 -49.64
N PHE A 167 -1.77 -10.92 -49.88
CA PHE A 167 -2.17 -11.82 -50.99
C PHE A 167 -3.28 -11.23 -51.86
N THR A 168 -3.14 -11.39 -53.17
CA THR A 168 -4.28 -11.46 -54.09
C THR A 168 -4.85 -12.89 -54.11
N GLU A 169 -5.98 -13.11 -54.79
CA GLU A 169 -6.55 -14.45 -54.98
C GLU A 169 -7.00 -15.19 -53.71
N GLN A 170 -7.68 -14.49 -52.79
CA GLN A 170 -8.41 -15.09 -51.65
C GLN A 170 -9.64 -15.95 -52.02
N THR A 171 -9.90 -16.17 -53.32
CA THR A 171 -10.86 -17.13 -53.85
C THR A 171 -10.22 -18.41 -54.41
N THR A 172 -8.91 -18.63 -54.22
CA THR A 172 -8.22 -19.87 -54.63
C THR A 172 -8.50 -21.04 -53.68
N THR A 173 -8.23 -22.27 -54.14
CA THR A 173 -8.69 -23.52 -53.51
C THR A 173 -8.44 -23.68 -52.01
N PRO A 174 -7.22 -23.52 -51.49
CA PRO A 174 -6.95 -23.75 -50.07
C PRO A 174 -7.55 -22.67 -49.15
N TRP A 175 -7.72 -21.43 -49.62
CA TRP A 175 -8.41 -20.38 -48.85
C TRP A 175 -9.93 -20.61 -48.79
N ILE A 176 -10.57 -21.05 -49.88
CA ILE A 176 -11.99 -21.43 -49.87
C ILE A 176 -12.22 -22.59 -48.89
N ILE A 177 -11.34 -23.59 -48.86
CA ILE A 177 -11.42 -24.69 -47.90
C ILE A 177 -11.24 -24.24 -46.45
N PHE A 178 -10.21 -23.45 -46.14
CA PHE A 178 -9.91 -22.99 -44.79
C PHE A 178 -10.97 -22.03 -44.22
N ASN A 179 -11.40 -21.04 -44.99
CA ASN A 179 -12.46 -20.14 -44.53
C ASN A 179 -13.81 -20.72 -44.42
N VAL A 180 -14.16 -21.69 -45.25
CA VAL A 180 -15.40 -22.44 -45.03
C VAL A 180 -15.34 -23.25 -43.72
N ALA A 181 -14.29 -24.06 -43.51
CA ALA A 181 -14.15 -24.90 -42.33
C ALA A 181 -14.17 -24.08 -41.02
N SER A 182 -13.33 -23.04 -40.93
CA SER A 182 -13.30 -22.11 -39.79
C SER A 182 -14.48 -21.13 -39.73
N ASP A 183 -15.47 -21.21 -40.62
CA ASP A 183 -16.78 -20.59 -40.43
C ASP A 183 -17.75 -21.53 -39.70
N THR A 184 -17.78 -22.82 -40.03
CA THR A 184 -18.70 -23.79 -39.41
C THR A 184 -18.54 -23.88 -37.89
N VAL A 185 -17.31 -23.97 -37.36
CA VAL A 185 -17.09 -24.12 -35.91
C VAL A 185 -17.55 -22.88 -35.15
N PHE A 186 -17.28 -21.68 -35.67
CA PHE A 186 -17.76 -20.43 -35.05
C PHE A 186 -19.27 -20.21 -35.20
N LEU A 187 -19.95 -20.91 -36.11
CA LEU A 187 -21.41 -20.91 -36.22
C LEU A 187 -22.08 -21.97 -35.31
N LEU A 188 -21.46 -23.14 -35.10
CA LEU A 188 -21.88 -24.08 -34.07
C LEU A 188 -21.72 -23.46 -32.68
N ASP A 189 -20.66 -22.71 -32.45
CA ASP A 189 -20.48 -21.97 -31.20
C ASP A 189 -21.62 -20.97 -30.95
N LEU A 190 -22.09 -20.27 -31.99
CA LEU A 190 -23.27 -19.39 -31.89
C LEU A 190 -24.55 -20.16 -31.55
N ILE A 191 -24.74 -21.36 -32.10
CA ILE A 191 -25.87 -22.24 -31.77
C ILE A 191 -25.81 -22.69 -30.30
N MET A 192 -24.68 -23.20 -29.83
CA MET A 192 -24.56 -23.64 -28.44
C MET A 192 -24.66 -22.51 -27.41
N ASN A 193 -24.43 -21.25 -27.76
CA ASN A 193 -24.69 -20.14 -26.84
C ASN A 193 -26.19 -19.86 -26.63
N PHE A 194 -27.09 -20.33 -27.50
CA PHE A 194 -28.53 -20.34 -27.19
C PHE A 194 -28.94 -21.47 -26.22
N ARG A 195 -28.10 -22.49 -26.06
CA ARG A 195 -28.34 -23.59 -25.13
C ARG A 195 -27.30 -23.80 -24.02
N THR A 196 -26.63 -22.76 -23.57
CA THR A 196 -25.73 -22.76 -22.41
C THR A 196 -26.32 -21.93 -21.28
N GLY A 197 -26.36 -22.47 -20.06
CA GLY A 197 -26.83 -21.72 -18.89
C GLY A 197 -25.88 -20.59 -18.50
N THR A 198 -26.37 -19.35 -18.45
CA THR A 198 -25.56 -18.20 -18.05
C THR A 198 -25.33 -18.16 -16.53
N VAL A 199 -24.10 -17.94 -16.11
CA VAL A 199 -23.78 -17.51 -14.75
C VAL A 199 -24.32 -16.10 -14.54
N ASN A 200 -24.84 -15.80 -13.36
CA ASN A 200 -25.37 -14.47 -13.03
C ASN A 200 -24.41 -13.71 -12.10
N GLU A 201 -24.03 -12.49 -12.49
CA GLU A 201 -23.23 -11.58 -11.66
C GLU A 201 -23.93 -11.18 -10.36
N ASP A 202 -25.26 -11.21 -10.32
CA ASP A 202 -26.08 -11.04 -9.11
C ASP A 202 -26.02 -12.22 -8.12
N SER A 203 -25.12 -13.21 -8.31
CA SER A 203 -24.83 -14.35 -7.41
C SER A 203 -25.98 -15.33 -7.17
N SER A 204 -27.04 -15.31 -7.98
CA SER A 204 -28.12 -16.30 -7.91
C SER A 204 -27.67 -17.71 -8.33
N GLU A 205 -28.58 -18.68 -8.25
CA GLU A 205 -28.48 -19.90 -9.04
C GLU A 205 -28.39 -19.59 -10.54
N ILE A 206 -27.71 -20.46 -11.30
CA ILE A 206 -27.52 -20.33 -12.75
C ILE A 206 -28.88 -20.35 -13.46
N ILE A 207 -29.06 -19.49 -14.46
CA ILE A 207 -30.38 -19.23 -15.05
C ILE A 207 -31.03 -20.45 -15.72
N LEU A 208 -30.24 -21.32 -16.35
CA LEU A 208 -30.55 -22.71 -16.70
C LEU A 208 -31.95 -23.02 -17.30
N ASP A 209 -32.53 -22.12 -18.09
CA ASP A 209 -33.81 -22.31 -18.77
C ASP A 209 -33.82 -21.67 -20.17
N PRO A 210 -34.45 -22.29 -21.19
CA PRO A 210 -34.26 -21.87 -22.57
C PRO A 210 -34.89 -20.52 -22.91
N LYS A 211 -36.08 -20.23 -22.40
CA LYS A 211 -36.78 -18.96 -22.66
C LYS A 211 -36.09 -17.77 -22.01
N VAL A 212 -35.41 -17.96 -20.88
CA VAL A 212 -34.59 -16.93 -20.25
C VAL A 212 -33.26 -16.71 -20.98
N ILE A 213 -32.57 -17.79 -21.37
CA ILE A 213 -31.29 -17.73 -22.07
C ILE A 213 -31.42 -17.10 -23.46
N LYS A 214 -32.40 -17.52 -24.26
CA LYS A 214 -32.64 -16.95 -25.59
C LYS A 214 -33.00 -15.47 -25.57
N MET A 215 -33.68 -14.99 -24.52
CA MET A 215 -33.97 -13.57 -24.33
C MET A 215 -32.74 -12.79 -23.83
N ASN A 216 -31.96 -13.37 -22.92
CA ASN A 216 -30.79 -12.73 -22.34
C ASN A 216 -29.62 -12.58 -23.32
N TYR A 217 -29.44 -13.55 -24.23
CA TYR A 217 -28.36 -13.52 -25.23
C TYR A 217 -28.64 -12.53 -26.38
N LEU A 218 -29.83 -12.56 -26.96
CA LEU A 218 -30.18 -11.70 -28.10
C LEU A 218 -30.16 -10.21 -27.76
N LYS A 219 -30.36 -9.85 -26.49
CA LYS A 219 -30.25 -8.49 -25.97
C LYS A 219 -28.81 -8.03 -25.66
N SER A 220 -27.79 -8.82 -26.01
CA SER A 220 -26.39 -8.56 -25.69
C SER A 220 -25.47 -8.89 -26.88
N TRP A 221 -24.58 -9.87 -26.75
CA TRP A 221 -23.50 -10.12 -27.72
C TRP A 221 -23.93 -10.71 -29.06
N PHE A 222 -25.18 -11.14 -29.23
CA PHE A 222 -25.61 -11.83 -30.46
C PHE A 222 -25.36 -11.03 -31.74
N VAL A 223 -25.51 -9.71 -31.73
CA VAL A 223 -25.28 -8.87 -32.92
C VAL A 223 -23.84 -8.94 -33.42
N VAL A 224 -22.84 -8.92 -32.53
CA VAL A 224 -21.43 -9.12 -32.87
C VAL A 224 -21.07 -10.58 -33.16
N ASP A 225 -21.67 -11.53 -32.44
CA ASP A 225 -21.45 -12.96 -32.67
C ASP A 225 -21.97 -13.42 -34.03
N PHE A 226 -23.08 -12.87 -34.53
CA PHE A 226 -23.59 -13.24 -35.85
C PHE A 226 -22.72 -12.68 -36.98
N ILE A 227 -22.43 -11.36 -36.96
CA ILE A 227 -21.61 -10.68 -37.97
C ILE A 227 -20.23 -11.33 -38.12
N SER A 228 -19.59 -11.74 -37.03
CA SER A 228 -18.29 -12.42 -37.04
C SER A 228 -18.32 -13.88 -37.49
N SER A 229 -19.49 -14.51 -37.56
CA SER A 229 -19.63 -15.94 -37.89
C SER A 229 -19.91 -16.21 -39.37
N ILE A 230 -20.84 -15.48 -39.99
CA ILE A 230 -21.20 -15.70 -41.41
C ILE A 230 -20.14 -15.14 -42.39
N PRO A 231 -19.93 -15.77 -43.56
CA PRO A 231 -18.97 -15.32 -44.57
C PRO A 231 -19.51 -14.16 -45.42
N VAL A 232 -19.63 -12.96 -44.82
CA VAL A 232 -20.18 -11.74 -45.46
C VAL A 232 -19.53 -11.40 -46.80
N ASP A 233 -18.22 -11.59 -46.94
CA ASP A 233 -17.49 -11.32 -48.17
C ASP A 233 -17.86 -12.27 -49.30
N TYR A 234 -17.98 -13.59 -49.05
CA TYR A 234 -18.45 -14.51 -50.08
C TYR A 234 -19.95 -14.35 -50.37
N ILE A 235 -20.77 -14.00 -49.38
CA ILE A 235 -22.19 -13.70 -49.60
C ILE A 235 -22.34 -12.49 -50.54
N PHE A 236 -21.62 -11.40 -50.26
CA PHE A 236 -21.59 -10.21 -51.13
C PHE A 236 -21.07 -10.52 -52.53
N LEU A 237 -20.01 -11.32 -52.66
CA LEU A 237 -19.48 -11.77 -53.95
C LEU A 237 -20.50 -12.60 -54.75
N ILE A 238 -21.30 -13.44 -54.09
CA ILE A 238 -22.37 -14.23 -54.72
C ILE A 238 -23.53 -13.33 -55.16
N VAL A 239 -23.95 -12.38 -54.33
CA VAL A 239 -25.03 -11.43 -54.68
C VAL A 239 -24.64 -10.52 -55.85
N GLU A 240 -23.39 -10.03 -55.87
CA GLU A 240 -22.87 -9.19 -56.97
C GLU A 240 -22.53 -9.96 -58.26
N LYS A 241 -22.52 -11.30 -58.23
CA LYS A 241 -22.10 -12.14 -59.35
C LYS A 241 -23.11 -12.25 -60.51
N GLY A 242 -24.32 -11.71 -60.37
CA GLY A 242 -25.35 -11.75 -61.42
C GLY A 242 -26.64 -11.02 -61.05
N ARG A 252 -12.25 -1.56 -64.67
CA ARG A 252 -13.66 -1.55 -64.26
C ARG A 252 -13.89 -2.33 -62.97
N ALA A 253 -13.75 -3.67 -62.99
CA ALA A 253 -14.11 -4.54 -61.86
C ALA A 253 -13.19 -4.47 -60.62
N LEU A 254 -12.00 -3.84 -60.71
CA LEU A 254 -10.99 -3.86 -59.65
C LEU A 254 -11.46 -3.32 -58.29
N ARG A 255 -12.44 -2.41 -58.25
CA ARG A 255 -13.02 -1.91 -56.99
C ARG A 255 -13.71 -2.99 -56.14
N ILE A 256 -14.22 -4.07 -56.75
CA ILE A 256 -14.87 -5.17 -56.04
C ILE A 256 -13.86 -5.95 -55.19
N VAL A 257 -12.63 -6.11 -55.67
CA VAL A 257 -11.55 -6.78 -54.94
C VAL A 257 -11.12 -5.96 -53.71
N ARG A 258 -11.11 -4.63 -53.82
CA ARG A 258 -10.88 -3.75 -52.67
C ARG A 258 -12.03 -3.78 -51.66
N PHE A 259 -13.29 -3.72 -52.10
CA PHE A 259 -14.41 -3.74 -51.16
C PHE A 259 -14.57 -5.10 -50.46
N THR A 260 -14.36 -6.22 -51.15
CA THR A 260 -14.40 -7.55 -50.50
C THR A 260 -13.25 -7.76 -49.51
N LYS A 261 -12.06 -7.18 -49.73
CA LYS A 261 -11.01 -7.11 -48.70
C LYS A 261 -11.50 -6.39 -47.44
N ILE A 262 -12.09 -5.21 -47.57
CA ILE A 262 -12.62 -4.45 -46.43
C ILE A 262 -13.74 -5.20 -45.70
N LEU A 263 -14.68 -5.83 -46.41
CA LEU A 263 -15.73 -6.66 -45.80
C LEU A 263 -15.16 -7.87 -45.03
N SER A 264 -14.15 -8.55 -45.58
CA SER A 264 -13.62 -9.77 -44.96
C SER A 264 -12.99 -9.54 -43.59
N LEU A 265 -12.52 -8.33 -43.28
CA LEU A 265 -11.98 -7.96 -41.96
C LEU A 265 -13.01 -7.97 -40.82
N LEU A 266 -14.31 -8.09 -41.09
CA LEU A 266 -15.31 -8.32 -40.04
C LEU A 266 -15.01 -9.56 -39.20
N ARG A 267 -14.29 -10.56 -39.73
CA ARG A 267 -13.87 -11.74 -38.98
C ARG A 267 -12.96 -11.45 -37.79
N LEU A 268 -12.35 -10.27 -37.68
CA LEU A 268 -11.54 -9.91 -36.51
C LEU A 268 -12.38 -9.66 -35.24
N LEU A 269 -13.69 -9.46 -35.35
CA LEU A 269 -14.59 -9.30 -34.20
C LEU A 269 -14.69 -10.55 -33.32
N ARG A 270 -14.00 -11.61 -33.74
CA ARG A 270 -13.93 -12.83 -32.95
C ARG A 270 -13.20 -12.51 -31.63
N LEU A 271 -12.30 -11.52 -31.65
CA LEU A 271 -11.60 -11.08 -30.45
C LEU A 271 -12.53 -10.87 -29.25
N SER A 272 -13.80 -10.53 -29.47
CA SER A 272 -14.78 -10.44 -28.38
C SER A 272 -15.02 -11.80 -27.72
N ARG A 273 -15.13 -12.88 -28.50
CA ARG A 273 -15.22 -14.24 -27.97
C ARG A 273 -13.93 -14.66 -27.29
N LEU A 274 -12.76 -14.34 -27.82
CA LEU A 274 -11.50 -14.64 -27.14
C LEU A 274 -11.42 -13.99 -25.76
N ILE A 275 -11.83 -12.72 -25.62
CA ILE A 275 -11.88 -12.04 -24.32
C ILE A 275 -12.94 -12.64 -23.38
N ARG A 276 -14.17 -12.88 -23.85
CA ARG A 276 -15.24 -13.49 -23.05
C ARG A 276 -14.87 -14.89 -22.57
N TYR A 277 -14.33 -15.75 -23.43
CA TYR A 277 -14.02 -17.13 -23.06
C TYR A 277 -12.81 -17.22 -22.15
N ILE A 278 -11.77 -16.40 -22.34
CA ILE A 278 -10.65 -16.37 -21.38
C ILE A 278 -11.13 -15.93 -19.99
N HIS A 279 -11.86 -14.83 -19.84
CA HIS A 279 -12.23 -14.34 -18.50
C HIS A 279 -13.13 -15.29 -17.72
N GLN A 280 -13.89 -16.18 -18.35
CA GLN A 280 -14.63 -17.24 -17.66
C GLN A 280 -13.75 -18.47 -17.35
N TRP A 281 -13.04 -18.99 -18.35
CA TRP A 281 -12.15 -20.14 -18.22
C TRP A 281 -11.02 -19.90 -17.21
N GLU A 282 -10.47 -18.68 -17.17
CA GLU A 282 -9.44 -18.27 -16.22
C GLU A 282 -9.91 -18.37 -14.77
N GLU A 283 -11.13 -17.93 -14.44
CA GLU A 283 -11.62 -17.99 -13.05
C GLU A 283 -11.72 -19.41 -12.51
N ILE A 284 -12.02 -20.42 -13.34
CA ILE A 284 -12.04 -21.81 -12.90
C ILE A 284 -10.63 -22.27 -12.52
N PHE A 285 -9.63 -22.01 -13.36
CA PHE A 285 -8.24 -22.34 -13.06
C PHE A 285 -7.70 -21.51 -11.88
N HIS A 286 -8.01 -20.22 -11.81
CA HIS A 286 -7.55 -19.33 -10.75
C HIS A 286 -8.20 -19.64 -9.38
N MET A 287 -9.42 -20.18 -9.36
CA MET A 287 -10.07 -20.71 -8.14
C MET A 287 -9.48 -22.05 -7.70
N THR A 288 -9.15 -22.95 -8.64
CA THR A 288 -8.66 -24.30 -8.32
C THR A 288 -7.15 -24.36 -8.04
N TYR A 289 -6.31 -23.65 -8.77
CA TYR A 289 -4.84 -23.83 -8.74
C TYR A 289 -4.05 -22.68 -8.09
N ASP A 290 -4.71 -21.60 -7.68
CA ASP A 290 -4.16 -20.53 -6.83
C ASP A 290 -2.92 -19.75 -7.35
N LEU A 291 -2.71 -19.63 -8.67
CA LEU A 291 -1.66 -18.75 -9.22
C LEU A 291 -1.99 -17.27 -9.00
N ALA A 292 -0.98 -16.46 -8.65
CA ALA A 292 -1.15 -15.08 -8.20
C ALA A 292 -1.70 -14.11 -9.26
N SER A 293 -2.42 -13.08 -8.81
CA SER A 293 -3.14 -12.12 -9.68
C SER A 293 -2.26 -11.51 -10.77
N ALA A 294 -1.14 -10.88 -10.40
CA ALA A 294 -0.31 -10.16 -11.36
C ALA A 294 0.33 -11.06 -12.41
N VAL A 295 0.63 -12.33 -12.08
CA VAL A 295 1.20 -13.29 -13.04
C VAL A 295 0.22 -13.56 -14.17
N VAL A 296 -1.03 -13.86 -13.81
CA VAL A 296 -2.09 -14.16 -14.77
C VAL A 296 -2.41 -12.94 -15.63
N ARG A 297 -2.52 -11.77 -15.02
CA ARG A 297 -2.78 -10.50 -15.72
C ARG A 297 -1.67 -10.12 -16.70
N ILE A 298 -0.39 -10.35 -16.37
CA ILE A 298 0.72 -10.12 -17.31
C ILE A 298 0.67 -11.08 -18.50
N PHE A 299 0.44 -12.37 -18.28
CA PHE A 299 0.38 -13.31 -19.41
C PHE A 299 -0.82 -13.09 -20.33
N ASN A 300 -1.91 -12.48 -19.85
CA ASN A 300 -2.96 -11.94 -20.73
C ASN A 300 -2.48 -10.72 -21.52
N LEU A 301 -1.85 -9.73 -20.88
CA LEU A 301 -1.42 -8.49 -21.55
C LEU A 301 -0.32 -8.72 -22.60
N ILE A 302 0.63 -9.63 -22.38
CA ILE A 302 1.65 -9.96 -23.39
C ILE A 302 1.00 -10.51 -24.66
N GLY A 303 -0.09 -11.27 -24.55
CA GLY A 303 -0.86 -11.73 -25.70
C GLY A 303 -1.49 -10.58 -26.48
N MET A 304 -2.04 -9.57 -25.79
CA MET A 304 -2.60 -8.40 -26.46
C MET A 304 -1.55 -7.51 -27.13
N LEU A 305 -0.39 -7.29 -26.51
CA LEU A 305 0.70 -6.51 -27.11
C LEU A 305 1.15 -7.09 -28.45
N LEU A 306 1.44 -8.38 -28.50
CA LEU A 306 1.85 -9.05 -29.73
C LEU A 306 0.74 -9.04 -30.79
N LEU A 307 -0.53 -9.17 -30.39
CA LEU A 307 -1.64 -9.18 -31.34
C LEU A 307 -1.89 -7.80 -31.94
N LEU A 308 -1.94 -6.73 -31.13
CA LEU A 308 -2.12 -5.37 -31.64
C LEU A 308 -0.98 -4.97 -32.56
N CYS A 309 0.24 -5.32 -32.17
CA CYS A 309 1.45 -5.11 -32.97
C CYS A 309 1.41 -5.85 -34.32
N HIS A 310 0.96 -7.11 -34.35
CA HIS A 310 0.75 -7.86 -35.57
C HIS A 310 -0.32 -7.23 -36.48
N TRP A 311 -1.46 -6.81 -35.93
CA TRP A 311 -2.52 -6.16 -36.71
C TRP A 311 -2.11 -4.79 -37.26
N ASP A 312 -1.41 -3.99 -36.47
CA ASP A 312 -0.83 -2.72 -36.92
C ASP A 312 0.16 -2.95 -38.07
N GLY A 313 1.05 -3.94 -37.94
CA GLY A 313 1.94 -4.38 -39.01
C GLY A 313 1.26 -4.86 -40.28
N CYS A 314 -0.04 -5.16 -40.25
CA CYS A 314 -0.83 -5.39 -41.46
C CYS A 314 -1.50 -4.11 -41.95
N LEU A 315 -2.09 -3.31 -41.06
CA LEU A 315 -2.74 -2.05 -41.38
C LEU A 315 -1.81 -1.09 -42.13
N GLN A 316 -0.54 -1.04 -41.73
CA GLN A 316 0.49 -0.17 -42.30
C GLN A 316 0.80 -0.48 -43.76
N PHE A 317 0.41 -1.67 -44.26
CA PHE A 317 0.55 -2.07 -45.65
C PHE A 317 -0.80 -2.10 -46.37
N LEU A 318 -1.88 -2.46 -45.67
CA LEU A 318 -3.21 -2.51 -46.24
C LEU A 318 -3.67 -1.16 -46.81
N VAL A 319 -3.45 -0.04 -46.12
CA VAL A 319 -3.89 1.27 -46.64
C VAL A 319 -3.18 1.65 -47.95
N PRO A 320 -1.84 1.53 -48.08
CA PRO A 320 -1.17 1.59 -49.37
C PRO A 320 -1.76 0.67 -50.44
N LEU A 321 -2.11 -0.57 -50.11
CA LEU A 321 -2.69 -1.49 -51.09
C LEU A 321 -4.07 -1.03 -51.57
N LEU A 322 -4.96 -0.63 -50.68
CA LEU A 322 -6.29 -0.12 -51.05
C LEU A 322 -6.21 1.21 -51.83
N GLN A 323 -5.13 1.97 -51.69
CA GLN A 323 -4.84 3.15 -52.51
C GLN A 323 -4.08 2.82 -53.81
N ASP A 324 -3.79 1.55 -54.09
CA ASP A 324 -2.98 1.13 -55.24
C ASP A 324 -1.55 1.70 -55.29
N PHE A 325 -0.86 1.72 -54.16
CA PHE A 325 0.57 2.07 -54.02
C PHE A 325 0.95 3.42 -54.63
N PRO A 326 0.46 4.54 -54.08
CA PRO A 326 0.73 5.86 -54.62
C PRO A 326 2.21 6.25 -54.48
N PRO A 327 2.81 7.00 -55.42
CA PRO A 327 4.25 7.31 -55.45
C PRO A 327 4.86 7.94 -54.22
N ASP A 328 4.07 8.58 -53.36
CA ASP A 328 4.55 9.18 -52.12
C ASP A 328 4.64 8.24 -50.91
N CYS A 329 4.05 7.04 -50.92
CA CYS A 329 3.96 6.18 -49.74
C CYS A 329 5.24 5.36 -49.48
N TRP A 330 5.38 4.84 -48.26
CA TRP A 330 6.61 4.15 -47.85
C TRP A 330 6.99 2.94 -48.70
N VAL A 331 6.02 2.21 -49.25
CA VAL A 331 6.28 1.02 -50.06
C VAL A 331 6.94 1.39 -51.38
N SER A 332 6.49 2.47 -52.00
CA SER A 332 7.02 2.92 -53.30
C SER A 332 8.38 3.63 -53.16
N LEU A 333 8.55 4.48 -52.13
CA LEU A 333 9.84 5.11 -51.82
C LEU A 333 10.93 4.07 -51.49
N ASN A 334 10.61 2.99 -50.78
CA ASN A 334 11.55 1.89 -50.53
C ASN A 334 11.66 0.90 -51.70
N GLU A 335 10.97 1.15 -52.82
CA GLU A 335 11.04 0.35 -54.03
C GLU A 335 10.80 -1.15 -53.84
N MET A 336 9.89 -1.54 -52.94
CA MET A 336 9.62 -2.95 -52.59
C MET A 336 8.21 -3.43 -52.92
N VAL A 337 7.60 -2.92 -54.00
CA VAL A 337 6.29 -3.39 -54.48
C VAL A 337 6.30 -4.85 -54.93
N ASN A 338 7.39 -5.34 -55.52
CA ASN A 338 7.49 -6.69 -56.11
C ASN A 338 8.31 -7.71 -55.29
N ASP A 339 8.82 -7.35 -54.12
CA ASP A 339 9.53 -8.28 -53.23
C ASP A 339 8.61 -9.40 -52.70
N SER A 340 9.17 -10.52 -52.25
CA SER A 340 8.37 -11.65 -51.74
C SER A 340 7.58 -11.28 -50.49
N TRP A 341 6.47 -11.98 -50.20
CA TRP A 341 5.56 -11.55 -49.13
C TRP A 341 6.23 -11.54 -47.75
N GLY A 342 7.16 -12.46 -47.50
CA GLY A 342 7.91 -12.51 -46.24
C GLY A 342 8.81 -11.30 -46.03
N LYS A 343 9.42 -10.74 -47.08
CA LYS A 343 10.20 -9.50 -47.02
C LYS A 343 9.32 -8.31 -46.67
N GLN A 344 8.18 -8.17 -47.33
CA GLN A 344 7.21 -7.09 -47.08
C GLN A 344 6.63 -7.16 -45.66
N TYR A 345 6.22 -8.34 -45.20
CA TYR A 345 5.67 -8.53 -43.86
C TYR A 345 6.72 -8.27 -42.76
N SER A 346 7.96 -8.75 -42.93
CA SER A 346 9.00 -8.53 -41.92
C SER A 346 9.29 -7.04 -41.77
N TYR A 347 9.30 -6.30 -42.88
CA TYR A 347 9.51 -4.86 -42.83
C TYR A 347 8.32 -4.12 -42.21
N ALA A 348 7.07 -4.46 -42.57
CA ALA A 348 5.90 -3.78 -42.03
C ALA A 348 5.70 -4.05 -40.54
N LEU A 349 6.04 -5.24 -40.04
CA LEU A 349 6.04 -5.52 -38.60
C LEU A 349 7.14 -4.77 -37.86
N PHE A 350 8.35 -4.68 -38.42
CA PHE A 350 9.42 -3.86 -37.84
C PHE A 350 8.99 -2.40 -37.71
N LYS A 351 8.39 -1.82 -38.75
CA LYS A 351 7.84 -0.46 -38.70
C LYS A 351 6.78 -0.33 -37.61
N ALA A 352 5.84 -1.26 -37.51
CA ALA A 352 4.78 -1.21 -36.52
C ALA A 352 5.30 -1.26 -35.07
N MET A 353 6.21 -2.17 -34.74
CA MET A 353 6.73 -2.25 -33.37
C MET A 353 7.79 -1.20 -33.03
N SER A 354 8.43 -0.60 -34.03
CA SER A 354 9.26 0.58 -33.82
C SER A 354 8.45 1.75 -33.24
N HIS A 355 7.22 1.97 -33.73
CA HIS A 355 6.30 2.95 -33.15
C HIS A 355 5.87 2.61 -31.74
N MET A 356 5.51 1.35 -31.48
CA MET A 356 5.05 0.92 -30.15
C MET A 356 6.10 1.09 -29.05
N LEU A 357 7.35 0.70 -29.31
CA LEU A 357 8.46 0.82 -28.37
C LEU A 357 9.19 2.17 -28.48
N CYS A 358 8.65 3.11 -29.25
CA CYS A 358 9.14 4.48 -29.42
C CYS A 358 10.58 4.62 -29.96
N ILE A 359 10.99 3.83 -30.91
CA ILE A 359 12.35 3.95 -31.38
C ILE A 359 12.56 4.89 -32.51
N GLY A 360 11.79 4.81 -33.55
CA GLY A 360 11.93 5.67 -34.69
C GLY A 360 10.76 5.38 -35.61
N TYR A 361 10.88 5.54 -36.91
CA TYR A 361 9.81 5.16 -37.80
C TYR A 361 10.32 4.43 -39.00
N GLY A 362 11.35 3.63 -38.89
CA GLY A 362 11.85 2.94 -40.05
C GLY A 362 12.76 3.85 -40.80
N ALA A 363 12.81 3.73 -42.10
CA ALA A 363 13.75 4.40 -42.93
C ALA A 363 13.75 5.90 -42.76
N GLN A 364 12.61 6.53 -42.92
CA GLN A 364 12.49 7.99 -42.80
C GLN A 364 11.13 8.36 -42.33
N ALA A 365 10.92 9.61 -42.01
CA ALA A 365 9.67 10.15 -41.52
C ALA A 365 8.65 10.18 -42.59
N PRO A 366 7.35 10.07 -42.29
CA PRO A 366 6.27 10.03 -43.27
C PRO A 366 6.28 11.22 -44.25
N VAL A 367 5.77 10.99 -45.46
CA VAL A 367 5.80 11.95 -46.58
C VAL A 367 4.40 12.30 -47.11
N SER A 368 3.38 11.50 -46.87
CA SER A 368 2.03 11.70 -47.41
C SER A 368 0.96 11.79 -46.32
N MET A 369 -0.25 12.18 -46.68
CA MET A 369 -1.32 12.35 -45.71
C MET A 369 -1.79 11.05 -45.06
N SER A 370 -1.92 9.99 -45.80
CA SER A 370 -2.33 8.77 -45.20
C SER A 370 -1.30 8.32 -44.24
N ASP A 371 -0.03 8.29 -44.63
CA ASP A 371 1.05 7.82 -43.77
C ASP A 371 1.20 8.60 -42.48
N LEU A 372 0.93 9.90 -42.54
CA LEU A 372 1.06 10.71 -41.39
C LEU A 372 0.05 10.39 -40.40
N TRP A 373 -1.19 10.16 -40.77
CA TRP A 373 -2.26 9.87 -39.84
C TRP A 373 -2.30 8.41 -39.36
N ILE A 374 -1.90 7.42 -40.18
CA ILE A 374 -1.66 6.05 -39.71
C ILE A 374 -0.52 6.01 -38.69
N THR A 375 0.58 6.74 -38.92
CA THR A 375 1.72 6.77 -38.00
C THR A 375 1.33 7.32 -36.64
N MET A 376 0.63 8.45 -36.59
CA MET A 376 0.19 9.01 -35.32
C MET A 376 -0.78 8.12 -34.56
N LEU A 377 -1.74 7.48 -35.25
CA LEU A 377 -2.64 6.53 -34.62
C LEU A 377 -1.86 5.34 -34.02
N SER A 378 -0.87 4.83 -34.74
CA SER A 378 0.01 3.76 -34.27
C SER A 378 0.87 4.19 -33.08
N MET A 379 1.46 5.40 -33.10
CA MET A 379 2.18 5.97 -31.96
C MET A 379 1.31 6.09 -30.71
N ILE A 380 0.09 6.60 -30.81
CA ILE A 380 -0.81 6.77 -29.66
C ILE A 380 -1.26 5.43 -29.08
N VAL A 381 -1.69 4.49 -29.93
CA VAL A 381 -2.06 3.13 -29.48
C VAL A 381 -0.87 2.40 -28.89
N GLY A 382 0.32 2.54 -29.47
CA GLY A 382 1.54 1.94 -28.95
C GLY A 382 1.99 2.51 -27.61
N ALA A 383 2.17 3.82 -27.51
CA ALA A 383 2.68 4.46 -26.30
C ALA A 383 1.71 4.36 -25.10
N THR A 384 0.40 4.38 -25.32
CA THR A 384 -0.58 4.13 -24.25
C THR A 384 -0.66 2.66 -23.86
N CYS A 385 -0.38 1.73 -24.76
CA CYS A 385 -0.34 0.29 -24.44
C CYS A 385 0.94 -0.12 -23.69
N TYR A 386 2.11 0.44 -24.01
CA TYR A 386 3.35 0.17 -23.27
C TYR A 386 3.33 0.75 -21.84
N ALA A 387 2.67 1.89 -21.61
CA ALA A 387 2.43 2.41 -20.26
C ALA A 387 1.62 1.45 -19.37
N MET A 388 0.66 0.70 -19.91
CA MET A 388 -0.08 -0.33 -19.18
C MET A 388 0.80 -1.53 -18.83
N PHE A 389 1.79 -1.86 -19.67
CA PHE A 389 2.78 -2.88 -19.35
C PHE A 389 3.68 -2.47 -18.20
N VAL A 390 4.20 -1.24 -18.18
CA VAL A 390 4.96 -0.71 -17.04
C VAL A 390 4.13 -0.71 -15.76
N GLY A 391 2.83 -0.42 -15.86
CA GLY A 391 1.90 -0.55 -14.75
C GLY A 391 1.82 -1.98 -14.20
N HIS A 392 1.56 -2.98 -15.04
CA HIS A 392 1.50 -4.36 -14.58
C HIS A 392 2.84 -4.91 -14.11
N ALA A 393 3.95 -4.54 -14.72
CA ALA A 393 5.28 -4.90 -14.23
C ALA A 393 5.52 -4.35 -12.81
N THR A 394 5.06 -3.13 -12.52
CA THR A 394 5.14 -2.55 -11.18
C THR A 394 4.24 -3.28 -10.19
N ALA A 395 3.02 -3.62 -10.57
CA ALA A 395 2.11 -4.41 -9.75
C ALA A 395 2.64 -5.83 -9.47
N LEU A 396 3.33 -6.48 -10.42
CA LEU A 396 3.95 -7.78 -10.18
C LEU A 396 5.06 -7.65 -9.13
N ILE A 397 6.04 -6.78 -9.36
CA ILE A 397 7.22 -6.65 -8.51
C ILE A 397 6.84 -6.33 -7.05
N GLN A 398 5.91 -5.41 -6.82
CA GLN A 398 5.44 -5.09 -5.47
C GLN A 398 4.62 -6.21 -4.79
N SER A 399 4.13 -7.21 -5.51
CA SER A 399 3.45 -8.34 -4.87
C SER A 399 4.43 -9.42 -4.39
N LEU A 400 5.64 -9.48 -4.96
CA LEU A 400 6.59 -10.56 -4.68
C LEU A 400 7.36 -10.38 -3.37
N ASP A 401 7.72 -9.15 -2.99
CA ASP A 401 8.47 -8.90 -1.76
C ASP A 401 7.59 -8.57 -0.54
N SER A 402 6.29 -8.86 -0.60
CA SER A 402 5.29 -8.53 0.41
C SER A 402 5.72 -8.85 1.84
N SER A 403 6.16 -10.08 2.11
CA SER A 403 6.53 -10.49 3.46
C SER A 403 7.79 -9.77 3.96
N ARG A 404 8.85 -9.66 3.15
CA ARG A 404 10.06 -8.91 3.51
C ARG A 404 9.77 -7.44 3.71
N ARG A 405 8.86 -6.92 2.94
CA ARG A 405 8.61 -5.57 3.06
C ARG A 405 7.88 -5.26 4.26
N GLN A 406 6.85 -5.99 4.55
CA GLN A 406 6.09 -5.80 5.77
C GLN A 406 6.93 -6.01 7.04
N TYR A 407 7.87 -6.95 7.08
CA TYR A 407 8.79 -7.04 8.20
C TYR A 407 9.65 -5.78 8.37
N GLN A 408 10.23 -5.27 7.28
CA GLN A 408 10.97 -4.01 7.35
C GLN A 408 10.08 -2.84 7.81
N GLU A 409 8.88 -2.71 7.26
CA GLU A 409 7.96 -1.64 7.60
C GLU A 409 7.47 -1.71 9.05
N LYS A 410 7.31 -2.92 9.60
CA LYS A 410 7.09 -3.15 11.03
C LYS A 410 8.29 -2.72 11.85
N TYR A 411 9.48 -3.22 11.55
CA TYR A 411 10.63 -2.98 12.42
C TYR A 411 11.11 -1.53 12.39
N LYS A 412 10.99 -0.83 11.26
CA LYS A 412 11.25 0.61 11.15
C LYS A 412 10.41 1.42 12.14
N GLN A 413 9.20 0.97 12.44
CA GLN A 413 8.30 1.60 13.40
C GLN A 413 8.77 1.45 14.86
N VAL A 414 9.55 0.43 15.20
CA VAL A 414 10.17 0.28 16.51
C VAL A 414 11.26 1.33 16.71
N GLU A 415 12.04 1.66 15.67
CA GLU A 415 13.04 2.73 15.75
C GLU A 415 12.39 4.13 15.94
N GLN A 416 11.19 4.36 15.42
CA GLN A 416 10.43 5.57 15.74
C GLN A 416 10.14 5.68 17.23
N TYR A 417 9.80 4.57 17.88
CA TYR A 417 9.55 4.51 19.33
C TYR A 417 10.83 4.67 20.15
N MET A 418 11.89 3.92 19.83
CA MET A 418 13.17 4.01 20.54
C MET A 418 13.81 5.40 20.44
N SER A 419 13.68 6.08 19.29
CA SER A 419 14.20 7.44 19.13
C SER A 419 13.32 8.50 19.77
N PHE A 420 11.99 8.37 19.79
CA PHE A 420 11.11 9.30 20.50
C PHE A 420 11.41 9.33 22.01
N HIS A 421 11.68 8.18 22.62
CA HIS A 421 12.13 8.06 24.02
C HIS A 421 13.64 8.26 24.22
N LYS A 422 14.41 8.51 23.15
CA LYS A 422 15.85 8.79 23.19
C LYS A 422 16.66 7.70 23.92
N LEU A 423 16.38 6.42 23.66
CA LEU A 423 17.00 5.31 24.41
C LEU A 423 18.53 5.19 24.13
N PRO A 424 19.34 4.77 25.12
CA PRO A 424 20.76 4.48 24.98
C PRO A 424 21.08 3.40 23.93
N ALA A 425 22.28 3.46 23.36
CA ALA A 425 22.68 2.63 22.22
C ALA A 425 22.90 1.14 22.55
N ASP A 426 23.26 0.79 23.78
CA ASP A 426 23.33 -0.61 24.21
C ASP A 426 21.94 -1.20 24.45
N MET A 427 20.99 -0.41 24.95
CA MET A 427 19.61 -0.86 25.11
C MET A 427 18.91 -1.07 23.77
N ARG A 428 19.26 -0.25 22.78
CA ARG A 428 18.73 -0.45 21.44
C ARG A 428 19.16 -1.83 20.91
N GLN A 429 20.41 -2.21 21.20
CA GLN A 429 20.93 -3.51 20.77
C GLN A 429 20.18 -4.67 21.41
N LYS A 430 19.83 -4.62 22.71
CA LYS A 430 19.01 -5.67 23.33
C LYS A 430 17.65 -5.80 22.65
N ILE A 431 17.02 -4.67 22.31
CA ILE A 431 15.72 -4.65 21.64
C ILE A 431 15.83 -5.20 20.21
N HIS A 432 16.86 -4.81 19.46
CA HIS A 432 17.08 -5.32 18.11
C HIS A 432 17.32 -6.83 18.12
N ASP A 433 18.18 -7.31 19.02
CA ASP A 433 18.50 -8.72 19.17
C ASP A 433 17.31 -9.57 19.59
N TYR A 434 16.47 -9.10 20.53
CA TYR A 434 15.25 -9.79 20.90
C TYR A 434 14.32 -10.00 19.71
N TYR A 435 14.14 -9.00 18.85
CA TYR A 435 13.31 -9.16 17.66
C TYR A 435 13.83 -10.22 16.69
N GLU A 436 15.14 -10.45 16.61
CA GLU A 436 15.67 -11.55 15.79
C GLU A 436 15.37 -12.92 16.42
N HIS A 437 15.53 -13.08 17.73
CA HIS A 437 15.24 -14.35 18.41
C HIS A 437 13.75 -14.66 18.58
N ARG A 438 12.85 -13.71 18.51
CA ARG A 438 11.49 -14.07 18.69
C ARG A 438 10.75 -14.29 17.47
N TYR A 439 11.08 -13.63 16.40
CA TYR A 439 10.35 -13.74 15.13
C TYR A 439 11.17 -14.32 13.96
N GLN A 440 12.49 -14.42 14.08
CA GLN A 440 13.37 -14.99 13.04
C GLN A 440 13.15 -14.38 11.65
N GLY A 441 12.85 -13.09 11.59
CA GLY A 441 12.64 -12.34 10.35
C GLY A 441 11.31 -12.60 9.62
N LYS A 442 10.37 -13.31 10.24
CA LYS A 442 9.04 -13.64 9.67
C LYS A 442 7.96 -12.80 10.33
N ILE A 443 7.02 -12.27 9.54
CA ILE A 443 5.91 -11.45 10.05
C ILE A 443 4.57 -12.18 9.98
N PHE A 444 3.87 -12.22 11.12
CA PHE A 444 2.55 -12.80 11.34
C PHE A 444 2.00 -12.29 12.68
N ASP A 445 0.73 -12.55 12.98
CA ASP A 445 0.15 -12.32 14.32
C ASP A 445 -0.54 -13.61 14.81
N GLU A 446 0.15 -14.36 15.69
CA GLU A 446 -0.26 -15.70 16.10
C GLU A 446 -1.66 -15.71 16.72
N GLU A 447 -1.97 -14.72 17.55
CA GLU A 447 -3.27 -14.59 18.21
C GLU A 447 -4.40 -14.22 17.24
N ASN A 448 -4.10 -13.71 16.05
CA ASN A 448 -5.09 -13.46 15.02
C ASN A 448 -5.29 -14.68 14.12
N ILE A 449 -4.22 -15.37 13.70
CA ILE A 449 -4.32 -16.57 12.87
C ILE A 449 -5.01 -17.72 13.61
N LEU A 450 -4.58 -18.03 14.85
CA LEU A 450 -5.15 -19.15 15.62
C LEU A 450 -6.65 -18.99 15.90
N ASN A 451 -7.14 -17.75 15.91
CA ASN A 451 -8.53 -17.40 16.18
C ASN A 451 -9.46 -17.63 14.98
N GLU A 452 -8.94 -17.70 13.75
CA GLU A 452 -9.75 -17.99 12.55
C GLU A 452 -9.97 -19.48 12.31
N LEU A 453 -9.05 -20.33 12.77
CA LEU A 453 -9.16 -21.78 12.69
C LEU A 453 -10.24 -22.29 13.68
N ASN A 454 -10.90 -23.39 13.35
CA ASN A 454 -11.84 -24.06 14.24
C ASN A 454 -11.13 -24.75 15.42
N ASP A 455 -11.90 -25.28 16.36
CA ASP A 455 -11.37 -26.00 17.52
C ASP A 455 -10.46 -27.19 17.18
N PRO A 456 -10.86 -28.16 16.33
CA PRO A 456 -10.04 -29.34 16.08
C PRO A 456 -8.76 -29.11 15.27
N LEU A 457 -8.62 -28.04 14.46
CA LEU A 457 -7.31 -27.68 13.91
C LEU A 457 -6.41 -27.05 14.98
N ARG A 458 -6.95 -26.13 15.77
CA ARG A 458 -6.21 -25.44 16.84
C ARG A 458 -5.69 -26.40 17.90
N GLU A 459 -6.45 -27.45 18.19
CA GLU A 459 -6.06 -28.56 19.06
C GLU A 459 -4.90 -29.39 18.50
N GLU A 460 -4.83 -29.58 17.18
CA GLU A 460 -3.79 -30.38 16.52
C GLU A 460 -2.47 -29.61 16.42
N ILE A 461 -2.51 -28.35 15.98
CA ILE A 461 -1.33 -27.47 15.90
C ILE A 461 -0.70 -27.28 17.29
N VAL A 462 -1.52 -27.01 18.31
CA VAL A 462 -1.05 -26.84 19.69
C VAL A 462 -0.54 -28.12 20.34
N ASN A 463 -0.83 -29.31 19.81
CA ASN A 463 -0.13 -30.54 20.20
C ASN A 463 1.24 -30.65 19.52
N PHE A 464 1.32 -30.41 18.21
CA PHE A 464 2.56 -30.59 17.46
C PHE A 464 3.70 -29.70 17.96
N ASN A 465 3.41 -28.47 18.39
CA ASN A 465 4.41 -27.58 18.98
C ASN A 465 4.99 -28.05 20.31
N CYS A 466 4.36 -28.99 20.99
CA CYS A 466 4.64 -29.36 22.38
C CYS A 466 4.91 -30.84 22.62
N ARG A 467 5.03 -31.70 21.58
CA ARG A 467 5.27 -33.15 21.79
C ARG A 467 6.53 -33.44 22.61
N LYS A 468 7.54 -32.56 22.55
CA LYS A 468 8.72 -32.61 23.40
C LYS A 468 8.41 -32.51 24.89
N LEU A 469 7.49 -31.63 25.31
CA LEU A 469 7.06 -31.55 26.71
C LEU A 469 6.23 -32.77 27.10
N VAL A 470 5.27 -33.15 26.27
CA VAL A 470 4.32 -34.24 26.56
C VAL A 470 5.02 -35.59 26.73
N ALA A 471 6.11 -35.83 25.99
CA ALA A 471 6.95 -37.01 26.18
C ALA A 471 7.94 -36.87 27.36
N THR A 472 8.65 -35.75 27.46
CA THR A 472 9.76 -35.61 28.41
C THR A 472 9.33 -35.35 29.87
N MET A 473 8.17 -34.73 30.11
CA MET A 473 7.79 -34.27 31.45
C MET A 473 6.78 -35.23 32.11
N PRO A 474 6.96 -35.59 33.39
CA PRO A 474 6.30 -36.76 33.96
C PRO A 474 4.83 -36.56 34.31
N LEU A 475 4.38 -35.33 34.56
CA LEU A 475 3.01 -35.07 35.01
C LEU A 475 1.98 -35.16 33.88
N PHE A 476 2.35 -34.74 32.66
CA PHE A 476 1.51 -34.91 31.47
C PHE A 476 1.54 -36.36 30.95
N ALA A 477 2.68 -37.04 31.04
CA ALA A 477 2.92 -38.33 30.36
C ALA A 477 1.97 -39.48 30.77
N ASN A 478 1.28 -39.38 31.91
CA ASN A 478 0.33 -40.38 32.39
C ASN A 478 -1.09 -39.82 32.65
N ALA A 479 -1.35 -38.56 32.34
CA ALA A 479 -2.66 -37.93 32.52
C ALA A 479 -3.68 -38.32 31.43
N ASP A 480 -4.97 -38.09 31.69
CA ASP A 480 -6.02 -38.24 30.68
C ASP A 480 -5.84 -37.21 29.55
N PRO A 481 -5.86 -37.58 28.26
CA PRO A 481 -5.64 -36.66 27.14
C PRO A 481 -6.58 -35.45 27.08
N ASN A 482 -7.79 -35.53 27.65
CA ASN A 482 -8.69 -34.39 27.78
C ASN A 482 -8.22 -33.35 28.83
N PHE A 483 -7.36 -33.71 29.79
CA PHE A 483 -6.65 -32.75 30.64
C PHE A 483 -5.45 -32.14 29.92
N VAL A 484 -4.61 -32.92 29.25
CA VAL A 484 -3.41 -32.38 28.58
C VAL A 484 -3.79 -31.36 27.52
N THR A 485 -4.79 -31.64 26.70
CA THR A 485 -5.33 -30.67 25.73
C THR A 485 -6.03 -29.47 26.39
N ALA A 486 -6.50 -29.57 27.63
CA ALA A 486 -7.04 -28.43 28.36
C ALA A 486 -5.94 -27.48 28.86
N MET A 487 -4.72 -27.95 29.16
CA MET A 487 -3.59 -27.05 29.44
C MET A 487 -2.94 -26.50 28.18
N LEU A 488 -2.55 -27.35 27.24
CA LEU A 488 -1.76 -26.91 26.08
C LEU A 488 -2.49 -25.85 25.24
N SER A 489 -3.82 -25.86 25.21
CA SER A 489 -4.61 -24.84 24.51
C SER A 489 -4.59 -23.45 25.17
N LYS A 490 -4.06 -23.32 26.39
CA LYS A 490 -3.99 -22.05 27.15
C LYS A 490 -2.57 -21.54 27.43
N LEU A 491 -1.53 -22.27 27.03
CA LEU A 491 -0.15 -21.79 27.10
C LEU A 491 0.11 -20.62 26.12
N ARG A 492 0.99 -19.69 26.49
CA ARG A 492 1.49 -18.60 25.65
C ARG A 492 3.01 -18.68 25.53
N PHE A 493 3.58 -18.23 24.42
CA PHE A 493 5.00 -18.44 24.09
C PHE A 493 5.85 -17.20 24.36
N GLU A 494 7.00 -17.35 25.03
CA GLU A 494 7.89 -16.26 25.44
C GLU A 494 9.37 -16.62 25.27
N VAL A 495 10.23 -15.61 25.10
CA VAL A 495 11.68 -15.77 24.87
C VAL A 495 12.47 -14.87 25.81
N PHE A 496 13.58 -15.36 26.36
CA PHE A 496 14.44 -14.61 27.29
C PHE A 496 15.91 -14.67 26.87
N GLN A 497 16.59 -13.54 26.96
CA GLN A 497 18.01 -13.38 26.65
C GLN A 497 18.89 -13.75 27.85
N PRO A 498 20.14 -14.20 27.66
CA PRO A 498 20.99 -14.66 28.74
C PRO A 498 21.32 -13.53 29.71
N GLY A 499 21.23 -13.82 31.01
CA GLY A 499 21.44 -12.86 32.10
C GLY A 499 20.16 -12.19 32.62
N ASP A 500 19.04 -12.23 31.90
CA ASP A 500 17.76 -11.68 32.37
C ASP A 500 17.14 -12.54 33.49
N TYR A 501 16.58 -11.89 34.51
CA TYR A 501 15.78 -12.54 35.54
C TYR A 501 14.35 -12.75 35.04
N ILE A 502 13.84 -13.98 35.14
CA ILE A 502 12.44 -14.32 34.87
C ILE A 502 11.61 -14.11 36.14
N ILE A 503 12.18 -14.44 37.30
CA ILE A 503 11.57 -14.36 38.63
C ILE A 503 12.51 -13.66 39.61
N ARG A 504 11.99 -12.83 40.51
CA ARG A 504 12.73 -12.27 41.65
C ARG A 504 12.05 -12.64 42.97
N GLU A 505 12.78 -12.87 44.06
CA GLU A 505 12.18 -13.27 45.32
C GLU A 505 11.44 -12.17 45.99
N GLY A 506 10.28 -12.44 46.49
CA GLY A 506 9.59 -11.41 47.20
C GLY A 506 8.70 -10.52 46.41
N ALA A 507 8.18 -11.06 45.35
CA ALA A 507 7.15 -10.43 44.53
C ALA A 507 5.89 -11.20 44.71
N VAL A 508 5.02 -11.24 43.71
CA VAL A 508 3.81 -12.05 43.77
C VAL A 508 3.24 -12.51 42.41
N GLY A 509 2.87 -13.79 42.33
CA GLY A 509 1.82 -14.33 41.44
C GLY A 509 2.00 -14.23 39.92
N LYS A 510 0.87 -14.09 39.23
CA LYS A 510 0.72 -13.97 37.78
C LYS A 510 0.94 -15.22 36.90
N LYS A 511 2.11 -15.90 36.95
CA LYS A 511 2.50 -16.90 35.94
C LYS A 511 3.22 -18.14 36.48
N MET A 512 3.26 -19.23 35.71
CA MET A 512 4.28 -20.28 35.80
C MET A 512 4.84 -20.64 34.42
N TYR A 513 6.00 -21.29 34.33
CA TYR A 513 6.71 -21.51 33.08
C TYR A 513 7.13 -22.97 32.87
N PHE A 514 7.02 -23.46 31.62
CA PHE A 514 7.55 -24.73 31.13
C PHE A 514 8.68 -24.46 30.14
N ILE A 515 9.84 -25.10 30.29
CA ILE A 515 11.01 -24.86 29.46
C ILE A 515 10.92 -25.71 28.18
N GLN A 516 10.64 -25.11 27.02
CA GLN A 516 10.65 -25.84 25.76
C GLN A 516 12.08 -26.12 25.29
N HIS A 517 12.95 -25.11 25.38
CA HIS A 517 14.37 -25.22 24.99
C HIS A 517 15.22 -24.24 25.81
N GLY A 518 16.48 -24.59 26.07
CA GLY A 518 17.42 -23.76 26.84
C GLY A 518 17.55 -24.17 28.30
N VAL A 519 18.22 -23.35 29.11
CA VAL A 519 18.57 -23.64 30.51
C VAL A 519 18.28 -22.43 31.39
N ALA A 520 17.74 -22.67 32.59
CA ALA A 520 17.47 -21.65 33.59
C ALA A 520 18.02 -22.07 34.96
N GLY A 521 18.58 -21.15 35.72
CA GLY A 521 19.17 -21.42 37.04
C GLY A 521 18.34 -20.87 38.18
N VAL A 522 18.26 -21.62 39.29
CA VAL A 522 17.48 -21.26 40.49
C VAL A 522 18.41 -20.81 41.60
N ILE A 523 18.15 -19.65 42.21
CA ILE A 523 19.07 -18.96 43.13
C ILE A 523 18.35 -18.55 44.42
N THR A 524 18.97 -18.79 45.58
CA THR A 524 18.44 -18.40 46.89
C THR A 524 19.55 -18.32 47.96
N LYS A 525 19.28 -17.63 49.06
CA LYS A 525 20.25 -17.48 50.15
C LYS A 525 20.64 -18.83 50.75
N SER A 526 21.95 -19.08 50.86
CA SER A 526 22.55 -20.36 51.29
C SER A 526 22.21 -21.59 50.43
N SER A 527 21.65 -21.41 49.24
CA SER A 527 21.26 -22.53 48.36
C SER A 527 22.38 -23.08 47.48
N LYS A 528 23.57 -22.47 47.46
CA LYS A 528 24.57 -22.66 46.40
C LYS A 528 24.01 -22.28 45.02
N GLU A 529 23.93 -23.21 44.06
CA GLU A 529 23.29 -23.00 42.76
C GLU A 529 22.63 -24.28 42.24
N MET A 530 21.63 -24.13 41.38
CA MET A 530 20.79 -25.23 40.87
C MET A 530 20.33 -24.94 39.43
N LYS A 531 20.05 -25.98 38.63
CA LYS A 531 19.78 -25.86 37.18
C LYS A 531 18.54 -26.63 36.76
N LEU A 532 17.76 -26.05 35.84
CA LEU A 532 16.63 -26.69 35.17
C LEU A 532 16.89 -26.78 33.65
N THR A 533 16.74 -27.97 33.10
CA THR A 533 16.94 -28.28 31.68
C THR A 533 15.62 -28.36 30.90
N ASP A 534 15.70 -28.66 29.60
CA ASP A 534 14.54 -28.78 28.73
C ASP A 534 13.51 -29.79 29.24
N GLY A 535 12.23 -29.50 29.07
CA GLY A 535 11.14 -30.34 29.55
C GLY A 535 10.72 -30.15 31.00
N SER A 536 11.46 -29.43 31.85
CA SER A 536 11.03 -29.14 33.23
C SER A 536 10.20 -27.85 33.36
N TYR A 537 9.70 -27.55 34.56
CA TYR A 537 8.80 -26.42 34.82
C TYR A 537 9.05 -25.80 36.19
N PHE A 538 8.77 -24.51 36.33
CA PHE A 538 8.99 -23.74 37.56
C PHE A 538 7.98 -22.61 37.73
N GLY A 539 7.83 -22.13 38.96
CA GLY A 539 6.92 -21.03 39.29
C GLY A 539 5.58 -21.46 39.89
N GLU A 540 5.37 -22.76 40.13
CA GLU A 540 4.14 -23.30 40.67
C GLU A 540 3.86 -22.97 42.15
N ILE A 541 4.88 -22.77 42.99
CA ILE A 541 4.70 -22.58 44.44
C ILE A 541 3.85 -21.34 44.76
N CYS A 542 4.11 -20.21 44.11
CA CYS A 542 3.32 -18.99 44.31
C CYS A 542 1.86 -19.15 43.92
N LEU A 543 1.56 -19.91 42.87
CA LEU A 543 0.19 -20.13 42.40
C LEU A 543 -0.58 -21.12 43.27
N LEU A 544 0.07 -22.15 43.84
CA LEU A 544 -0.59 -23.07 44.78
C LEU A 544 -0.77 -22.44 46.17
N THR A 545 0.29 -21.90 46.76
CA THR A 545 0.27 -21.38 48.13
C THR A 545 -0.34 -19.99 48.29
N LYS A 546 -0.56 -19.27 47.19
CA LYS A 546 -1.00 -17.88 47.17
C LYS A 546 -0.05 -16.87 47.84
N GLY A 547 1.15 -17.29 48.25
CA GLY A 547 2.14 -16.47 48.93
C GLY A 547 3.06 -15.69 47.99
N ARG A 548 4.22 -15.31 48.47
CA ARG A 548 5.20 -14.65 47.66
C ARG A 548 6.19 -15.62 47.11
N ARG A 549 7.02 -15.22 46.18
CA ARG A 549 8.00 -16.05 45.54
C ARG A 549 9.08 -16.42 46.49
N THR A 550 9.80 -17.52 46.28
CA THR A 550 10.74 -18.03 47.29
C THR A 550 12.15 -18.29 46.79
N ALA A 551 12.43 -18.17 45.49
CA ALA A 551 13.76 -18.18 44.90
C ALA A 551 13.75 -17.39 43.59
N SER A 552 14.86 -16.74 43.23
CA SER A 552 14.99 -16.05 41.94
C SER A 552 15.34 -17.05 40.84
N VAL A 553 15.00 -16.75 39.59
CA VAL A 553 15.33 -17.62 38.44
C VAL A 553 15.87 -16.81 37.29
N ARG A 554 16.97 -17.26 36.72
CA ARG A 554 17.66 -16.52 35.66
C ARG A 554 18.12 -17.25 34.46
N ALA A 555 17.91 -16.73 33.28
CA ALA A 555 18.20 -17.43 32.04
C ALA A 555 19.72 -17.59 31.83
N ASP A 556 20.20 -18.81 31.56
CA ASP A 556 21.61 -19.12 31.33
C ASP A 556 22.01 -19.26 29.86
N THR A 557 21.04 -19.30 28.95
CA THR A 557 21.20 -19.31 27.50
C THR A 557 19.93 -18.75 26.86
N TYR A 558 19.95 -18.37 25.58
CA TYR A 558 18.73 -17.95 24.88
C TYR A 558 17.72 -19.08 24.95
N CYS A 559 16.61 -18.88 25.66
CA CYS A 559 15.67 -19.95 25.98
C CYS A 559 14.24 -19.62 25.56
N ARG A 560 13.51 -20.66 25.16
CA ARG A 560 12.10 -20.60 24.78
C ARG A 560 11.28 -21.18 25.90
N LEU A 561 10.34 -20.41 26.44
CA LEU A 561 9.46 -20.82 27.51
C LEU A 561 8.01 -20.77 27.04
N TYR A 562 7.18 -21.67 27.56
CA TYR A 562 5.74 -21.51 27.53
C TYR A 562 5.25 -21.10 28.91
N SER A 563 4.34 -20.13 29.00
CA SER A 563 3.82 -19.62 30.26
C SER A 563 2.31 -19.80 30.41
N LEU A 564 1.87 -19.99 31.64
CA LEU A 564 0.47 -20.22 32.01
C LEU A 564 0.06 -19.23 33.11
N SER A 565 -1.03 -18.49 32.93
CA SER A 565 -1.45 -17.47 33.89
C SER A 565 -2.27 -18.02 35.05
N VAL A 566 -2.27 -17.34 36.20
CA VAL A 566 -2.91 -17.81 37.43
C VAL A 566 -4.41 -18.04 37.30
N ASP A 567 -5.12 -17.21 36.54
CA ASP A 567 -6.55 -17.39 36.30
C ASP A 567 -6.84 -18.63 35.42
N ASN A 568 -6.00 -18.91 34.42
CA ASN A 568 -6.14 -20.11 33.59
C ASN A 568 -5.71 -21.37 34.32
N PHE A 569 -4.68 -21.31 35.16
CA PHE A 569 -4.22 -22.44 35.96
C PHE A 569 -5.31 -22.97 36.88
N ASN A 570 -5.98 -22.09 37.63
CA ASN A 570 -7.10 -22.50 38.48
C ASN A 570 -8.31 -23.00 37.67
N GLU A 571 -8.59 -22.40 36.51
CA GLU A 571 -9.68 -22.86 35.65
C GLU A 571 -9.51 -24.30 35.19
N VAL A 572 -8.28 -24.75 34.88
CA VAL A 572 -8.02 -26.16 34.53
C VAL A 572 -8.12 -27.06 35.74
N LEU A 573 -7.42 -26.75 36.84
CA LEU A 573 -7.39 -27.65 37.99
C LEU A 573 -8.75 -27.83 38.69
N GLU A 574 -9.63 -26.83 38.67
CA GLU A 574 -11.01 -26.97 39.18
C GLU A 574 -11.83 -28.02 38.43
N GLU A 575 -11.55 -28.27 37.15
CA GLU A 575 -12.18 -29.32 36.35
C GLU A 575 -11.53 -30.71 36.50
N TYR A 576 -10.32 -30.79 37.06
CA TYR A 576 -9.56 -32.03 37.22
C TYR A 576 -8.85 -32.12 38.58
N PRO A 577 -9.56 -32.13 39.72
CA PRO A 577 -8.95 -32.07 41.05
C PRO A 577 -7.90 -33.13 41.36
N MET A 578 -7.89 -34.28 40.68
CA MET A 578 -6.84 -35.28 40.81
C MET A 578 -5.45 -34.78 40.38
N MET A 579 -5.37 -33.82 39.45
CA MET A 579 -4.09 -33.29 38.98
C MET A 579 -3.45 -32.30 39.97
N ARG A 580 -4.22 -31.55 40.76
CA ARG A 580 -3.69 -30.60 41.75
C ARG A 580 -2.86 -31.32 42.80
N ARG A 581 -3.24 -32.53 43.17
CA ARG A 581 -2.45 -33.35 44.09
C ARG A 581 -1.06 -33.68 43.55
N ALA A 582 -0.91 -33.89 42.25
CA ALA A 582 0.39 -34.14 41.65
C ALA A 582 1.30 -32.91 41.74
N PHE A 583 0.80 -31.73 41.35
CA PHE A 583 1.56 -30.49 41.45
C PHE A 583 1.93 -30.19 42.92
N GLU A 584 1.03 -30.42 43.87
CA GLU A 584 1.31 -30.23 45.29
C GLU A 584 2.34 -31.21 45.84
N THR A 585 2.28 -32.48 45.47
CA THR A 585 3.25 -33.49 45.94
C THR A 585 4.62 -33.36 45.30
N VAL A 586 4.76 -32.67 44.17
CA VAL A 586 6.07 -32.18 43.70
C VAL A 586 6.50 -30.93 44.48
N ALA A 587 5.61 -29.97 44.69
CA ALA A 587 5.90 -28.70 45.36
C ALA A 587 6.46 -28.90 46.77
N ILE A 588 5.84 -29.75 47.58
CA ILE A 588 6.29 -29.99 48.95
C ILE A 588 7.69 -30.62 48.99
N ASP A 589 8.05 -31.44 48.00
CA ASP A 589 9.39 -32.02 47.91
C ASP A 589 10.45 -30.97 47.56
N ARG A 590 10.16 -30.06 46.62
CA ARG A 590 11.09 -28.96 46.26
C ARG A 590 11.32 -28.01 47.44
N LEU A 591 10.27 -27.65 48.18
CA LEU A 591 10.40 -26.80 49.37
C LEU A 591 11.23 -27.46 50.48
N ASP A 592 11.35 -28.79 50.49
CA ASP A 592 12.24 -29.50 51.41
C ASP A 592 13.71 -29.35 51.03
N ARG A 593 14.06 -29.44 49.73
CA ARG A 593 15.46 -29.30 49.27
C ARG A 593 16.02 -27.91 49.57
N ILE A 594 15.25 -26.86 49.30
CA ILE A 594 15.63 -25.48 49.62
C ILE A 594 15.49 -25.12 51.11
N GLY A 595 14.96 -26.02 51.94
CA GLY A 595 14.80 -25.83 53.38
C GLY A 595 13.70 -24.85 53.81
N LYS A 596 12.94 -24.25 52.89
CA LYS A 596 11.91 -23.27 53.23
C LYS A 596 10.70 -23.86 53.97
N LYS A 597 10.37 -25.14 53.72
CA LYS A 597 9.43 -25.94 54.52
C LYS A 597 8.07 -25.29 54.86
N ASN A 598 7.45 -24.57 53.92
CA ASN A 598 6.27 -23.74 54.18
C ASN A 598 5.07 -24.48 54.77
N SER A 599 4.55 -23.96 55.89
CA SER A 599 3.61 -24.69 56.75
C SER A 599 2.19 -24.84 56.19
N ILE A 600 1.70 -23.89 55.39
CA ILE A 600 0.33 -23.94 54.87
C ILE A 600 0.10 -25.10 53.89
N LEU A 601 1.07 -25.36 53.00
CA LEU A 601 1.02 -26.49 52.08
C LEU A 601 1.18 -27.83 52.81
N LEU A 602 2.11 -27.92 53.76
CA LEU A 602 2.29 -29.11 54.60
C LEU A 602 1.05 -29.46 55.42
N GLN A 603 0.34 -28.45 55.95
CA GLN A 603 -0.95 -28.62 56.61
C GLN A 603 -2.06 -29.04 55.64
N LYS A 604 -2.05 -28.50 54.41
CA LYS A 604 -3.04 -28.81 53.39
C LYS A 604 -3.01 -30.26 52.85
N PHE A 605 -1.93 -31.00 53.08
CA PHE A 605 -1.79 -32.37 52.60
C PHE A 605 -2.29 -33.46 53.57
N GLN A 606 -2.33 -33.16 54.88
CA GLN A 606 -2.52 -34.15 55.93
C GLN A 606 -3.86 -34.92 55.85
N LYS A 607 -3.80 -36.24 56.05
CA LYS A 607 -4.95 -37.15 56.10
C LYS A 607 -5.92 -37.11 54.90
N ASP A 608 -5.38 -36.88 53.69
CA ASP A 608 -6.12 -36.92 52.43
C ASP A 608 -6.81 -38.27 52.16
N MET B 94 47.16 -27.81 12.20
CA MET B 94 47.18 -29.22 11.81
C MET B 94 45.93 -29.61 11.05
N GLN B 95 45.91 -30.76 10.37
CA GLN B 95 44.84 -31.19 9.45
C GLN B 95 43.45 -31.30 10.08
N ARG B 96 43.34 -31.49 11.40
CA ARG B 96 42.07 -31.47 12.11
C ARG B 96 41.34 -30.12 12.04
N GLN B 97 42.08 -29.01 11.91
CA GLN B 97 41.50 -27.69 11.65
C GLN B 97 40.94 -27.56 10.23
N PHE B 98 41.45 -28.33 9.27
CA PHE B 98 40.87 -28.47 7.92
C PHE B 98 39.64 -29.38 7.92
N THR B 99 39.67 -30.51 8.64
CA THR B 99 38.51 -31.39 8.80
C THR B 99 37.33 -30.71 9.52
N SER B 100 37.60 -29.71 10.37
CA SER B 100 36.60 -28.85 11.01
C SER B 100 35.98 -27.78 10.11
N MET B 101 36.50 -27.56 8.89
CA MET B 101 36.04 -26.52 7.97
C MET B 101 34.78 -26.90 7.18
N LEU B 102 34.48 -28.20 7.05
CA LEU B 102 33.34 -28.72 6.30
C LEU B 102 32.04 -28.84 7.12
N GLN B 103 32.11 -28.80 8.46
CA GLN B 103 30.97 -28.79 9.39
C GLN B 103 30.42 -27.38 9.67
N PRO B 104 29.20 -27.21 10.19
CA PRO B 104 28.62 -25.90 10.48
C PRO B 104 29.40 -25.14 11.55
N GLY B 105 29.46 -23.82 11.42
CA GLY B 105 30.14 -22.93 12.37
C GLY B 105 29.24 -22.44 13.50
N VAL B 106 29.80 -21.50 14.25
CA VAL B 106 29.19 -20.90 15.42
C VAL B 106 29.04 -19.39 15.36
N ASN B 107 29.11 -18.82 14.16
CA ASN B 107 28.80 -17.42 13.86
C ASN B 107 27.29 -17.13 14.04
N LYS B 108 26.88 -15.87 14.23
CA LYS B 108 25.51 -15.53 14.66
C LYS B 108 24.39 -16.05 13.76
N PHE B 109 24.66 -16.31 12.48
CA PHE B 109 23.72 -16.97 11.58
C PHE B 109 23.34 -18.38 12.07
N SER B 110 24.32 -19.16 12.47
CA SER B 110 24.12 -20.53 12.97
C SER B 110 23.22 -20.52 14.21
N LEU B 111 23.50 -19.61 15.16
CA LEU B 111 22.65 -19.40 16.32
C LEU B 111 21.24 -18.93 15.96
N ARG B 112 21.07 -18.05 14.99
CA ARG B 112 19.76 -17.62 14.52
C ARG B 112 18.94 -18.74 13.86
N MET B 113 19.59 -19.65 13.13
CA MET B 113 18.91 -20.76 12.47
C MET B 113 18.53 -21.89 13.42
N PHE B 114 19.36 -22.21 14.41
CA PHE B 114 19.18 -23.40 15.26
C PHE B 114 18.79 -23.12 16.71
N GLY B 115 18.98 -21.90 17.23
CA GLY B 115 18.78 -21.57 18.64
C GLY B 115 20.11 -21.54 19.41
N SER B 116 20.14 -22.12 20.60
CA SER B 116 21.35 -22.14 21.44
C SER B 116 22.48 -23.01 20.84
N GLN B 117 23.69 -22.87 21.40
CA GLN B 117 24.84 -23.70 21.04
C GLN B 117 24.57 -25.21 21.18
N LYS B 118 23.67 -25.63 22.07
CA LYS B 118 23.30 -27.04 22.22
C LYS B 118 22.51 -27.61 21.02
N ALA B 119 21.88 -26.77 20.20
CA ALA B 119 21.32 -27.20 18.92
C ALA B 119 22.38 -27.25 17.82
N VAL B 120 23.27 -26.24 17.77
CA VAL B 120 24.38 -26.18 16.80
C VAL B 120 25.34 -27.36 16.98
N GLU B 121 25.78 -27.65 18.20
CA GLU B 121 26.70 -28.74 18.48
C GLU B 121 26.10 -30.13 18.23
N LYS B 122 24.76 -30.28 18.28
CA LYS B 122 24.07 -31.51 17.86
C LYS B 122 24.08 -31.67 16.34
N GLU B 123 23.75 -30.62 15.58
CA GLU B 123 23.83 -30.67 14.12
C GLU B 123 25.26 -30.87 13.61
N GLN B 124 26.25 -30.27 14.28
CA GLN B 124 27.68 -30.49 14.01
C GLN B 124 28.10 -31.96 14.17
N GLU B 125 27.56 -32.69 15.15
CA GLU B 125 27.78 -34.15 15.24
C GLU B 125 26.98 -34.94 14.20
N ARG B 126 25.84 -34.41 13.77
CA ARG B 126 25.07 -35.11 12.78
C ARG B 126 25.82 -35.24 11.51
N VAL B 127 26.54 -34.20 11.13
CA VAL B 127 27.44 -34.22 9.96
C VAL B 127 28.57 -35.24 10.14
N LYS B 128 29.33 -35.15 11.23
CA LYS B 128 30.50 -36.01 11.49
C LYS B 128 30.15 -37.51 11.53
N THR B 129 28.95 -37.85 11.99
CA THR B 129 28.46 -39.23 12.09
C THR B 129 27.82 -39.79 10.81
N ALA B 130 27.73 -39.01 9.73
CA ALA B 130 27.27 -39.46 8.42
C ALA B 130 28.37 -40.21 7.63
N GLY B 131 28.27 -40.24 6.29
CA GLY B 131 29.27 -40.83 5.39
C GLY B 131 30.64 -40.15 5.43
N PHE B 132 31.62 -40.72 4.73
CA PHE B 132 33.05 -40.40 4.88
C PHE B 132 33.38 -38.91 4.82
N TRP B 133 32.83 -38.20 3.83
CA TRP B 133 32.79 -36.74 3.80
C TRP B 133 31.43 -36.25 3.29
N ILE B 134 30.87 -35.24 3.95
CA ILE B 134 29.75 -34.44 3.46
C ILE B 134 30.02 -32.98 3.85
N ILE B 135 29.73 -32.05 2.95
CA ILE B 135 29.92 -30.61 3.14
C ILE B 135 28.59 -30.03 3.61
N HIS B 136 28.57 -29.35 4.75
CA HIS B 136 27.35 -28.71 5.23
C HIS B 136 27.11 -27.41 4.46
N PRO B 137 25.88 -27.07 4.03
CA PRO B 137 25.64 -25.93 3.15
C PRO B 137 26.00 -24.58 3.77
N TYR B 138 26.01 -24.48 5.10
CA TYR B 138 26.42 -23.27 5.84
C TYR B 138 27.88 -23.31 6.32
N SER B 139 28.68 -24.28 5.89
CA SER B 139 30.08 -24.38 6.29
C SER B 139 30.92 -23.24 5.73
N ASP B 140 32.00 -22.90 6.42
CA ASP B 140 32.95 -21.90 5.93
C ASP B 140 33.61 -22.32 4.61
N PHE B 141 33.82 -23.63 4.41
CA PHE B 141 34.31 -24.16 3.13
C PHE B 141 33.33 -23.95 1.98
N ARG B 142 32.04 -24.17 2.22
CA ARG B 142 31.02 -23.95 1.21
C ARG B 142 30.94 -22.46 0.85
N PHE B 143 31.06 -21.63 1.85
CA PHE B 143 30.97 -20.22 1.62
C PHE B 143 32.12 -19.56 0.95
N TYR B 144 33.33 -19.95 1.24
CA TYR B 144 34.49 -19.49 0.46
C TYR B 144 34.55 -20.12 -0.94
N TRP B 145 34.11 -21.37 -1.13
CA TRP B 145 34.02 -21.96 -2.46
C TRP B 145 33.04 -21.21 -3.35
N ASP B 146 31.86 -20.84 -2.85
CA ASP B 146 30.91 -20.05 -3.60
C ASP B 146 31.48 -18.67 -3.98
N LEU B 147 32.24 -17.99 -3.11
CA LEU B 147 32.91 -16.73 -3.49
C LEU B 147 33.98 -16.92 -4.58
N ILE B 148 34.80 -17.96 -4.50
CA ILE B 148 35.76 -18.29 -5.55
C ILE B 148 35.04 -18.53 -6.88
N MET B 149 33.93 -19.26 -6.90
CA MET B 149 33.11 -19.42 -8.10
C MET B 149 32.52 -18.11 -8.58
N LEU B 150 31.83 -17.31 -7.75
CA LEU B 150 31.18 -16.07 -8.18
C LEU B 150 32.15 -15.10 -8.85
N ILE B 151 33.32 -14.87 -8.24
CA ILE B 151 34.34 -13.94 -8.74
C ILE B 151 34.88 -14.41 -10.10
N MET B 152 35.09 -15.70 -10.28
CA MET B 152 35.59 -16.28 -11.53
C MET B 152 34.50 -16.39 -12.62
N MET B 153 33.27 -16.70 -12.23
CA MET B 153 32.13 -16.92 -13.11
C MET B 153 31.66 -15.63 -13.78
N VAL B 154 31.63 -14.49 -13.08
CA VAL B 154 31.40 -13.20 -13.72
C VAL B 154 32.48 -12.88 -14.75
N GLY B 155 33.75 -13.18 -14.45
CA GLY B 155 34.85 -13.05 -15.41
C GLY B 155 34.67 -13.91 -16.68
N ASN B 156 34.18 -15.14 -16.55
CA ASN B 156 33.93 -16.01 -17.70
C ASN B 156 32.73 -15.58 -18.54
N LEU B 157 31.60 -15.19 -17.93
CA LEU B 157 30.45 -14.70 -18.68
C LEU B 157 30.68 -13.35 -19.37
N VAL B 158 31.71 -12.59 -18.97
CA VAL B 158 32.18 -11.41 -19.69
C VAL B 158 33.15 -11.75 -20.83
N ILE B 159 34.19 -12.55 -20.60
CA ILE B 159 35.25 -12.81 -21.59
C ILE B 159 34.84 -13.77 -22.71
N ILE B 160 34.07 -14.81 -22.42
CA ILE B 160 33.76 -15.87 -23.40
C ILE B 160 33.04 -15.35 -24.66
N PRO B 161 31.96 -14.55 -24.60
CA PRO B 161 31.34 -13.99 -25.79
C PRO B 161 32.29 -13.21 -26.68
N VAL B 162 33.20 -12.42 -26.10
CA VAL B 162 34.16 -11.60 -26.85
C VAL B 162 35.20 -12.46 -27.55
N GLY B 163 35.78 -13.40 -26.82
CA GLY B 163 36.76 -14.35 -27.36
C GLY B 163 36.20 -15.26 -28.45
N ILE B 164 34.91 -15.58 -28.42
CA ILE B 164 34.24 -16.32 -29.51
C ILE B 164 33.93 -15.40 -30.69
N THR B 165 33.42 -14.19 -30.44
CA THR B 165 32.88 -13.32 -31.50
C THR B 165 33.95 -12.58 -32.29
N PHE B 166 34.84 -11.83 -31.63
CA PHE B 166 35.71 -10.86 -32.31
C PHE B 166 37.09 -11.42 -32.71
N PHE B 167 37.36 -12.70 -32.47
CA PHE B 167 38.64 -13.35 -32.75
C PHE B 167 38.50 -14.60 -33.64
N THR B 168 39.41 -14.75 -34.60
CA THR B 168 39.81 -16.05 -35.12
C THR B 168 40.87 -16.68 -34.20
N GLU B 169 41.26 -17.94 -34.45
CA GLU B 169 42.34 -18.61 -33.72
C GLU B 169 42.12 -18.81 -32.20
N GLN B 170 40.92 -19.25 -31.81
CA GLN B 170 40.61 -19.74 -30.45
C GLN B 170 41.32 -21.07 -30.05
N THR B 171 42.20 -21.61 -30.91
CA THR B 171 43.12 -22.71 -30.62
C THR B 171 44.57 -22.26 -30.38
N THR B 172 44.85 -20.96 -30.27
CA THR B 172 46.18 -20.42 -29.95
C THR B 172 46.54 -20.55 -28.45
N THR B 173 47.82 -20.45 -28.12
CA THR B 173 48.37 -20.83 -26.81
C THR B 173 47.67 -20.27 -25.56
N PRO B 174 47.44 -18.96 -25.41
CA PRO B 174 46.85 -18.42 -24.20
C PRO B 174 45.36 -18.77 -24.04
N TRP B 175 44.61 -18.96 -25.13
CA TRP B 175 43.23 -19.43 -25.07
C TRP B 175 43.12 -20.91 -24.66
N ILE B 176 43.99 -21.78 -25.18
CA ILE B 176 44.06 -23.19 -24.74
C ILE B 176 44.37 -23.27 -23.24
N ILE B 177 45.30 -22.45 -22.74
CA ILE B 177 45.61 -22.38 -21.31
C ILE B 177 44.44 -21.87 -20.47
N PHE B 178 43.80 -20.76 -20.84
CA PHE B 178 42.68 -20.17 -20.09
C PHE B 178 41.43 -21.04 -20.08
N ASN B 179 41.01 -21.57 -21.22
CA ASN B 179 39.85 -22.46 -21.25
C ASN B 179 40.03 -23.79 -20.62
N VAL B 180 41.23 -24.36 -20.64
CA VAL B 180 41.49 -25.56 -19.84
C VAL B 180 41.40 -25.26 -18.34
N ALA B 181 42.08 -24.23 -17.84
CA ALA B 181 42.10 -23.89 -16.41
C ALA B 181 40.69 -23.59 -15.88
N SER B 182 39.94 -22.71 -16.54
CA SER B 182 38.55 -22.39 -16.22
C SER B 182 37.53 -23.48 -16.59
N ASP B 183 37.95 -24.64 -17.11
CA ASP B 183 37.13 -25.86 -17.15
C ASP B 183 37.29 -26.68 -15.87
N THR B 184 38.52 -26.86 -15.36
CA THR B 184 38.76 -27.68 -14.15
C THR B 184 37.99 -27.20 -12.92
N VAL B 185 37.96 -25.90 -12.62
CA VAL B 185 37.27 -25.39 -11.42
C VAL B 185 35.76 -25.61 -11.50
N PHE B 186 35.15 -25.40 -12.68
CA PHE B 186 33.73 -25.68 -12.88
C PHE B 186 33.38 -27.18 -12.92
N LEU B 187 34.35 -28.06 -13.12
CA LEU B 187 34.18 -29.51 -13.00
C LEU B 187 34.39 -30.03 -11.56
N LEU B 188 35.30 -29.44 -10.78
CA LEU B 188 35.38 -29.67 -9.33
C LEU B 188 34.11 -29.20 -8.63
N ASP B 189 33.56 -28.08 -9.04
CA ASP B 189 32.27 -27.61 -8.54
C ASP B 189 31.13 -28.62 -8.78
N LEU B 190 31.09 -29.27 -9.95
CA LEU B 190 30.15 -30.35 -10.25
C LEU B 190 30.36 -31.56 -9.32
N ILE B 191 31.61 -31.92 -9.02
CA ILE B 191 31.92 -33.01 -8.07
C ILE B 191 31.45 -32.66 -6.66
N MET B 192 31.76 -31.48 -6.14
CA MET B 192 31.32 -31.08 -4.79
C MET B 192 29.82 -30.93 -4.65
N ASN B 193 29.05 -30.70 -5.72
CA ASN B 193 27.59 -30.72 -5.62
C ASN B 193 27.00 -32.13 -5.42
N PHE B 194 27.73 -33.21 -5.70
CA PHE B 194 27.33 -34.55 -5.25
C PHE B 194 27.59 -34.80 -3.75
N ARG B 195 28.45 -34.00 -3.12
CA ARG B 195 28.75 -34.09 -1.71
C ARG B 195 28.44 -32.86 -0.84
N THR B 196 27.46 -32.06 -1.20
CA THR B 196 26.94 -30.92 -0.42
C THR B 196 25.52 -31.23 0.05
N GLY B 197 25.24 -31.04 1.35
CA GLY B 197 23.89 -31.22 1.88
C GLY B 197 22.92 -30.16 1.38
N THR B 198 21.82 -30.56 0.74
CA THR B 198 20.80 -29.63 0.26
C THR B 198 19.93 -29.10 1.39
N VAL B 199 19.71 -27.78 1.43
CA VAL B 199 18.63 -27.16 2.19
C VAL B 199 17.29 -27.58 1.58
N ASN B 200 16.28 -27.84 2.41
CA ASN B 200 14.95 -28.21 1.94
C ASN B 200 13.96 -27.04 2.09
N GLU B 201 13.27 -26.70 0.99
CA GLU B 201 12.20 -25.70 0.99
C GLU B 201 11.00 -26.09 1.87
N ASP B 202 10.79 -27.38 2.10
CA ASP B 202 9.82 -27.92 3.07
C ASP B 202 10.20 -27.71 4.55
N SER B 203 11.23 -26.92 4.86
CA SER B 203 11.68 -26.51 6.22
C SER B 203 12.14 -27.63 7.16
N SER B 204 12.41 -28.82 6.65
CA SER B 204 12.99 -29.93 7.45
C SER B 204 14.43 -29.64 7.91
N GLU B 205 15.01 -30.56 8.68
CA GLU B 205 16.46 -30.67 8.78
C GLU B 205 17.10 -30.89 7.40
N ILE B 206 18.33 -30.44 7.23
CA ILE B 206 19.10 -30.54 5.99
C ILE B 206 19.32 -32.02 5.61
N ILE B 207 19.18 -32.37 4.34
CA ILE B 207 19.10 -33.77 3.90
C ILE B 207 20.35 -34.59 4.20
N LEU B 208 21.54 -34.00 4.11
CA LEU B 208 22.80 -34.45 4.72
C LEU B 208 23.17 -35.95 4.62
N ASP B 209 22.80 -36.64 3.54
CA ASP B 209 23.15 -38.04 3.30
C ASP B 209 23.44 -38.31 1.82
N PRO B 210 24.42 -39.18 1.46
CA PRO B 210 24.93 -39.25 0.10
C PRO B 210 23.94 -39.87 -0.88
N LYS B 211 23.22 -40.91 -0.50
CA LYS B 211 22.25 -41.58 -1.36
C LYS B 211 21.01 -40.72 -1.67
N VAL B 212 20.63 -39.83 -0.75
CA VAL B 212 19.57 -38.85 -0.99
C VAL B 212 20.05 -37.69 -1.89
N ILE B 213 21.25 -37.15 -1.63
CA ILE B 213 21.82 -36.04 -2.40
C ILE B 213 22.10 -36.43 -3.86
N LYS B 214 22.74 -37.57 -4.10
CA LYS B 214 23.02 -38.05 -5.45
C LYS B 214 21.76 -38.34 -6.28
N MET B 215 20.66 -38.75 -5.64
CA MET B 215 19.37 -38.92 -6.31
C MET B 215 18.66 -37.59 -6.55
N ASN B 216 18.72 -36.66 -5.59
CA ASN B 216 18.06 -35.36 -5.68
C ASN B 216 18.71 -34.43 -6.71
N TYR B 217 20.04 -34.49 -6.87
CA TYR B 217 20.77 -33.65 -7.83
C TYR B 217 20.59 -34.10 -9.28
N LEU B 218 20.77 -35.39 -9.56
CA LEU B 218 20.69 -35.92 -10.92
C LEU B 218 19.30 -35.77 -11.55
N LYS B 219 18.25 -35.67 -10.75
CA LYS B 219 16.88 -35.39 -11.18
C LYS B 219 16.56 -33.90 -11.40
N SER B 220 17.56 -33.01 -11.33
CA SER B 220 17.40 -31.56 -11.44
C SER B 220 18.50 -30.93 -12.30
N TRP B 221 19.36 -30.08 -11.73
CA TRP B 221 20.30 -29.25 -12.50
C TRP B 221 21.47 -29.98 -13.14
N PHE B 222 21.71 -31.25 -12.85
CA PHE B 222 22.90 -31.96 -13.34
C PHE B 222 23.05 -31.94 -14.86
N VAL B 223 21.97 -32.03 -15.63
CA VAL B 223 22.03 -32.02 -17.09
C VAL B 223 22.62 -30.71 -17.65
N VAL B 224 22.23 -29.55 -17.10
CA VAL B 224 22.82 -28.25 -17.44
C VAL B 224 24.22 -28.03 -16.84
N ASP B 225 24.47 -28.50 -15.62
CA ASP B 225 25.78 -28.42 -14.97
C ASP B 225 26.84 -29.24 -15.70
N PHE B 226 26.52 -30.39 -16.27
CA PHE B 226 27.49 -31.18 -17.01
C PHE B 226 27.83 -30.54 -18.36
N ILE B 227 26.82 -30.19 -19.18
CA ILE B 227 27.00 -29.57 -20.50
C ILE B 227 27.84 -28.29 -20.41
N SER B 228 27.63 -27.45 -19.40
CA SER B 228 28.39 -26.22 -19.19
C SER B 228 29.81 -26.42 -18.64
N SER B 229 30.17 -27.60 -18.16
CA SER B 229 31.47 -27.87 -17.55
C SER B 229 32.50 -28.48 -18.50
N ILE B 230 32.12 -29.47 -19.32
CA ILE B 230 33.05 -30.13 -20.24
C ILE B 230 33.37 -29.27 -21.49
N PRO B 231 34.57 -29.36 -22.07
CA PRO B 231 34.96 -28.60 -23.27
C PRO B 231 34.43 -29.24 -24.56
N VAL B 232 33.12 -29.17 -24.79
CA VAL B 232 32.43 -29.79 -25.95
C VAL B 232 33.04 -29.43 -27.30
N ASP B 233 33.47 -28.18 -27.49
CA ASP B 233 34.11 -27.70 -28.71
C ASP B 233 35.46 -28.36 -28.98
N TYR B 234 36.33 -28.48 -27.98
CA TYR B 234 37.59 -29.20 -28.17
C TYR B 234 37.38 -30.71 -28.28
N ILE B 235 36.40 -31.30 -27.60
CA ILE B 235 36.06 -32.72 -27.76
C ILE B 235 35.61 -33.00 -29.21
N PHE B 236 34.70 -32.19 -29.75
CA PHE B 236 34.26 -32.27 -31.14
C PHE B 236 35.40 -32.08 -32.14
N LEU B 237 36.29 -31.11 -31.90
CA LEU B 237 37.49 -30.88 -32.71
C LEU B 237 38.44 -32.09 -32.70
N ILE B 238 38.60 -32.77 -31.57
CA ILE B 238 39.42 -33.99 -31.44
C ILE B 238 38.77 -35.17 -32.17
N VAL B 239 37.46 -35.36 -32.04
CA VAL B 239 36.73 -36.43 -32.73
C VAL B 239 36.74 -36.25 -34.25
N GLU B 240 36.56 -35.03 -34.74
CA GLU B 240 36.63 -34.70 -36.18
C GLU B 240 38.04 -34.68 -36.78
N LYS B 241 39.09 -34.73 -35.95
CA LYS B 241 40.48 -34.59 -36.39
C LYS B 241 41.08 -35.81 -37.09
N GLY B 242 40.37 -36.95 -37.15
CA GLY B 242 40.84 -38.18 -37.80
C GLY B 242 39.83 -39.33 -37.76
N ARG B 252 36.73 -25.56 -48.30
CA ARG B 252 36.26 -26.85 -47.78
C ARG B 252 36.10 -26.84 -46.26
N ALA B 253 37.19 -26.78 -45.50
CA ALA B 253 37.19 -26.93 -44.03
C ALA B 253 36.55 -25.78 -43.23
N LEU B 254 36.30 -24.61 -43.84
CA LEU B 254 35.87 -23.40 -43.13
C LEU B 254 34.57 -23.55 -42.32
N ARG B 255 33.66 -24.45 -42.70
CA ARG B 255 32.44 -24.72 -41.93
C ARG B 255 32.70 -25.27 -40.51
N ILE B 256 33.82 -25.95 -40.28
CA ILE B 256 34.19 -26.49 -38.97
C ILE B 256 34.48 -25.37 -37.97
N VAL B 257 35.09 -24.28 -38.42
CA VAL B 257 35.37 -23.09 -37.59
C VAL B 257 34.08 -22.39 -37.18
N ARG B 258 33.08 -22.33 -38.06
CA ARG B 258 31.75 -21.83 -37.72
C ARG B 258 31.01 -22.74 -36.75
N PHE B 259 31.01 -24.05 -36.96
CA PHE B 259 30.29 -24.96 -36.05
C PHE B 259 30.94 -25.04 -34.66
N THR B 260 32.27 -25.03 -34.55
CA THR B 260 32.95 -24.99 -33.24
C THR B 260 32.74 -23.68 -32.49
N LYS B 261 32.59 -22.53 -33.18
CA LYS B 261 32.11 -21.28 -32.56
C LYS B 261 30.72 -21.47 -31.93
N ILE B 262 29.76 -22.02 -32.66
CA ILE B 262 28.40 -22.25 -32.14
C ILE B 262 28.40 -23.23 -30.96
N LEU B 263 29.16 -24.34 -31.01
CA LEU B 263 29.30 -25.26 -29.88
C LEU B 263 29.91 -24.61 -28.64
N SER B 264 30.93 -23.77 -28.80
CA SER B 264 31.64 -23.18 -27.65
C SER B 264 30.76 -22.26 -26.80
N LEU B 265 29.69 -21.69 -27.35
CA LEU B 265 28.72 -20.86 -26.61
C LEU B 265 27.91 -21.63 -25.56
N LEU B 266 27.94 -22.97 -25.51
CA LEU B 266 27.35 -23.74 -24.42
C LEU B 266 27.90 -23.32 -23.05
N ARG B 267 29.11 -22.78 -22.97
CA ARG B 267 29.70 -22.28 -21.72
C ARG B 267 28.93 -21.12 -21.09
N LEU B 268 28.02 -20.44 -21.79
CA LEU B 268 27.19 -19.38 -21.20
C LEU B 268 26.12 -19.93 -20.23
N LEU B 269 25.81 -21.23 -20.26
CA LEU B 269 24.85 -21.86 -19.33
C LEU B 269 25.33 -21.84 -17.87
N ARG B 270 26.53 -21.31 -17.65
CA ARG B 270 27.06 -21.12 -16.32
C ARG B 270 26.16 -20.13 -15.57
N LEU B 271 25.53 -19.20 -16.30
CA LEU B 271 24.60 -18.23 -15.72
C LEU B 271 23.58 -18.89 -14.77
N SER B 272 23.22 -20.15 -14.98
CA SER B 272 22.36 -20.88 -14.04
C SER B 272 23.03 -21.05 -12.67
N ARG B 273 24.32 -21.36 -12.61
CA ARG B 273 25.09 -21.41 -11.37
C ARG B 273 25.25 -20.03 -10.75
N LEU B 274 25.49 -18.98 -11.53
CA LEU B 274 25.55 -17.62 -10.99
C LEU B 274 24.22 -17.22 -10.31
N ILE B 275 23.08 -17.54 -10.90
CA ILE B 275 21.76 -17.27 -10.28
C ILE B 275 21.53 -18.14 -9.03
N ARG B 276 21.79 -19.45 -9.09
CA ARG B 276 21.65 -20.37 -7.94
C ARG B 276 22.53 -19.98 -6.77
N TYR B 277 23.80 -19.67 -7.01
CA TYR B 277 24.75 -19.36 -5.93
C TYR B 277 24.49 -17.99 -5.33
N ILE B 278 24.12 -16.96 -6.11
CA ILE B 278 23.72 -15.67 -5.53
C ILE B 278 22.49 -15.83 -4.63
N HIS B 279 21.39 -16.46 -5.08
CA HIS B 279 20.16 -16.52 -4.27
C HIS B 279 20.32 -17.27 -2.95
N GLN B 280 21.27 -18.19 -2.81
CA GLN B 280 21.60 -18.82 -1.51
C GLN B 280 22.55 -17.97 -0.67
N TRP B 281 23.66 -17.51 -1.24
CA TRP B 281 24.65 -16.67 -0.56
C TRP B 281 24.06 -15.33 -0.08
N GLU B 282 23.16 -14.73 -0.85
CA GLU B 282 22.43 -13.51 -0.49
C GLU B 282 21.61 -13.67 0.77
N GLU B 283 20.86 -14.77 0.94
CA GLU B 283 20.02 -14.97 2.13
C GLU B 283 20.83 -15.02 3.43
N ILE B 284 22.06 -15.52 3.42
CA ILE B 284 22.92 -15.52 4.61
C ILE B 284 23.29 -14.08 4.99
N PHE B 285 23.73 -13.28 4.02
CA PHE B 285 24.05 -11.87 4.27
C PHE B 285 22.80 -11.07 4.63
N HIS B 286 21.68 -11.29 3.96
CA HIS B 286 20.42 -10.57 4.19
C HIS B 286 19.77 -10.94 5.54
N MET B 287 19.99 -12.15 6.05
CA MET B 287 19.60 -12.56 7.41
C MET B 287 20.51 -11.95 8.49
N THR B 288 21.83 -11.88 8.24
CA THR B 288 22.80 -11.39 9.23
C THR B 288 22.94 -9.86 9.30
N TYR B 289 22.93 -9.15 8.17
CA TYR B 289 23.30 -7.73 8.09
C TYR B 289 22.13 -6.76 7.81
N ASP B 290 20.92 -7.27 7.58
CA ASP B 290 19.68 -6.50 7.52
C ASP B 290 19.55 -5.37 6.47
N LEU B 291 20.26 -5.41 5.34
CA LEU B 291 20.05 -4.48 4.23
C LEU B 291 18.67 -4.67 3.55
N ALA B 292 18.00 -3.58 3.21
CA ALA B 292 16.60 -3.58 2.76
C ALA B 292 16.35 -4.29 1.42
N SER B 293 15.15 -4.85 1.25
CA SER B 293 14.77 -5.68 0.09
C SER B 293 15.06 -5.03 -1.26
N ALA B 294 14.53 -3.83 -1.50
CA ALA B 294 14.64 -3.17 -2.81
C ALA B 294 16.08 -2.81 -3.17
N VAL B 295 16.95 -2.52 -2.20
CA VAL B 295 18.36 -2.21 -2.46
C VAL B 295 19.08 -3.41 -3.05
N VAL B 296 18.90 -4.57 -2.41
CA VAL B 296 19.53 -5.83 -2.84
C VAL B 296 19.00 -6.26 -4.21
N ARG B 297 17.68 -6.18 -4.42
CA ARG B 297 17.05 -6.52 -5.69
C ARG B 297 17.49 -5.61 -6.84
N ILE B 298 17.69 -4.32 -6.62
CA ILE B 298 18.23 -3.42 -7.66
C ILE B 298 19.67 -3.75 -8.01
N PHE B 299 20.55 -4.00 -7.03
CA PHE B 299 21.95 -4.34 -7.34
C PHE B 299 22.10 -5.70 -8.04
N ASN B 300 21.17 -6.63 -7.88
CA ASN B 300 21.07 -7.81 -8.74
C ASN B 300 20.64 -7.45 -10.17
N LEU B 301 19.58 -6.65 -10.34
CA LEU B 301 19.04 -6.30 -11.67
C LEU B 301 20.01 -5.47 -12.52
N ILE B 302 20.77 -4.54 -11.93
CA ILE B 302 21.79 -3.77 -12.66
C ILE B 302 22.87 -4.70 -13.25
N GLY B 303 23.21 -5.78 -12.56
CA GLY B 303 24.13 -6.78 -13.08
C GLY B 303 23.55 -7.51 -14.30
N MET B 304 22.27 -7.86 -14.28
CA MET B 304 21.62 -8.49 -15.43
C MET B 304 21.48 -7.55 -16.64
N LEU B 305 21.13 -6.28 -16.45
CA LEU B 305 21.03 -5.31 -17.54
C LEU B 305 22.35 -5.18 -18.30
N LEU B 306 23.46 -4.96 -17.61
CA LEU B 306 24.77 -4.86 -18.23
C LEU B 306 25.19 -6.16 -18.92
N LEU B 307 24.86 -7.33 -18.35
CA LEU B 307 25.23 -8.61 -18.94
C LEU B 307 24.44 -8.91 -20.21
N LEU B 308 23.11 -8.74 -20.20
CA LEU B 308 22.29 -8.95 -21.40
C LEU B 308 22.70 -8.00 -22.52
N CYS B 309 22.95 -6.75 -22.17
CA CYS B 309 23.44 -5.74 -23.09
C CYS B 309 24.80 -6.09 -23.71
N HIS B 310 25.75 -6.59 -22.91
CA HIS B 310 27.02 -7.10 -23.39
C HIS B 310 26.87 -8.29 -24.34
N TRP B 311 26.03 -9.28 -24.01
CA TRP B 311 25.80 -10.44 -24.86
C TRP B 311 25.09 -10.09 -26.17
N ASP B 312 24.10 -9.19 -26.13
CA ASP B 312 23.45 -8.67 -27.33
C ASP B 312 24.47 -7.94 -28.23
N GLY B 313 25.31 -7.10 -27.66
CA GLY B 313 26.44 -6.47 -28.35
C GLY B 313 27.45 -7.44 -28.98
N CYS B 314 27.45 -8.72 -28.59
CA CYS B 314 28.22 -9.75 -29.29
C CYS B 314 27.37 -10.44 -30.36
N LEU B 315 26.11 -10.79 -30.06
CA LEU B 315 25.19 -11.43 -30.98
C LEU B 315 25.00 -10.63 -32.27
N GLN B 316 24.93 -9.30 -32.16
CA GLN B 316 24.75 -8.37 -33.28
C GLN B 316 25.90 -8.39 -34.28
N PHE B 317 27.06 -8.93 -33.91
CA PHE B 317 28.21 -9.11 -34.78
C PHE B 317 28.45 -10.58 -35.14
N LEU B 318 28.14 -11.50 -34.22
CA LEU B 318 28.29 -12.93 -34.46
C LEU B 318 27.48 -13.43 -35.65
N VAL B 319 26.21 -13.02 -35.83
CA VAL B 319 25.40 -13.49 -36.95
C VAL B 319 25.98 -13.05 -38.31
N PRO B 320 26.35 -11.77 -38.53
CA PRO B 320 27.16 -11.39 -39.68
C PRO B 320 28.42 -12.23 -39.89
N LEU B 321 29.17 -12.57 -38.83
CA LEU B 321 30.37 -13.38 -38.97
C LEU B 321 30.08 -14.81 -39.44
N LEU B 322 29.08 -15.48 -38.85
CA LEU B 322 28.66 -16.82 -39.26
C LEU B 322 28.07 -16.85 -40.68
N GLN B 323 27.57 -15.73 -41.18
CA GLN B 323 27.15 -15.56 -42.57
C GLN B 323 28.29 -15.10 -43.50
N ASP B 324 29.51 -14.93 -43.00
CA ASP B 324 30.65 -14.41 -43.76
C ASP B 324 30.45 -12.99 -44.35
N PHE B 325 29.89 -12.07 -43.56
CA PHE B 325 29.78 -10.65 -43.86
C PHE B 325 29.11 -10.33 -45.21
N PRO B 326 27.82 -10.64 -45.38
CA PRO B 326 27.11 -10.43 -46.64
C PRO B 326 26.97 -8.92 -46.96
N PRO B 327 27.02 -8.49 -48.24
CA PRO B 327 27.02 -7.09 -48.64
C PRO B 327 25.89 -6.20 -48.14
N ASP B 328 24.77 -6.76 -47.73
CA ASP B 328 23.65 -6.00 -47.19
C ASP B 328 23.72 -5.70 -45.68
N CYS B 329 24.58 -6.35 -44.89
CA CYS B 329 24.57 -6.23 -43.43
C CYS B 329 25.27 -4.96 -42.91
N TRP B 330 25.01 -4.60 -41.65
CA TRP B 330 25.52 -3.34 -41.09
C TRP B 330 27.05 -3.22 -41.09
N VAL B 331 27.78 -4.32 -40.94
CA VAL B 331 29.25 -4.28 -40.90
C VAL B 331 29.83 -3.90 -42.26
N SER B 332 29.25 -4.41 -43.35
CA SER B 332 29.73 -4.14 -44.71
C SER B 332 29.30 -2.76 -45.20
N LEU B 333 28.06 -2.33 -44.93
CA LEU B 333 27.59 -0.97 -45.23
C LEU B 333 28.41 0.11 -44.51
N ASN B 334 28.81 -0.11 -43.25
CA ASN B 334 29.69 0.81 -42.53
C ASN B 334 31.18 0.63 -42.88
N GLU B 335 31.52 -0.27 -43.80
CA GLU B 335 32.87 -0.50 -44.29
C GLU B 335 33.91 -0.77 -43.20
N MET B 336 33.56 -1.49 -42.13
CA MET B 336 34.43 -1.74 -40.98
C MET B 336 34.78 -3.22 -40.75
N VAL B 337 34.90 -4.01 -41.82
CA VAL B 337 35.32 -5.42 -41.74
C VAL B 337 36.76 -5.57 -41.21
N ASN B 338 37.66 -4.65 -41.54
CA ASN B 338 39.10 -4.74 -41.20
C ASN B 338 39.58 -3.82 -40.07
N ASP B 339 38.70 -3.05 -39.42
CA ASP B 339 39.04 -2.22 -38.26
C ASP B 339 39.48 -3.06 -37.05
N SER B 340 40.20 -2.48 -36.09
CA SER B 340 40.68 -3.22 -34.91
C SER B 340 39.53 -3.70 -34.02
N TRP B 341 39.73 -4.76 -33.23
CA TRP B 341 38.62 -5.41 -32.53
C TRP B 341 37.93 -4.47 -31.53
N GLY B 342 38.66 -3.55 -30.92
CA GLY B 342 38.10 -2.55 -30.00
C GLY B 342 37.15 -1.56 -30.69
N LYS B 343 37.43 -1.17 -31.93
CA LYS B 343 36.53 -0.33 -32.73
C LYS B 343 35.23 -1.07 -33.05
N GLN B 344 35.32 -2.32 -33.50
CA GLN B 344 34.15 -3.15 -33.80
C GLN B 344 33.29 -3.41 -32.57
N TYR B 345 33.90 -3.78 -31.44
CA TYR B 345 33.17 -4.04 -30.20
C TYR B 345 32.50 -2.78 -29.64
N SER B 346 33.19 -1.64 -29.64
CA SER B 346 32.59 -0.39 -29.14
C SER B 346 31.37 -0.01 -29.94
N TYR B 347 31.42 -0.19 -31.27
CA TYR B 347 30.28 0.09 -32.13
C TYR B 347 29.12 -0.91 -31.92
N ALA B 348 29.41 -2.21 -31.82
CA ALA B 348 28.37 -3.21 -31.64
C ALA B 348 27.68 -3.10 -30.28
N LEU B 349 28.39 -2.72 -29.23
CA LEU B 349 27.78 -2.45 -27.92
C LEU B 349 26.93 -1.17 -27.94
N PHE B 350 27.39 -0.11 -28.60
CA PHE B 350 26.57 1.10 -28.79
C PHE B 350 25.25 0.78 -29.50
N LYS B 351 25.30 0.01 -30.58
CA LYS B 351 24.10 -0.45 -31.28
C LYS B 351 23.19 -1.25 -30.35
N ALA B 352 23.73 -2.20 -29.59
CA ALA B 352 22.92 -3.03 -28.69
C ALA B 352 22.21 -2.23 -27.60
N MET B 353 22.90 -1.30 -26.91
CA MET B 353 22.25 -0.51 -25.86
C MET B 353 21.40 0.64 -26.38
N SER B 354 21.60 1.09 -27.61
CA SER B 354 20.66 2.00 -28.27
C SER B 354 19.27 1.39 -28.39
N HIS B 355 19.17 0.10 -28.75
CA HIS B 355 17.90 -0.63 -28.76
C HIS B 355 17.29 -0.78 -27.37
N MET B 356 18.09 -1.13 -26.36
CA MET B 356 17.58 -1.33 -25.00
C MET B 356 16.99 -0.06 -24.37
N LEU B 357 17.66 1.08 -24.52
CA LEU B 357 17.20 2.37 -24.00
C LEU B 357 16.30 3.13 -25.00
N CYS B 358 15.90 2.48 -26.10
CA CYS B 358 14.98 2.99 -27.12
C CYS B 358 15.41 4.28 -27.83
N ILE B 359 16.67 4.46 -28.16
CA ILE B 359 17.06 5.69 -28.79
C ILE B 359 17.02 5.71 -30.28
N GLY B 360 17.56 4.73 -30.94
CA GLY B 360 17.55 4.67 -32.39
C GLY B 360 18.12 3.32 -32.78
N TYR B 361 18.77 3.17 -33.90
CA TYR B 361 19.41 1.93 -34.22
C TYR B 361 20.78 2.15 -34.80
N GLY B 362 21.52 3.13 -34.37
CA GLY B 362 22.82 3.35 -34.94
C GLY B 362 22.68 4.12 -36.21
N ALA B 363 23.55 3.89 -37.17
CA ALA B 363 23.64 4.67 -38.35
C ALA B 363 22.35 4.78 -39.13
N GLN B 364 21.76 3.67 -39.47
CA GLN B 364 20.50 3.63 -40.24
C GLN B 364 19.70 2.42 -39.90
N ALA B 365 18.49 2.35 -40.38
CA ALA B 365 17.57 1.25 -40.12
C ALA B 365 18.00 0.05 -40.85
N PRO B 366 17.69 -1.17 -40.37
CA PRO B 366 18.11 -2.43 -40.97
C PRO B 366 17.73 -2.57 -42.45
N VAL B 367 18.55 -3.33 -43.19
CA VAL B 367 18.43 -3.49 -44.66
C VAL B 367 18.22 -4.95 -45.11
N SER B 368 18.55 -5.94 -44.28
CA SER B 368 18.50 -7.35 -44.64
C SER B 368 17.62 -8.16 -43.69
N MET B 369 17.32 -9.41 -44.04
CA MET B 369 16.43 -10.25 -43.23
C MET B 369 17.03 -10.63 -41.88
N SER B 370 18.29 -10.97 -41.81
CA SER B 370 18.83 -11.30 -40.55
C SER B 370 18.80 -10.11 -39.66
N ASP B 371 19.26 -8.96 -40.12
CA ASP B 371 19.32 -7.75 -39.31
C ASP B 371 17.97 -7.29 -38.78
N LEU B 372 16.93 -7.51 -39.57
CA LEU B 372 15.64 -7.11 -39.18
C LEU B 372 15.15 -7.89 -38.06
N TRP B 373 15.35 -9.19 -38.05
CA TRP B 373 14.86 -10.07 -36.98
C TRP B 373 15.74 -10.07 -35.73
N ILE B 374 17.06 -9.89 -35.84
CA ILE B 374 17.92 -9.63 -34.68
C ILE B 374 17.56 -8.30 -34.02
N THR B 375 17.30 -7.24 -34.78
CA THR B 375 16.92 -5.93 -34.23
C THR B 375 15.63 -6.01 -33.44
N MET B 376 14.58 -6.63 -33.97
CA MET B 376 13.32 -6.76 -33.25
C MET B 376 13.44 -7.60 -31.98
N LEU B 377 14.19 -8.70 -32.01
CA LEU B 377 14.44 -9.50 -30.81
C LEU B 377 15.16 -8.66 -29.74
N SER B 378 16.15 -7.88 -30.14
CA SER B 378 16.87 -6.97 -29.24
C SER B 378 15.98 -5.86 -28.69
N MET B 379 15.13 -5.23 -29.50
CA MET B 379 14.13 -4.26 -29.06
C MET B 379 13.18 -4.84 -28.02
N ILE B 380 12.61 -6.04 -28.24
CA ILE B 380 11.66 -6.67 -27.31
C ILE B 380 12.33 -7.05 -25.99
N VAL B 381 13.49 -7.69 -26.03
CA VAL B 381 14.26 -8.02 -24.82
C VAL B 381 14.69 -6.77 -24.08
N GLY B 382 15.12 -5.72 -24.77
CA GLY B 382 15.50 -4.45 -24.18
C GLY B 382 14.33 -3.71 -23.53
N ALA B 383 13.26 -3.44 -24.27
CA ALA B 383 12.14 -2.66 -23.75
C ALA B 383 11.37 -3.36 -22.62
N THR B 384 11.26 -4.69 -22.63
CA THR B 384 10.67 -5.43 -21.49
C THR B 384 11.61 -5.50 -20.29
N CYS B 385 12.92 -5.47 -20.48
CA CYS B 385 13.87 -5.42 -19.38
C CYS B 385 13.99 -4.04 -18.71
N TYR B 386 13.92 -2.94 -19.46
CA TYR B 386 13.91 -1.59 -18.89
C TYR B 386 12.61 -1.28 -18.11
N ALA B 387 11.46 -1.82 -18.52
CA ALA B 387 10.23 -1.75 -17.74
C ALA B 387 10.34 -2.39 -16.35
N MET B 388 11.10 -3.49 -16.20
CA MET B 388 11.37 -4.10 -14.89
C MET B 388 12.27 -3.23 -14.02
N PHE B 389 13.19 -2.47 -14.62
CA PHE B 389 13.98 -1.47 -13.89
C PHE B 389 13.13 -0.33 -13.36
N VAL B 390 12.23 0.25 -14.17
CA VAL B 390 11.27 1.25 -13.69
C VAL B 390 10.39 0.69 -12.56
N GLY B 391 10.00 -0.58 -12.64
CA GLY B 391 9.30 -1.26 -11.55
C GLY B 391 10.12 -1.28 -10.26
N HIS B 392 11.36 -1.76 -10.28
CA HIS B 392 12.19 -1.81 -9.07
C HIS B 392 12.56 -0.42 -8.55
N ALA B 393 12.81 0.56 -9.41
CA ALA B 393 13.02 1.94 -9.00
C ALA B 393 11.81 2.50 -8.24
N THR B 394 10.59 2.17 -8.69
CA THR B 394 9.36 2.56 -7.99
C THR B 394 9.23 1.85 -6.64
N ALA B 395 9.52 0.55 -6.57
CA ALA B 395 9.53 -0.20 -5.32
C ALA B 395 10.58 0.32 -4.32
N LEU B 396 11.76 0.75 -4.78
CA LEU B 396 12.76 1.35 -3.89
C LEU B 396 12.23 2.64 -3.30
N ILE B 397 11.83 3.60 -4.13
CA ILE B 397 11.43 4.95 -3.70
C ILE B 397 10.27 4.90 -2.70
N GLN B 398 9.25 4.08 -2.94
CA GLN B 398 8.13 3.92 -2.00
C GLN B 398 8.49 3.21 -0.70
N SER B 399 9.63 2.52 -0.59
CA SER B 399 10.06 1.94 0.69
C SER B 399 10.79 2.94 1.58
N LEU B 400 11.37 4.01 1.01
CA LEU B 400 12.23 4.94 1.74
C LEU B 400 11.44 5.96 2.55
N ASP B 401 10.31 6.46 2.07
CA ASP B 401 9.52 7.46 2.79
C ASP B 401 8.40 6.88 3.67
N SER B 402 8.46 5.58 3.98
CA SER B 402 7.43 4.83 4.71
C SER B 402 6.94 5.53 5.97
N SER B 403 7.83 5.95 6.86
CA SER B 403 7.43 6.59 8.12
C SER B 403 6.78 7.95 7.90
N ARG B 404 7.34 8.81 7.05
CA ARG B 404 6.73 10.11 6.72
C ARG B 404 5.40 9.94 6.03
N ARG B 405 5.28 8.93 5.24
CA ARG B 405 4.08 8.77 4.55
C ARG B 405 3.03 8.32 5.43
N GLN B 406 3.27 7.35 6.23
CA GLN B 406 2.28 6.86 7.18
C GLN B 406 1.85 7.94 8.19
N TYR B 407 2.74 8.83 8.66
CA TYR B 407 2.31 9.96 9.47
C TYR B 407 1.35 10.88 8.73
N GLN B 408 1.65 11.25 7.48
CA GLN B 408 0.75 12.05 6.67
C GLN B 408 -0.60 11.34 6.45
N GLU B 409 -0.58 10.06 6.12
CA GLU B 409 -1.79 9.29 5.86
C GLU B 409 -2.65 9.11 7.11
N LYS B 410 -2.03 9.00 8.29
CA LYS B 410 -2.72 9.06 9.59
C LYS B 410 -3.34 10.44 9.82
N TYR B 411 -2.58 11.52 9.72
CA TYR B 411 -3.07 12.83 10.10
C TYR B 411 -4.15 13.36 9.13
N LYS B 412 -4.05 13.05 7.85
CA LYS B 412 -5.11 13.35 6.86
C LYS B 412 -6.46 12.77 7.27
N GLN B 413 -6.47 11.63 7.94
CA GLN B 413 -7.68 10.98 8.45
C GLN B 413 -8.33 11.74 9.61
N VAL B 414 -7.57 12.52 10.38
CA VAL B 414 -8.12 13.40 11.42
C VAL B 414 -8.89 14.56 10.79
N GLU B 415 -8.44 15.11 9.67
CA GLU B 415 -9.17 16.16 8.96
C GLU B 415 -10.49 15.64 8.35
N GLN B 416 -10.58 14.36 7.98
CA GLN B 416 -11.85 13.75 7.60
C GLN B 416 -12.86 13.78 8.76
N TYR B 417 -12.40 13.53 9.98
CA TYR B 417 -13.23 13.58 11.18
C TYR B 417 -13.62 15.02 11.55
N MET B 418 -12.67 15.95 11.60
CA MET B 418 -12.95 17.35 11.93
C MET B 418 -13.88 18.02 10.93
N SER B 419 -13.78 17.69 9.64
CA SER B 419 -14.69 18.23 8.62
C SER B 419 -16.06 17.56 8.61
N PHE B 420 -16.18 16.26 8.89
CA PHE B 420 -17.48 15.59 9.02
C PHE B 420 -18.33 16.20 10.15
N HIS B 421 -17.72 16.54 11.28
CA HIS B 421 -18.37 17.25 12.39
C HIS B 421 -18.39 18.78 12.22
N LYS B 422 -17.85 19.32 11.13
CA LYS B 422 -17.86 20.76 10.79
C LYS B 422 -17.27 21.65 11.90
N LEU B 423 -16.16 21.25 12.51
CA LEU B 423 -15.59 21.97 13.67
C LEU B 423 -15.09 23.39 13.33
N PRO B 424 -15.20 24.37 14.24
CA PRO B 424 -14.65 25.72 14.10
C PRO B 424 -13.14 25.76 13.87
N ALA B 425 -12.65 26.81 13.23
CA ALA B 425 -11.26 26.92 12.77
C ALA B 425 -10.23 27.13 13.91
N ASP B 426 -10.60 27.73 15.03
CA ASP B 426 -9.72 27.82 16.20
C ASP B 426 -9.61 26.47 16.94
N MET B 427 -10.69 25.69 16.99
CA MET B 427 -10.65 24.35 17.57
C MET B 427 -9.82 23.38 16.74
N ARG B 428 -9.84 23.56 15.41
CA ARG B 428 -9.00 22.74 14.55
C ARG B 428 -7.53 23.00 14.90
N GLN B 429 -7.18 24.26 15.19
CA GLN B 429 -5.80 24.62 15.56
C GLN B 429 -5.38 23.96 16.87
N LYS B 430 -6.22 23.89 17.90
CA LYS B 430 -5.87 23.16 19.14
C LYS B 430 -5.62 21.68 18.87
N ILE B 431 -6.42 21.06 18.01
CA ILE B 431 -6.25 19.65 17.65
C ILE B 431 -4.97 19.43 16.84
N HIS B 432 -4.67 20.29 15.88
CA HIS B 432 -3.45 20.20 15.10
C HIS B 432 -2.21 20.37 15.97
N ASP B 433 -2.21 21.37 16.85
CA ASP B 433 -1.12 21.66 17.77
C ASP B 433 -0.88 20.52 18.78
N TYR B 434 -1.94 19.94 19.35
CA TYR B 434 -1.80 18.78 20.23
C TYR B 434 -1.09 17.61 19.54
N TYR B 435 -1.42 17.30 18.29
CA TYR B 435 -0.74 16.23 17.56
C TYR B 435 0.75 16.49 17.36
N GLU B 436 1.20 17.74 17.26
CA GLU B 436 2.64 18.04 17.20
C GLU B 436 3.31 17.81 18.55
N HIS B 437 2.70 18.23 19.66
CA HIS B 437 3.28 18.02 21.00
C HIS B 437 3.18 16.60 21.53
N ARG B 438 2.32 15.74 21.03
CA ARG B 438 2.28 14.43 21.58
C ARG B 438 3.03 13.45 20.85
N TYR B 439 3.20 13.57 19.57
CA TYR B 439 3.89 12.60 18.73
C TYR B 439 5.16 13.12 18.05
N GLN B 440 5.41 14.44 18.02
CA GLN B 440 6.60 15.05 17.42
C GLN B 440 6.88 14.57 15.98
N GLY B 441 5.83 14.32 15.20
CA GLY B 441 5.93 13.90 13.80
C GLY B 441 6.34 12.44 13.57
N LYS B 442 6.39 11.61 14.62
CA LYS B 442 6.76 10.19 14.56
C LYS B 442 5.54 9.30 14.71
N ILE B 443 5.42 8.24 13.91
CA ILE B 443 4.29 7.30 13.97
C ILE B 443 4.69 5.95 14.55
N PHE B 444 3.95 5.50 15.56
CA PHE B 444 4.06 4.23 16.26
C PHE B 444 2.78 4.00 17.09
N ASP B 445 2.61 2.80 17.66
CA ASP B 445 1.56 2.53 18.65
C ASP B 445 2.19 1.91 19.91
N GLU B 446 2.39 2.72 20.95
CA GLU B 446 3.16 2.34 22.15
C GLU B 446 2.57 1.10 22.83
N GLU B 447 1.25 1.03 22.93
CA GLU B 447 0.55 -0.11 23.55
C GLU B 447 0.64 -1.39 22.72
N ASN B 448 0.97 -1.32 21.44
CA ASN B 448 1.20 -2.50 20.61
C ASN B 448 2.67 -2.94 20.66
N ILE B 449 3.63 -2.01 20.60
CA ILE B 449 5.07 -2.35 20.69
C ILE B 449 5.43 -2.91 22.05
N LEU B 450 5.03 -2.26 23.15
CA LEU B 450 5.38 -2.70 24.51
C LEU B 450 4.85 -4.09 24.84
N ASN B 451 3.77 -4.51 24.18
CA ASN B 451 3.11 -5.80 24.37
C ASN B 451 3.84 -6.98 23.69
N GLU B 452 4.69 -6.73 22.69
CA GLU B 452 5.48 -7.78 22.04
C GLU B 452 6.78 -8.11 22.77
N LEU B 453 7.34 -7.16 23.51
CA LEU B 453 8.52 -7.37 24.35
C LEU B 453 8.18 -8.23 25.57
N ASN B 454 9.14 -9.00 26.06
CA ASN B 454 9.01 -9.76 27.30
C ASN B 454 8.99 -8.87 28.54
N ASP B 455 8.74 -9.45 29.72
CA ASP B 455 8.73 -8.72 30.98
C ASP B 455 10.03 -7.96 31.30
N PRO B 456 11.23 -8.57 31.27
CA PRO B 456 12.44 -7.88 31.67
C PRO B 456 12.94 -6.79 30.71
N LEU B 457 12.58 -6.77 29.42
CA LEU B 457 12.82 -5.59 28.58
C LEU B 457 11.86 -4.46 28.93
N ARG B 458 10.57 -4.77 29.08
CA ARG B 458 9.52 -3.80 29.39
C ARG B 458 9.76 -3.11 30.74
N GLU B 459 10.30 -3.84 31.71
CA GLU B 459 10.75 -3.34 33.00
C GLU B 459 11.93 -2.36 32.90
N GLU B 460 12.86 -2.58 31.96
CA GLU B 460 14.04 -1.74 31.78
C GLU B 460 13.71 -0.43 31.04
N ILE B 461 12.96 -0.50 29.95
CA ILE B 461 12.49 0.68 29.21
C ILE B 461 11.63 1.59 30.09
N VAL B 462 10.69 1.01 30.85
CA VAL B 462 9.84 1.78 31.76
C VAL B 462 10.56 2.34 32.99
N ASN B 463 11.77 1.89 33.32
CA ASN B 463 12.65 2.60 34.26
C ASN B 463 13.35 3.78 33.61
N PHE B 464 13.93 3.60 32.42
CA PHE B 464 14.71 4.65 31.76
C PHE B 464 13.90 5.91 31.46
N ASN B 465 12.62 5.78 31.10
CA ASN B 465 11.73 6.92 30.89
C ASN B 465 11.43 7.75 32.15
N CYS B 466 11.69 7.22 33.34
CA CYS B 466 11.22 7.77 34.61
C CYS B 466 12.31 8.01 35.66
N ARG B 467 13.61 7.86 35.34
CA ARG B 467 14.68 8.08 36.34
C ARG B 467 14.66 9.47 36.98
N LYS B 468 14.14 10.48 36.27
CA LYS B 468 13.90 11.81 36.80
C LYS B 468 12.89 11.82 37.97
N LEU B 469 11.81 11.06 37.89
CA LEU B 469 10.85 10.94 39.00
C LEU B 469 11.46 10.15 40.16
N VAL B 470 12.09 9.01 39.87
CA VAL B 470 12.63 8.09 40.89
C VAL B 470 13.73 8.74 41.73
N ALA B 471 14.53 9.65 41.15
CA ALA B 471 15.50 10.45 41.89
C ALA B 471 14.87 11.67 42.59
N THR B 472 14.03 12.43 41.90
CA THR B 472 13.55 13.72 42.41
C THR B 472 12.44 13.62 43.46
N MET B 473 11.60 12.58 43.44
CA MET B 473 10.39 12.50 44.27
C MET B 473 10.61 11.61 45.50
N PRO B 474 10.19 12.03 46.70
CA PRO B 474 10.68 11.45 47.95
C PRO B 474 10.08 10.10 48.30
N LEU B 475 8.88 9.77 47.83
CA LEU B 475 8.19 8.54 48.22
C LEU B 475 8.75 7.29 47.51
N PHE B 476 9.18 7.42 46.26
CA PHE B 476 9.87 6.34 45.54
C PHE B 476 11.32 6.20 46.00
N ALA B 477 12.01 7.29 46.32
CA ALA B 477 13.47 7.32 46.53
C ALA B 477 13.99 6.42 47.67
N ASN B 478 13.14 6.00 48.61
CA ASN B 478 13.50 5.11 49.71
C ASN B 478 12.68 3.81 49.77
N ALA B 479 11.80 3.55 48.81
CA ALA B 479 10.97 2.34 48.76
C ALA B 479 11.76 1.10 48.28
N ASP B 480 11.21 -0.10 48.52
CA ASP B 480 11.74 -1.34 47.96
C ASP B 480 11.60 -1.36 46.43
N PRO B 481 12.65 -1.66 45.64
CA PRO B 481 12.59 -1.63 44.16
C PRO B 481 11.50 -2.51 43.53
N ASN B 482 11.06 -3.57 44.19
CA ASN B 482 9.91 -4.37 43.74
C ASN B 482 8.56 -3.64 43.87
N PHE B 483 8.42 -2.62 44.73
CA PHE B 483 7.28 -1.70 44.72
C PHE B 483 7.40 -0.65 43.61
N VAL B 484 8.56 -0.01 43.44
CA VAL B 484 8.72 1.06 42.43
C VAL B 484 8.45 0.51 41.03
N THR B 485 8.99 -0.65 40.69
CA THR B 485 8.68 -1.34 39.42
C THR B 485 7.24 -1.82 39.31
N ALA B 486 6.52 -2.03 40.42
CA ALA B 486 5.10 -2.33 40.39
C ALA B 486 4.22 -1.12 40.05
N MET B 487 4.63 0.12 40.40
CA MET B 487 3.93 1.32 39.93
C MET B 487 4.33 1.72 38.51
N LEU B 488 5.62 1.86 38.23
CA LEU B 488 6.07 2.41 36.94
C LEU B 488 5.59 1.57 35.74
N SER B 489 5.40 0.26 35.91
CA SER B 489 4.86 -0.61 34.86
C SER B 489 3.37 -0.36 34.54
N LYS B 490 2.64 0.41 35.34
CA LYS B 490 1.21 0.70 35.17
C LYS B 490 0.87 2.16 34.89
N LEU B 491 1.86 3.06 34.87
CA LEU B 491 1.65 4.46 34.44
C LEU B 491 1.33 4.55 32.94
N ARG B 492 0.52 5.53 32.55
CA ARG B 492 0.21 5.91 31.17
C ARG B 492 0.61 7.36 30.90
N PHE B 493 0.97 7.71 29.68
CA PHE B 493 1.57 9.01 29.35
C PHE B 493 0.56 9.96 28.70
N GLU B 494 0.49 11.21 29.16
CA GLU B 494 -0.47 12.23 28.70
C GLU B 494 0.16 13.62 28.58
N VAL B 495 -0.41 14.48 27.72
CA VAL B 495 0.08 15.83 27.43
C VAL B 495 -1.05 16.85 27.52
N PHE B 496 -0.80 18.02 28.10
CA PHE B 496 -1.79 19.08 28.26
C PHE B 496 -1.26 20.43 27.77
N GLN B 497 -2.11 21.17 27.06
CA GLN B 497 -1.81 22.50 26.52
C GLN B 497 -2.08 23.60 27.57
N PRO B 498 -1.40 24.76 27.52
CA PRO B 498 -1.52 25.78 28.53
C PRO B 498 -2.93 26.37 28.57
N GLY B 499 -3.47 26.54 29.77
CA GLY B 499 -4.83 27.01 30.03
C GLY B 499 -5.87 25.92 30.22
N ASP B 500 -5.61 24.67 29.82
CA ASP B 500 -6.53 23.54 30.05
C ASP B 500 -6.59 23.12 31.52
N TYR B 501 -7.80 22.83 32.02
CA TYR B 501 -8.00 22.22 33.33
C TYR B 501 -7.79 20.71 33.26
N ILE B 502 -6.95 20.18 34.15
CA ILE B 502 -6.75 18.74 34.33
C ILE B 502 -7.79 18.20 35.32
N ILE B 503 -8.11 18.98 36.35
CA ILE B 503 -9.04 18.66 37.44
C ILE B 503 -10.01 19.83 37.66
N ARG B 504 -11.27 19.56 37.94
CA ARG B 504 -12.27 20.54 38.40
C ARG B 504 -12.85 20.13 39.76
N GLU B 505 -13.18 21.06 40.65
CA GLU B 505 -13.69 20.72 41.97
C GLU B 505 -15.07 20.18 41.94
N GLY B 506 -15.34 19.14 42.66
CA GLY B 506 -16.68 18.68 42.69
C GLY B 506 -17.08 17.69 41.66
N ALA B 507 -16.13 16.93 41.22
CA ALA B 507 -16.32 15.78 40.34
C ALA B 507 -16.01 14.54 41.11
N VAL B 508 -15.55 13.49 40.47
CA VAL B 508 -15.13 12.27 41.17
C VAL B 508 -14.07 11.42 40.46
N GLY B 509 -13.06 10.96 41.22
CA GLY B 509 -12.30 9.74 40.98
C GLY B 509 -11.46 9.60 39.70
N LYS B 510 -11.35 8.36 39.23
CA LYS B 510 -10.64 7.91 38.04
C LYS B 510 -9.10 7.89 38.07
N LYS B 511 -8.38 9.00 38.35
CA LYS B 511 -6.93 9.13 38.10
C LYS B 511 -6.14 9.88 39.18
N MET B 512 -4.82 9.70 39.21
CA MET B 512 -3.86 10.68 39.77
C MET B 512 -2.69 10.91 38.82
N TYR B 513 -1.93 12.00 38.99
CA TYR B 513 -0.91 12.42 38.04
C TYR B 513 0.45 12.71 38.68
N PHE B 514 1.54 12.32 38.01
CA PHE B 514 2.93 12.67 38.32
C PHE B 514 3.47 13.58 37.21
N ILE B 515 4.08 14.71 37.57
CA ILE B 515 4.57 15.69 36.60
C ILE B 515 5.97 15.29 36.11
N GLN B 516 6.12 14.82 34.88
CA GLN B 516 7.44 14.51 34.32
C GLN B 516 8.16 15.80 33.93
N HIS B 517 7.45 16.73 33.27
CA HIS B 517 7.99 18.02 32.84
C HIS B 517 6.88 19.08 32.78
N GLY B 518 7.20 20.35 33.01
CA GLY B 518 6.26 21.46 32.99
C GLY B 518 5.75 21.87 34.38
N VAL B 519 4.75 22.74 34.42
CA VAL B 519 4.22 23.35 35.65
C VAL B 519 2.70 23.32 35.66
N ALA B 520 2.11 23.03 36.82
CA ALA B 520 0.67 23.02 37.03
C ALA B 520 0.31 23.82 38.29
N GLY B 521 -0.79 24.58 38.26
CA GLY B 521 -1.23 25.41 39.38
C GLY B 521 -2.47 24.86 40.07
N VAL B 522 -2.53 24.98 41.39
CA VAL B 522 -3.64 24.49 42.23
C VAL B 522 -4.50 25.66 42.71
N ILE B 523 -5.81 25.59 42.52
CA ILE B 523 -6.75 26.72 42.70
C ILE B 523 -7.94 26.30 43.57
N THR B 524 -8.32 27.12 44.55
CA THR B 524 -9.48 26.91 45.42
C THR B 524 -9.98 28.21 46.05
N LYS B 525 -11.21 28.22 46.55
CA LYS B 525 -11.80 29.40 47.18
C LYS B 525 -11.00 29.85 48.41
N SER B 526 -10.65 31.13 48.47
CA SER B 526 -9.79 31.74 49.48
C SER B 526 -8.36 31.18 49.60
N SER B 527 -7.90 30.38 48.63
CA SER B 527 -6.58 29.76 48.67
C SER B 527 -5.43 30.65 48.16
N LYS B 528 -5.72 31.83 47.60
CA LYS B 528 -4.79 32.58 46.75
C LYS B 528 -4.39 31.76 45.51
N GLU B 529 -3.11 31.45 45.33
CA GLU B 529 -2.61 30.57 44.26
C GLU B 529 -1.40 29.75 44.70
N MET B 530 -1.17 28.59 44.08
CA MET B 530 -0.15 27.61 44.45
C MET B 530 0.38 26.87 43.21
N LYS B 531 1.62 26.39 43.24
CA LYS B 531 2.32 25.83 42.07
C LYS B 531 2.98 24.49 42.36
N LEU B 532 2.92 23.56 41.40
CA LEU B 532 3.64 22.29 41.41
C LEU B 532 4.63 22.22 40.25
N THR B 533 5.88 21.89 40.54
CA THR B 533 6.98 21.78 39.59
C THR B 533 7.29 20.33 39.20
N ASP B 534 8.29 20.13 38.35
CA ASP B 534 8.70 18.79 37.88
C ASP B 534 9.04 17.85 39.04
N GLY B 535 8.70 16.57 38.91
CA GLY B 535 8.92 15.57 39.95
C GLY B 535 7.85 15.47 41.04
N SER B 536 6.90 16.41 41.16
CA SER B 536 5.80 16.29 42.14
C SER B 536 4.56 15.58 41.57
N TYR B 537 3.55 15.35 42.41
CA TYR B 537 2.35 14.58 42.07
C TYR B 537 1.09 15.13 42.75
N PHE B 538 -0.07 14.96 42.11
CA PHE B 538 -1.35 15.47 42.58
C PHE B 538 -2.52 14.58 42.19
N GLY B 539 -3.64 14.71 42.88
CA GLY B 539 -4.86 13.93 42.61
C GLY B 539 -5.08 12.73 43.53
N GLU B 540 -4.23 12.51 44.52
CA GLU B 540 -4.31 11.40 45.45
C GLU B 540 -5.47 11.45 46.44
N ILE B 541 -5.95 12.64 46.85
CA ILE B 541 -6.98 12.78 47.90
C ILE B 541 -8.29 12.07 47.53
N CYS B 542 -8.77 12.23 46.30
CA CYS B 542 -9.99 11.58 45.84
C CYS B 542 -9.88 10.06 45.83
N LEU B 543 -8.71 9.51 45.50
CA LEU B 543 -8.49 8.07 45.46
C LEU B 543 -8.32 7.44 46.84
N LEU B 544 -7.72 8.14 47.82
CA LEU B 544 -7.66 7.65 49.19
C LEU B 544 -8.99 7.80 49.94
N THR B 545 -9.58 8.99 49.93
CA THR B 545 -10.79 9.29 50.70
C THR B 545 -12.10 8.77 50.08
N LYS B 546 -12.08 8.37 48.81
CA LYS B 546 -13.25 8.00 48.01
C LYS B 546 -14.28 9.12 47.81
N GLY B 547 -13.98 10.35 48.22
CA GLY B 547 -14.87 11.52 48.12
C GLY B 547 -14.80 12.26 46.79
N ARG B 548 -15.19 13.51 46.78
CA ARG B 548 -15.10 14.31 45.61
C ARG B 548 -13.83 15.12 45.62
N ARG B 549 -13.48 15.77 44.53
CA ARG B 549 -12.28 16.54 44.39
C ARG B 549 -12.36 17.78 45.21
N THR B 550 -11.24 18.38 45.60
CA THR B 550 -11.26 19.48 46.58
C THR B 550 -10.54 20.76 46.14
N ALA B 551 -9.83 20.75 45.01
CA ALA B 551 -9.27 21.94 44.37
C ALA B 551 -9.14 21.69 42.87
N SER B 552 -9.27 22.72 42.05
CA SER B 552 -9.05 22.62 40.59
C SER B 552 -7.56 22.68 40.27
N VAL B 553 -7.12 22.11 39.16
CA VAL B 553 -5.71 22.14 38.74
C VAL B 553 -5.60 22.47 37.26
N ARG B 554 -4.72 23.41 36.93
CA ARG B 554 -4.60 23.89 35.57
C ARG B 554 -3.24 24.05 34.99
N ALA B 555 -3.00 23.63 33.77
CA ALA B 555 -1.68 23.63 33.18
C ALA B 555 -1.18 25.06 32.90
N ASP B 556 0.02 25.40 33.35
CA ASP B 556 0.63 26.73 33.16
C ASP B 556 1.67 26.79 32.03
N THR B 557 2.07 25.66 31.47
CA THR B 557 2.94 25.51 30.31
C THR B 557 2.67 24.16 29.65
N TYR B 558 3.11 23.94 28.41
CA TYR B 558 2.98 22.62 27.78
C TYR B 558 3.68 21.58 28.65
N CYS B 559 2.92 20.66 29.25
CA CYS B 559 3.43 19.75 30.27
C CYS B 559 3.17 18.29 29.93
N ARG B 560 4.11 17.44 30.35
CA ARG B 560 4.07 15.99 30.21
C ARG B 560 3.74 15.38 31.57
N LEU B 561 2.66 14.62 31.64
CA LEU B 561 2.21 13.97 32.86
C LEU B 561 2.21 12.45 32.65
N TYR B 562 2.50 11.71 33.71
CA TYR B 562 2.15 10.30 33.80
C TYR B 562 0.94 10.13 34.71
N SER B 563 -0.03 9.31 34.32
CA SER B 563 -1.26 9.10 35.08
C SER B 563 -1.44 7.64 35.51
N LEU B 564 -2.08 7.45 36.66
CA LEU B 564 -2.34 6.16 37.28
C LEU B 564 -3.83 6.03 37.61
N SER B 565 -4.51 4.97 37.17
CA SER B 565 -5.95 4.82 37.38
C SER B 565 -6.31 4.22 38.73
N VAL B 566 -7.52 4.50 39.23
CA VAL B 566 -7.97 4.11 40.58
C VAL B 566 -7.95 2.60 40.82
N ASP B 567 -8.29 1.80 39.82
CA ASP B 567 -8.23 0.33 39.93
C ASP B 567 -6.79 -0.19 40.02
N ASN B 568 -5.85 0.40 39.29
CA ASN B 568 -4.43 0.04 39.37
C ASN B 568 -3.77 0.54 40.65
N PHE B 569 -4.14 1.73 41.13
CA PHE B 569 -3.63 2.29 42.37
C PHE B 569 -3.93 1.40 43.57
N ASN B 570 -5.17 0.94 43.73
CA ASN B 570 -5.51 0.00 44.80
C ASN B 570 -4.85 -1.37 44.63
N GLU B 571 -4.71 -1.86 43.39
CA GLU B 571 -4.02 -3.12 43.14
C GLU B 571 -2.57 -3.11 43.62
N VAL B 572 -1.83 -2.00 43.48
CA VAL B 572 -0.46 -1.90 44.00
C VAL B 572 -0.45 -1.78 45.52
N LEU B 573 -1.22 -0.86 46.10
CA LEU B 573 -1.17 -0.64 47.54
C LEU B 573 -1.66 -1.83 48.40
N GLU B 574 -2.59 -2.64 47.90
CA GLU B 574 -3.00 -3.88 48.57
C GLU B 574 -1.86 -4.90 48.73
N GLU B 575 -0.87 -4.90 47.84
CA GLU B 575 0.32 -5.73 47.91
C GLU B 575 1.45 -5.14 48.78
N TYR B 576 1.40 -3.85 49.10
CA TYR B 576 2.42 -3.13 49.87
C TYR B 576 1.81 -2.15 50.89
N PRO B 577 1.04 -2.60 51.89
CA PRO B 577 0.32 -1.73 52.83
C PRO B 577 1.17 -0.69 53.57
N MET B 578 2.47 -0.89 53.71
CA MET B 578 3.37 0.12 54.27
C MET B 578 3.44 1.42 53.45
N MET B 579 3.24 1.35 52.12
CA MET B 579 3.29 2.53 51.25
C MET B 579 2.05 3.40 51.36
N ARG B 580 0.86 2.85 51.62
CA ARG B 580 -0.39 3.62 51.76
C ARG B 580 -0.28 4.62 52.90
N ARG B 581 0.41 4.27 53.98
CA ARG B 581 0.64 5.19 55.08
C ARG B 581 1.45 6.42 54.66
N ALA B 582 2.40 6.28 53.74
CA ALA B 582 3.17 7.42 53.25
C ALA B 582 2.28 8.39 52.45
N PHE B 583 1.48 7.87 51.50
CA PHE B 583 0.55 8.70 50.74
C PHE B 583 -0.47 9.38 51.66
N GLU B 584 -0.99 8.68 52.67
CA GLU B 584 -1.92 9.26 53.63
C GLU B 584 -1.29 10.34 54.51
N THR B 585 -0.06 10.13 55.01
CA THR B 585 0.62 11.13 55.84
C THR B 585 1.12 12.35 55.07
N VAL B 586 1.25 12.28 53.74
CA VAL B 586 1.34 13.48 52.89
C VAL B 586 -0.03 14.13 52.70
N ALA B 587 -1.08 13.34 52.40
CA ALA B 587 -2.42 13.84 52.14
C ALA B 587 -2.99 14.67 53.29
N ILE B 588 -2.89 14.18 54.52
CA ILE B 588 -3.41 14.90 55.69
C ILE B 588 -2.71 16.24 55.90
N ASP B 589 -1.42 16.35 55.56
CA ASP B 589 -0.68 17.62 55.66
C ASP B 589 -1.14 18.63 54.60
N ARG B 590 -1.36 18.20 53.35
CA ARG B 590 -1.89 19.08 52.28
C ARG B 590 -3.29 19.60 52.61
N LEU B 591 -4.18 18.75 53.12
CA LEU B 591 -5.52 19.16 53.53
C LEU B 591 -5.51 20.17 54.70
N ASP B 592 -4.43 20.23 55.48
CA ASP B 592 -4.26 21.25 56.50
C ASP B 592 -3.91 22.62 55.91
N ARG B 593 -3.03 22.68 54.89
CA ARG B 593 -2.64 23.96 54.25
C ARG B 593 -3.84 24.64 53.58
N ILE B 594 -4.65 23.88 52.84
CA ILE B 594 -5.87 24.38 52.20
C ILE B 594 -7.04 24.58 53.18
N GLY B 595 -6.89 24.20 54.45
CA GLY B 595 -7.92 24.35 55.49
C GLY B 595 -9.12 23.41 55.39
N LYS B 596 -9.18 22.50 54.42
CA LYS B 596 -10.34 21.62 54.24
C LYS B 596 -10.50 20.56 55.35
N LYS B 597 -9.39 20.12 55.96
CA LYS B 597 -9.37 19.33 57.21
C LYS B 597 -10.30 18.11 57.27
N ASN B 598 -10.43 17.35 56.18
CA ASN B 598 -11.45 16.29 56.04
C ASN B 598 -11.40 15.21 57.13
N SER B 599 -12.54 14.95 57.77
CA SER B 599 -12.62 14.18 59.01
C SER B 599 -12.39 12.67 58.86
N ILE B 600 -12.76 12.07 57.73
CA ILE B 600 -12.65 10.62 57.54
C ILE B 600 -11.20 10.14 57.49
N LEU B 601 -10.32 10.87 56.81
CA LEU B 601 -8.89 10.58 56.77
C LEU B 601 -8.21 10.82 58.13
N LEU B 602 -8.54 11.92 58.82
CA LEU B 602 -8.04 12.22 60.16
C LEU B 602 -8.45 11.16 61.18
N GLN B 603 -9.67 10.63 61.09
CA GLN B 603 -10.14 9.50 61.90
C GLN B 603 -9.42 8.19 61.53
N LYS B 604 -9.13 7.97 60.26
CA LYS B 604 -8.46 6.77 59.76
C LYS B 604 -7.00 6.62 60.21
N PHE B 605 -6.35 7.69 60.69
CA PHE B 605 -4.95 7.66 61.11
C PHE B 605 -4.74 7.32 62.60
N GLN B 606 -5.73 7.57 63.45
CA GLN B 606 -5.58 7.55 64.91
C GLN B 606 -5.15 6.19 65.49
N LYS B 607 -4.20 6.23 66.43
CA LYS B 607 -3.69 5.07 67.18
C LYS B 607 -3.18 3.89 66.33
N ASP B 608 -2.57 4.16 65.18
CA ASP B 608 -1.93 3.17 64.31
C ASP B 608 -0.82 2.38 65.00
N MET C 94 22.84 47.26 19.78
CA MET C 94 24.20 47.14 20.31
C MET C 94 24.74 45.72 20.12
N GLN C 95 26.05 45.52 20.28
CA GLN C 95 26.75 44.26 19.96
C GLN C 95 26.25 43.01 20.72
N ARG C 96 25.62 43.19 21.88
CA ARG C 96 24.98 42.09 22.61
C ARG C 96 23.82 41.44 21.85
N GLN C 97 23.14 42.17 20.97
CA GLN C 97 22.14 41.62 20.05
C GLN C 97 22.77 40.77 18.93
N PHE C 98 24.02 41.04 18.57
CA PHE C 98 24.81 40.20 17.68
C PHE C 98 25.34 38.94 18.39
N THR C 99 25.84 39.07 19.63
CA THR C 99 26.25 37.93 20.45
C THR C 99 25.10 36.96 20.76
N SER C 100 23.85 37.45 20.80
CA SER C 100 22.64 36.64 20.93
C SER C 100 22.20 35.90 19.66
N MET C 101 22.81 36.17 18.50
CA MET C 101 22.44 35.57 17.21
C MET C 101 23.00 34.16 16.99
N LEU C 102 24.06 33.77 17.71
CA LEU C 102 24.72 32.48 17.59
C LEU C 102 24.13 31.38 18.50
N GLN C 103 23.33 31.73 19.51
CA GLN C 103 22.60 30.81 20.39
C GLN C 103 21.22 30.41 19.85
N PRO C 104 20.59 29.32 20.32
CA PRO C 104 19.28 28.89 19.85
C PRO C 104 18.19 29.91 20.13
N GLY C 105 17.22 30.01 19.23
CA GLY C 105 16.06 30.91 19.35
C GLY C 105 14.87 30.29 20.06
N VAL C 106 13.78 31.05 20.01
CA VAL C 106 12.51 30.72 20.65
C VAL C 106 11.32 30.63 19.72
N ASN C 107 11.58 30.47 18.42
CA ASN C 107 10.58 30.18 17.39
C ASN C 107 10.00 28.76 17.58
N LYS C 108 8.81 28.45 17.02
CA LYS C 108 8.08 27.22 17.35
C LYS C 108 8.83 25.91 17.10
N PHE C 109 9.82 25.90 16.21
CA PHE C 109 10.71 24.75 16.02
C PHE C 109 11.49 24.42 17.31
N SER C 110 12.05 25.44 17.97
CA SER C 110 12.82 25.26 19.21
C SER C 110 11.94 24.66 20.30
N LEU C 111 10.72 25.17 20.47
CA LEU C 111 9.72 24.60 21.37
C LEU C 111 9.34 23.15 21.00
N ARG C 112 9.16 22.83 19.73
CA ARG C 112 8.88 21.47 19.28
C ARG C 112 10.02 20.49 19.55
N MET C 113 11.28 20.92 19.43
CA MET C 113 12.45 20.07 19.67
C MET C 113 12.72 19.83 21.15
N PHE C 114 12.53 20.84 22.01
CA PHE C 114 12.96 20.79 23.41
C PHE C 114 11.84 20.72 24.45
N GLY C 115 10.60 21.07 24.09
CA GLY C 115 9.48 21.20 25.03
C GLY C 115 9.23 22.64 25.44
N SER C 116 9.01 22.90 26.72
CA SER C 116 8.75 24.26 27.23
C SER C 116 9.96 25.20 27.12
N GLN C 117 9.73 26.49 27.31
CA GLN C 117 10.79 27.50 27.37
C GLN C 117 11.86 27.20 28.41
N LYS C 118 11.54 26.49 29.50
CA LYS C 118 12.51 26.08 30.52
C LYS C 118 13.53 25.04 30.02
N ALA C 119 13.23 24.29 28.96
CA ALA C 119 14.23 23.46 28.29
C ALA C 119 15.08 24.27 27.30
N VAL C 120 14.46 25.18 26.54
CA VAL C 120 15.15 26.06 25.58
C VAL C 120 16.14 26.97 26.30
N GLU C 121 15.73 27.64 27.37
CA GLU C 121 16.60 28.55 28.13
C GLU C 121 17.76 27.83 28.84
N LYS C 122 17.62 26.54 29.15
CA LYS C 122 18.73 25.71 29.65
C LYS C 122 19.75 25.39 28.55
N GLU C 123 19.29 24.97 27.37
CA GLU C 123 20.19 24.73 26.23
C GLU C 123 20.88 26.02 25.76
N GLN C 124 20.18 27.16 25.80
CA GLN C 124 20.74 28.47 25.51
C GLN C 124 21.89 28.86 26.47
N GLU C 125 21.83 28.50 27.75
CA GLU C 125 22.96 28.65 28.66
C GLU C 125 24.07 27.61 28.43
N ARG C 126 23.70 26.45 27.94
CA ARG C 126 24.71 25.45 27.68
C ARG C 126 25.68 25.91 26.65
N VAL C 127 25.19 26.58 25.63
CA VAL C 127 26.03 27.22 24.59
C VAL C 127 26.93 28.30 25.19
N LYS C 128 26.35 29.28 25.89
CA LYS C 128 27.07 30.44 26.45
C LYS C 128 28.18 30.04 27.44
N THR C 129 28.01 28.95 28.17
CA THR C 129 28.97 28.41 29.15
C THR C 129 30.05 27.49 28.55
N ALA C 130 30.03 27.23 27.24
CA ALA C 130 31.08 26.47 26.55
C ALA C 130 32.31 27.35 26.23
N GLY C 131 33.10 26.96 25.20
CA GLY C 131 34.26 27.73 24.72
C GLY C 131 33.92 29.12 24.15
N PHE C 132 34.94 29.90 23.80
CA PHE C 132 34.83 31.33 23.54
C PHE C 132 33.72 31.73 22.54
N TRP C 133 33.64 31.02 21.41
CA TRP C 133 32.49 31.03 20.50
C TRP C 133 32.17 29.63 20.01
N ILE C 134 30.89 29.26 20.00
CA ILE C 134 30.35 28.11 19.29
C ILE C 134 29.01 28.53 18.68
N ILE C 135 28.73 28.09 17.45
CA ILE C 135 27.51 28.39 16.71
C ILE C 135 26.55 27.22 16.92
N HIS C 136 25.35 27.47 17.41
CA HIS C 136 24.36 26.40 17.57
C HIS C 136 23.73 26.07 16.22
N PRO C 137 23.50 24.81 15.85
CA PRO C 137 23.07 24.45 14.51
C PRO C 137 21.68 24.98 14.13
N TYR C 138 20.84 25.29 15.12
CA TYR C 138 19.52 25.90 14.92
C TYR C 138 19.51 27.42 15.12
N SER C 139 20.66 28.05 15.25
CA SER C 139 20.73 29.51 15.43
C SER C 139 20.28 30.27 14.19
N ASP C 140 19.79 31.49 14.38
CA ASP C 140 19.43 32.37 13.26
C ASP C 140 20.65 32.71 12.39
N PHE C 141 21.84 32.80 12.99
CA PHE C 141 23.08 32.99 12.23
C PHE C 141 23.42 31.80 11.32
N ARG C 142 23.25 30.59 11.83
CA ARG C 142 23.49 29.39 11.04
C ARG C 142 22.49 29.30 9.87
N PHE C 143 21.27 29.66 10.15
CA PHE C 143 20.27 29.60 9.14
C PHE C 143 20.31 30.63 8.05
N TYR C 144 20.66 31.84 8.34
CA TYR C 144 20.95 32.83 7.30
C TYR C 144 22.26 32.56 6.56
N TRP C 145 23.30 32.05 7.23
CA TRP C 145 24.52 31.64 6.54
C TRP C 145 24.27 30.54 5.53
N ASP C 146 23.51 29.52 5.87
CA ASP C 146 23.14 28.47 4.93
C ASP C 146 22.36 29.01 3.72
N LEU C 147 21.44 29.97 3.89
CA LEU C 147 20.76 30.60 2.75
C LEU C 147 21.72 31.40 1.85
N ILE C 148 22.65 32.18 2.43
CA ILE C 148 23.67 32.88 1.67
C ILE C 148 24.51 31.89 0.85
N MET C 149 24.92 30.76 1.44
CA MET C 149 25.60 29.71 0.70
C MET C 149 24.74 29.10 -0.39
N LEU C 150 23.53 28.62 -0.10
CA LEU C 150 22.68 27.96 -1.10
C LEU C 150 22.43 28.83 -2.35
N ILE C 151 22.09 30.10 -2.17
CA ILE C 151 21.82 31.03 -3.27
C ILE C 151 23.06 31.26 -4.13
N MET C 152 24.24 31.37 -3.52
CA MET C 152 25.51 31.55 -4.23
C MET C 152 26.05 30.27 -4.86
N MET C 153 25.86 29.13 -4.20
CA MET C 153 26.35 27.82 -4.61
C MET C 153 25.64 27.28 -5.85
N VAL C 154 24.33 27.46 -5.97
CA VAL C 154 23.62 27.16 -7.23
C VAL C 154 24.14 28.02 -8.38
N GLY C 155 24.42 29.30 -8.13
CA GLY C 155 25.06 30.18 -9.11
C GLY C 155 26.44 29.70 -9.58
N ASN C 156 27.27 29.20 -8.68
CA ASN C 156 28.60 28.67 -9.01
C ASN C 156 28.55 27.33 -9.77
N LEU C 157 27.70 26.38 -9.37
CA LEU C 157 27.55 25.12 -10.09
C LEU C 157 26.90 25.27 -11.49
N VAL C 158 26.24 26.40 -11.77
CA VAL C 158 25.79 26.77 -13.11
C VAL C 158 26.88 27.45 -13.94
N ILE C 159 27.56 28.48 -13.42
CA ILE C 159 28.51 29.30 -14.19
C ILE C 159 29.86 28.61 -14.43
N ILE C 160 30.40 27.87 -13.48
CA ILE C 160 31.76 27.31 -13.56
C ILE C 160 31.96 26.37 -14.78
N PRO C 161 31.10 25.37 -15.06
CA PRO C 161 31.25 24.53 -16.24
C PRO C 161 31.29 25.33 -17.55
N VAL C 162 30.48 26.37 -17.69
CA VAL C 162 30.41 27.19 -18.91
C VAL C 162 31.67 28.02 -19.09
N GLY C 163 32.10 28.70 -18.03
CA GLY C 163 33.33 29.49 -18.02
C GLY C 163 34.59 28.67 -18.25
N ILE C 164 34.62 27.40 -17.86
CA ILE C 164 35.73 26.49 -18.18
C ILE C 164 35.64 25.98 -19.62
N THR C 165 34.45 25.59 -20.08
CA THR C 165 34.27 24.89 -21.36
C THR C 165 34.31 25.80 -22.58
N PHE C 166 33.48 26.84 -22.63
CA PHE C 166 33.25 27.61 -23.87
C PHE C 166 34.15 28.83 -24.04
N PHE C 167 35.07 29.08 -23.12
CA PHE C 167 35.97 30.25 -23.12
C PHE C 167 37.45 29.87 -23.05
N THR C 168 38.28 30.55 -23.85
CA THR C 168 39.68 30.76 -23.53
C THR C 168 39.83 31.97 -22.58
N GLU C 169 41.03 32.22 -22.06
CA GLU C 169 41.33 33.40 -21.24
C GLU C 169 40.57 33.49 -19.90
N GLN C 170 40.50 32.39 -19.16
CA GLN C 170 40.06 32.35 -17.74
C GLN C 170 41.00 33.05 -16.73
N THR C 171 42.08 33.70 -17.21
CA THR C 171 42.93 34.61 -16.45
C THR C 171 42.67 36.11 -16.73
N THR C 172 41.61 36.46 -17.47
CA THR C 172 41.22 37.86 -17.72
C THR C 172 40.52 38.50 -16.51
N THR C 173 40.44 39.83 -16.49
CA THR C 173 40.08 40.63 -15.30
C THR C 173 38.81 40.23 -14.55
N PRO C 174 37.63 40.11 -15.20
CA PRO C 174 36.40 39.80 -14.49
C PRO C 174 36.34 38.37 -13.95
N TRP C 175 37.00 37.40 -14.58
CA TRP C 175 37.11 36.03 -14.05
C TRP C 175 38.04 35.94 -12.84
N ILE C 176 39.18 36.65 -12.84
CA ILE C 176 40.06 36.73 -11.66
C ILE C 176 39.31 37.36 -10.48
N ILE C 177 38.51 38.40 -10.69
CA ILE C 177 37.68 39.01 -9.66
C ILE C 177 36.60 38.06 -9.13
N PHE C 178 35.82 37.42 -10.01
CA PHE C 178 34.73 36.51 -9.62
C PHE C 178 35.21 35.25 -8.91
N ASN C 179 36.23 34.58 -9.44
CA ASN C 179 36.78 33.39 -8.76
C ASN C 179 37.50 33.64 -7.49
N VAL C 180 38.16 34.77 -7.34
CA VAL C 180 38.69 35.14 -6.02
C VAL C 180 37.57 35.38 -5.01
N ALA C 181 36.57 36.20 -5.33
CA ALA C 181 35.47 36.53 -4.41
C ALA C 181 34.70 35.28 -3.97
N SER C 182 34.25 34.45 -4.92
CA SER C 182 33.58 33.16 -4.67
C SER C 182 34.50 32.04 -4.16
N ASP C 183 35.79 32.30 -3.94
CA ASP C 183 36.65 31.43 -3.12
C ASP C 183 36.61 31.81 -1.64
N THR C 184 36.64 33.10 -1.30
CA THR C 184 36.64 33.56 0.11
C THR C 184 35.42 33.08 0.90
N VAL C 185 34.20 33.18 0.35
CA VAL C 185 32.98 32.79 1.09
C VAL C 185 32.96 31.28 1.37
N PHE C 186 33.37 30.45 0.40
CA PHE C 186 33.48 29.00 0.61
C PHE C 186 34.64 28.58 1.52
N LEU C 187 35.62 29.45 1.77
CA LEU C 187 36.69 29.24 2.75
C LEU C 187 36.29 29.71 4.17
N LEU C 188 35.52 30.80 4.30
CA LEU C 188 34.89 31.16 5.58
C LEU C 188 33.89 30.09 6.02
N ASP C 189 33.15 29.51 5.09
CA ASP C 189 32.27 28.39 5.38
C ASP C 189 33.02 27.18 5.96
N LEU C 190 34.21 26.87 5.43
CA LEU C 190 35.09 25.83 5.98
C LEU C 190 35.56 26.17 7.40
N ILE C 191 35.89 27.43 7.70
CA ILE C 191 36.25 27.89 9.04
C ILE C 191 35.07 27.74 10.01
N MET C 192 33.88 28.21 9.67
CA MET C 192 32.72 28.09 10.55
C MET C 192 32.26 26.64 10.78
N ASN C 193 32.57 25.69 9.91
CA ASN C 193 32.29 24.28 10.20
C ASN C 193 33.20 23.68 11.28
N PHE C 194 34.35 24.28 11.62
CA PHE C 194 35.09 23.92 12.84
C PHE C 194 34.46 24.48 14.12
N ARG C 195 33.60 25.47 14.02
CA ARG C 195 32.90 26.06 15.15
C ARG C 195 31.36 26.00 15.14
N THR C 196 30.77 25.02 14.50
CA THR C 196 29.34 24.72 14.52
C THR C 196 29.07 23.42 15.26
N GLY C 197 28.13 23.42 16.21
CA GLY C 197 27.74 22.22 16.93
C GLY C 197 27.02 21.20 16.02
N THR C 198 27.53 19.98 15.92
CA THR C 198 26.91 18.92 15.12
C THR C 198 25.67 18.34 15.81
N VAL C 199 24.58 18.21 15.09
CA VAL C 199 23.46 17.34 15.46
C VAL C 199 23.93 15.88 15.42
N ASN C 200 23.48 15.05 16.36
CA ASN C 200 23.84 13.63 16.41
C ASN C 200 22.66 12.75 15.96
N GLU C 201 22.90 11.87 14.98
CA GLU C 201 21.93 10.88 14.52
C GLU C 201 21.54 9.86 15.62
N ASP C 202 22.40 9.66 16.61
CA ASP C 202 22.12 8.88 17.83
C ASP C 202 21.15 9.57 18.82
N SER C 203 20.51 10.69 18.45
CA SER C 203 19.46 11.41 19.20
C SER C 203 19.88 12.01 20.55
N SER C 204 21.18 12.12 20.84
CA SER C 204 21.69 12.78 22.04
C SER C 204 21.43 14.30 22.03
N GLU C 205 21.81 14.98 23.11
CA GLU C 205 22.09 16.42 23.07
C GLU C 205 23.17 16.74 22.01
N ILE C 206 23.10 17.94 21.43
CA ILE C 206 24.04 18.43 20.42
C ILE C 206 25.46 18.49 20.98
N ILE C 207 26.46 18.06 20.20
CA ILE C 207 27.81 17.82 20.70
C ILE C 207 28.52 19.07 21.27
N LEU C 208 28.28 20.24 20.67
CA LEU C 208 28.48 21.59 21.26
C LEU C 208 29.80 21.84 22.02
N ASP C 209 30.92 21.23 21.64
CA ASP C 209 32.24 21.46 22.24
C ASP C 209 33.37 21.41 21.20
N PRO C 210 34.41 22.25 21.31
CA PRO C 210 35.35 22.47 20.20
C PRO C 210 36.26 21.27 19.93
N LYS C 211 36.74 20.58 20.98
CA LYS C 211 37.63 19.43 20.82
C LYS C 211 36.91 18.20 20.24
N VAL C 212 35.60 18.06 20.47
CA VAL C 212 34.79 17.02 19.84
C VAL C 212 34.46 17.35 18.39
N ILE C 213 34.08 18.61 18.09
CA ILE C 213 33.73 19.06 16.74
C ILE C 213 34.93 19.02 15.78
N LYS C 214 36.09 19.53 16.19
CA LYS C 214 37.30 19.50 15.38
C LYS C 214 37.80 18.08 15.07
N MET C 215 37.59 17.12 15.97
CA MET C 215 37.90 15.72 15.73
C MET C 215 36.85 15.02 14.84
N ASN C 216 35.57 15.34 15.03
CA ASN C 216 34.48 14.73 14.26
C ASN C 216 34.42 15.20 12.80
N TYR C 217 34.79 16.45 12.52
CA TYR C 217 34.79 17.02 11.17
C TYR C 217 35.96 16.52 10.32
N LEU C 218 37.19 16.57 10.85
CA LEU C 218 38.39 16.18 10.11
C LEU C 218 38.40 14.70 9.71
N LYS C 219 37.69 13.85 10.44
CA LYS C 219 37.49 12.42 10.12
C LYS C 219 36.37 12.15 9.09
N SER C 220 35.80 13.18 8.47
CA SER C 220 34.68 13.07 7.54
C SER C 220 34.85 14.00 6.33
N TRP C 221 33.99 15.00 6.14
CA TRP C 221 33.91 15.79 4.92
C TRP C 221 35.06 16.77 4.68
N PHE C 222 35.94 17.01 5.65
CA PHE C 222 36.99 18.03 5.52
C PHE C 222 37.88 17.86 4.29
N VAL C 223 38.22 16.63 3.89
CA VAL C 223 39.07 16.39 2.72
C VAL C 223 38.44 16.90 1.41
N VAL C 224 37.13 16.71 1.21
CA VAL C 224 36.39 17.27 0.07
C VAL C 224 36.10 18.77 0.22
N ASP C 225 35.81 19.24 1.44
CA ASP C 225 35.58 20.66 1.70
C ASP C 225 36.83 21.51 1.48
N PHE C 226 38.02 21.03 1.77
CA PHE C 226 39.25 21.78 1.53
C PHE C 226 39.58 21.86 0.03
N ILE C 227 39.61 20.72 -0.68
CA ILE C 227 39.90 20.65 -2.12
C ILE C 227 38.96 21.55 -2.94
N SER C 228 37.68 21.60 -2.61
CA SER C 228 36.69 22.45 -3.29
C SER C 228 36.77 23.94 -2.95
N SER C 229 37.50 24.34 -1.90
CA SER C 229 37.58 25.72 -1.43
C SER C 229 38.77 26.50 -1.97
N ILE C 230 39.98 25.91 -1.96
CA ILE C 230 41.19 26.59 -2.42
C ILE C 230 41.29 26.67 -3.97
N PRO C 231 41.88 27.73 -4.54
CA PRO C 231 42.03 27.90 -5.99
C PRO C 231 43.22 27.08 -6.55
N VAL C 232 43.08 25.75 -6.59
CA VAL C 232 44.13 24.80 -7.04
C VAL C 232 44.72 25.14 -8.41
N ASP C 233 43.91 25.58 -9.35
CA ASP C 233 44.33 25.97 -10.70
C ASP C 233 45.24 27.20 -10.70
N TYR C 234 44.90 28.26 -9.96
CA TYR C 234 45.79 29.42 -9.85
C TYR C 234 47.04 29.12 -9.01
N ILE C 235 46.94 28.27 -7.98
CA ILE C 235 48.11 27.83 -7.21
C ILE C 235 49.10 27.07 -8.12
N PHE C 236 48.61 26.11 -8.90
CA PHE C 236 49.41 25.39 -9.89
C PHE C 236 50.03 26.30 -10.95
N LEU C 237 49.26 27.27 -11.46
CA LEU C 237 49.74 28.28 -12.41
C LEU C 237 50.86 29.15 -11.81
N ILE C 238 50.77 29.51 -10.53
CA ILE C 238 51.81 30.28 -9.81
C ILE C 238 53.06 29.43 -9.59
N VAL C 239 52.92 28.18 -9.18
CA VAL C 239 54.07 27.27 -8.98
C VAL C 239 54.80 26.97 -10.30
N GLU C 240 54.08 26.75 -11.40
CA GLU C 240 54.66 26.53 -12.72
C GLU C 240 55.22 27.79 -13.40
N LYS C 241 54.96 28.98 -12.87
CA LYS C 241 55.33 30.25 -13.49
C LYS C 241 56.82 30.63 -13.39
N GLY C 242 57.63 29.87 -12.65
CA GLY C 242 59.07 30.14 -12.50
C GLY C 242 59.80 29.11 -11.64
N ARG C 252 54.42 24.55 -27.77
CA ARG C 252 55.06 24.13 -26.52
C ARG C 252 54.14 24.29 -25.31
N ALA C 253 53.84 25.52 -24.90
CA ALA C 253 53.11 25.82 -23.64
C ALA C 253 51.62 25.42 -23.62
N LEU C 254 51.00 25.10 -24.78
CA LEU C 254 49.55 24.89 -24.88
C LEU C 254 48.98 23.78 -23.97
N ARG C 255 49.78 22.77 -23.60
CA ARG C 255 49.36 21.72 -22.67
C ARG C 255 49.01 22.24 -21.25
N ILE C 256 49.61 23.36 -20.82
CA ILE C 256 49.33 23.96 -19.51
C ILE C 256 47.90 24.51 -19.44
N VAL C 257 47.39 25.06 -20.54
CA VAL C 257 46.02 25.57 -20.63
C VAL C 257 45.00 24.43 -20.56
N ARG C 258 45.31 23.27 -21.14
CA ARG C 258 44.49 22.07 -21.00
C ARG C 258 44.53 21.50 -19.57
N PHE C 259 45.70 21.40 -18.95
CA PHE C 259 45.77 20.84 -17.59
C PHE C 259 45.14 21.75 -16.54
N THR C 260 45.29 23.08 -16.65
CA THR C 260 44.62 24.02 -15.73
C THR C 260 43.09 24.03 -15.90
N LYS C 261 42.55 23.81 -17.11
CA LYS C 261 41.11 23.52 -17.30
C LYS C 261 40.67 22.30 -16.50
N ILE C 262 41.37 21.17 -16.62
CA ILE C 262 41.05 19.95 -15.88
C ILE C 262 41.14 20.14 -14.36
N LEU C 263 42.17 20.82 -13.84
CA LEU C 263 42.28 21.15 -12.41
C LEU C 263 41.14 22.03 -11.92
N SER C 264 40.73 23.04 -12.69
CA SER C 264 39.71 24.00 -12.24
C SER C 264 38.33 23.37 -12.00
N LEU C 265 38.02 22.24 -12.62
CA LEU C 265 36.78 21.48 -12.40
C LEU C 265 36.64 20.86 -11.00
N LEU C 266 37.70 20.85 -10.17
CA LEU C 266 37.58 20.46 -8.76
C LEU C 266 36.54 21.31 -8.01
N ARG C 267 36.26 22.53 -8.44
CA ARG C 267 35.23 23.39 -7.85
C ARG C 267 33.81 22.82 -7.93
N LEU C 268 33.54 21.82 -8.76
CA LEU C 268 32.21 21.19 -8.81
C LEU C 268 31.92 20.31 -7.58
N LEU C 269 32.91 19.93 -6.78
CA LEU C 269 32.71 19.18 -5.54
C LEU C 269 31.93 19.94 -4.46
N ARG C 270 31.58 21.19 -4.78
CA ARG C 270 30.74 22.00 -3.91
C ARG C 270 29.37 21.32 -3.79
N LEU C 271 28.95 20.59 -4.84
CA LEU C 271 27.69 19.86 -4.83
C LEU C 271 27.49 19.03 -3.55
N SER C 272 28.57 18.58 -2.90
CA SER C 272 28.47 17.89 -1.61
C SER C 272 27.91 18.82 -0.53
N ARG C 273 28.35 20.09 -0.46
CA ARG C 273 27.78 21.09 0.43
C ARG C 273 26.35 21.44 0.07
N LEU C 274 26.01 21.56 -1.21
CA LEU C 274 24.62 21.79 -1.60
C LEU C 274 23.69 20.67 -1.12
N ILE C 275 24.09 19.40 -1.25
CA ILE C 275 23.31 18.27 -0.73
C ILE C 275 23.24 18.26 0.81
N ARG C 276 24.36 18.44 1.51
CA ARG C 276 24.40 18.49 2.98
C ARG C 276 23.55 19.62 3.55
N TYR C 277 23.66 20.83 3.00
CA TYR C 277 22.94 21.99 3.53
C TYR C 277 21.45 21.93 3.22
N ILE C 278 21.03 21.45 2.04
CA ILE C 278 19.60 21.24 1.77
C ILE C 278 19.01 20.22 2.75
N HIS C 279 19.58 19.04 2.93
CA HIS C 279 18.96 18.00 3.77
C HIS C 279 18.82 18.39 5.25
N GLN C 280 19.64 19.31 5.77
CA GLN C 280 19.44 19.86 7.13
C GLN C 280 18.41 21.01 7.15
N TRP C 281 18.56 21.99 6.27
CA TRP C 281 17.66 23.15 6.16
C TRP C 281 16.22 22.74 5.82
N GLU C 282 16.04 21.72 4.98
CA GLU C 282 14.73 21.16 4.63
C GLU C 282 14.00 20.60 5.83
N GLU C 283 14.65 19.85 6.72
CA GLU C 283 13.98 19.27 7.89
C GLU C 283 13.40 20.32 8.84
N ILE C 284 14.02 21.50 8.96
CA ILE C 284 13.47 22.59 9.78
C ILE C 284 12.17 23.11 9.17
N PHE C 285 12.15 23.38 7.86
CA PHE C 285 10.93 23.81 7.17
C PHE C 285 9.87 22.69 7.14
N HIS C 286 10.26 21.45 6.90
CA HIS C 286 9.35 20.31 6.83
C HIS C 286 8.75 19.94 8.20
N MET C 287 9.46 20.19 9.30
CA MET C 287 8.93 20.09 10.67
C MET C 287 7.97 21.23 11.03
N THR C 288 8.27 22.46 10.61
CA THR C 288 7.47 23.65 10.96
C THR C 288 6.24 23.86 10.08
N TYR C 289 6.32 23.66 8.76
CA TYR C 289 5.30 24.07 7.80
C TYR C 289 4.49 22.92 7.15
N ASP C 290 4.83 21.67 7.45
CA ASP C 290 4.05 20.47 7.11
C ASP C 290 3.73 20.18 5.62
N LEU C 291 4.55 20.63 4.66
CA LEU C 291 4.40 20.25 3.25
C LEU C 291 4.72 18.75 3.03
N ALA C 292 3.94 18.07 2.19
CA ALA C 292 3.97 16.61 2.02
C ALA C 292 5.27 16.06 1.43
N SER C 293 5.63 14.82 1.81
CA SER C 293 6.90 14.17 1.45
C SER C 293 7.20 14.20 -0.05
N ALA C 294 6.29 13.69 -0.89
CA ALA C 294 6.56 13.56 -2.32
C ALA C 294 6.72 14.91 -3.03
N VAL C 295 6.06 15.97 -2.56
CA VAL C 295 6.19 17.32 -3.15
C VAL C 295 7.62 17.83 -2.98
N VAL C 296 8.14 17.73 -1.77
CA VAL C 296 9.49 18.20 -1.44
C VAL C 296 10.55 17.38 -2.18
N ARG C 297 10.38 16.05 -2.21
CA ARG C 297 11.29 15.15 -2.92
C ARG C 297 11.31 15.38 -4.43
N ILE C 298 10.18 15.68 -5.07
CA ILE C 298 10.14 16.04 -6.50
C ILE C 298 10.86 17.37 -6.77
N PHE C 299 10.63 18.41 -5.97
CA PHE C 299 11.31 19.69 -6.21
C PHE C 299 12.83 19.63 -5.97
N ASN C 300 13.32 18.70 -5.15
CA ASN C 300 14.75 18.38 -5.11
C ASN C 300 15.22 17.66 -6.39
N LEU C 301 14.50 16.63 -6.86
CA LEU C 301 14.91 15.86 -8.04
C LEU C 301 14.89 16.66 -9.34
N ILE C 302 13.94 17.57 -9.54
CA ILE C 302 13.92 18.45 -10.72
C ILE C 302 15.17 19.33 -10.78
N GLY C 303 15.68 19.77 -9.62
CA GLY C 303 16.95 20.50 -9.56
C GLY C 303 18.13 19.66 -10.01
N MET C 304 18.19 18.39 -9.61
CA MET C 304 19.26 17.48 -10.05
C MET C 304 19.19 17.14 -11.54
N LEU C 305 18.00 16.90 -12.10
CA LEU C 305 17.84 16.61 -13.53
C LEU C 305 18.40 17.74 -14.39
N LEU C 306 18.01 18.99 -14.13
CA LEU C 306 18.50 20.15 -14.87
C LEU C 306 20.01 20.35 -14.68
N LEU C 307 20.55 20.09 -13.49
CA LEU C 307 21.97 20.27 -13.24
C LEU C 307 22.82 19.21 -13.95
N LEU C 308 22.47 17.93 -13.86
CA LEU C 308 23.19 16.85 -14.56
C LEU C 308 23.16 17.07 -16.06
N CYS C 309 22.00 17.45 -16.58
CA CYS C 309 21.80 17.79 -17.98
C CYS C 309 22.66 18.97 -18.44
N HIS C 310 22.76 20.03 -17.65
CA HIS C 310 23.64 21.16 -17.90
C HIS C 310 25.13 20.76 -17.90
N TRP C 311 25.58 19.96 -16.94
CA TRP C 311 26.97 19.49 -16.88
C TRP C 311 27.33 18.55 -18.02
N ASP C 312 26.43 17.63 -18.39
CA ASP C 312 26.60 16.77 -19.56
C ASP C 312 26.71 17.61 -20.85
N GLY C 313 25.84 18.60 -21.02
CA GLY C 313 25.93 19.58 -22.10
C GLY C 313 27.23 20.39 -22.15
N CYS C 314 28.02 20.42 -21.08
CA CYS C 314 29.38 20.95 -21.11
C CYS C 314 30.42 19.87 -21.43
N LEU C 315 30.31 18.70 -20.80
CA LEU C 315 31.21 17.58 -21.02
C LEU C 315 31.28 17.16 -22.49
N GLN C 316 30.15 17.18 -23.19
CA GLN C 316 30.03 16.81 -24.60
C GLN C 316 30.82 17.72 -25.54
N PHE C 317 31.21 18.92 -25.09
CA PHE C 317 32.05 19.85 -25.82
C PHE C 317 33.47 19.92 -25.26
N LEU C 318 33.63 19.78 -23.94
CA LEU C 318 34.93 19.81 -23.29
C LEU C 318 35.89 18.73 -23.82
N VAL C 319 35.44 17.49 -24.03
CA VAL C 319 36.35 16.43 -24.51
C VAL C 319 36.88 16.74 -25.93
N PRO C 320 36.04 17.12 -26.92
CA PRO C 320 36.54 17.69 -28.16
C PRO C 320 37.53 18.83 -28.00
N LEU C 321 37.32 19.76 -27.07
CA LEU C 321 38.25 20.87 -26.85
C LEU C 321 39.60 20.41 -26.33
N LEU C 322 39.63 19.53 -25.33
CA LEU C 322 40.87 18.98 -24.79
C LEU C 322 41.62 18.10 -25.80
N GLN C 323 40.94 17.56 -26.81
CA GLN C 323 41.54 16.86 -27.94
C GLN C 323 41.90 17.80 -29.11
N ASP C 324 41.68 19.12 -28.98
CA ASP C 324 41.89 20.10 -30.05
C ASP C 324 41.07 19.84 -31.33
N PHE C 325 39.79 19.51 -31.19
CA PHE C 325 38.79 19.40 -32.27
C PHE C 325 39.22 18.48 -33.43
N PRO C 326 39.35 17.17 -33.20
CA PRO C 326 39.79 16.23 -34.22
C PRO C 326 38.76 16.09 -35.36
N PRO C 327 39.17 15.89 -36.63
CA PRO C 327 38.29 15.89 -37.80
C PRO C 327 37.10 14.93 -37.77
N ASP C 328 37.12 13.89 -36.96
CA ASP C 328 36.02 12.95 -36.83
C ASP C 328 34.91 13.33 -35.84
N CYS C 329 35.12 14.31 -34.94
CA CYS C 329 34.17 14.63 -33.86
C CYS C 329 32.98 15.48 -34.31
N TRP C 330 31.90 15.51 -33.50
CA TRP C 330 30.66 16.17 -33.88
C TRP C 330 30.81 17.68 -34.17
N VAL C 331 31.72 18.37 -33.49
CA VAL C 331 31.92 19.82 -33.68
C VAL C 331 32.49 20.11 -35.07
N SER C 332 33.44 19.30 -35.53
CA SER C 332 34.08 19.50 -36.84
C SER C 332 33.20 19.03 -38.00
N LEU C 333 32.50 17.90 -37.86
CA LEU C 333 31.51 17.45 -38.85
C LEU C 333 30.36 18.44 -39.06
N ASN C 334 29.88 19.09 -37.99
CA ASN C 334 28.88 20.15 -38.09
C ASN C 334 29.46 21.52 -38.47
N GLU C 335 30.77 21.62 -38.69
CA GLU C 335 31.45 22.82 -39.13
C GLU C 335 31.20 24.06 -38.26
N MET C 336 31.10 23.90 -36.93
CA MET C 336 30.79 24.98 -35.98
C MET C 336 31.88 25.30 -34.97
N VAL C 337 33.15 25.16 -35.36
CA VAL C 337 34.30 25.52 -34.51
C VAL C 337 34.36 27.02 -34.20
N ASN C 338 33.95 27.88 -35.14
CA ASN C 338 34.07 29.35 -35.01
C ASN C 338 32.75 30.10 -34.74
N ASP C 339 31.62 29.41 -34.57
CA ASP C 339 30.35 30.02 -34.20
C ASP C 339 30.38 30.67 -32.81
N SER C 340 29.49 31.60 -32.50
CA SER C 340 29.46 32.27 -31.19
C SER C 340 29.15 31.31 -30.04
N TRP C 341 29.57 31.63 -28.81
CA TRP C 341 29.50 30.66 -27.71
C TRP C 341 28.05 30.23 -27.40
N GLY C 342 27.08 31.13 -27.57
CA GLY C 342 25.67 30.82 -27.37
C GLY C 342 25.12 29.80 -28.37
N LYS C 343 25.57 29.83 -29.62
CA LYS C 343 25.21 28.82 -30.63
C LYS C 343 25.77 27.46 -30.26
N GLN C 344 27.04 27.38 -29.87
CA GLN C 344 27.70 26.13 -29.46
C GLN C 344 27.06 25.54 -28.20
N TYR C 345 26.80 26.35 -27.18
CA TYR C 345 26.16 25.89 -25.95
C TYR C 345 24.73 25.42 -26.17
N SER C 346 23.92 26.14 -26.95
CA SER C 346 22.54 25.73 -27.22
C SER C 346 22.50 24.38 -27.92
N TYR C 347 23.41 24.15 -28.86
CA TYR C 347 23.51 22.86 -29.54
C TYR C 347 23.99 21.74 -28.62
N ALA C 348 25.03 21.96 -27.80
CA ALA C 348 25.55 20.94 -26.92
C ALA C 348 24.56 20.55 -25.82
N LEU C 349 23.77 21.49 -25.30
CA LEU C 349 22.68 21.19 -24.36
C LEU C 349 21.54 20.41 -25.02
N PHE C 350 21.14 20.76 -26.25
CA PHE C 350 20.16 19.99 -27.00
C PHE C 350 20.61 18.54 -27.19
N LYS C 351 21.87 18.33 -27.59
CA LYS C 351 22.44 16.98 -27.69
C LYS C 351 22.40 16.24 -26.35
N ALA C 352 22.79 16.88 -25.26
CA ALA C 352 22.80 16.25 -23.95
C ALA C 352 21.41 15.82 -23.47
N MET C 353 20.39 16.67 -23.58
CA MET C 353 19.05 16.29 -23.13
C MET C 353 18.28 15.41 -24.11
N SER C 354 18.66 15.38 -25.39
CA SER C 354 18.17 14.38 -26.32
C SER C 354 18.51 12.95 -25.86
N HIS C 355 19.73 12.73 -25.34
CA HIS C 355 20.11 11.44 -24.74
C HIS C 355 19.32 11.13 -23.47
N MET C 356 19.15 12.10 -22.58
CA MET C 356 18.43 11.88 -21.31
C MET C 356 16.95 11.49 -21.51
N LEU C 357 16.24 12.17 -22.40
CA LEU C 357 14.83 11.89 -22.70
C LEU C 357 14.67 10.84 -23.82
N CYS C 358 15.75 10.19 -24.24
CA CYS C 358 15.79 9.11 -25.22
C CYS C 358 15.23 9.45 -26.62
N ILE C 359 15.50 10.61 -27.16
CA ILE C 359 14.94 10.93 -28.45
C ILE C 359 15.78 10.57 -29.63
N GLY C 360 17.03 10.91 -29.63
CA GLY C 360 17.92 10.61 -30.73
C GLY C 360 19.30 11.01 -30.30
N TYR C 361 20.19 11.40 -31.20
CA TYR C 361 21.47 11.91 -30.79
C TYR C 361 21.86 13.13 -31.56
N GLY C 362 20.94 13.99 -31.93
CA GLY C 362 21.33 15.14 -32.68
C GLY C 362 21.41 14.79 -34.13
N ALA C 363 22.29 15.42 -34.86
CA ALA C 363 22.37 15.30 -36.28
C ALA C 363 22.53 13.89 -36.77
N GLN C 364 23.52 13.18 -36.29
CA GLN C 364 23.78 11.79 -36.70
C GLN C 364 24.42 11.02 -35.60
N ALA C 365 24.56 9.73 -35.77
CA ALA C 365 25.13 8.83 -34.78
C ALA C 365 26.59 9.04 -34.68
N PRO C 366 27.23 8.79 -33.53
CA PRO C 366 28.66 9.01 -33.32
C PRO C 366 29.57 8.33 -34.33
N VAL C 367 30.74 8.92 -34.59
CA VAL C 367 31.70 8.50 -35.62
C VAL C 367 33.07 8.14 -35.07
N SER C 368 33.45 8.59 -33.87
CA SER C 368 34.78 8.39 -33.30
C SER C 368 34.72 7.68 -31.94
N MET C 369 35.87 7.26 -31.43
CA MET C 369 35.92 6.52 -30.16
C MET C 369 35.55 7.37 -28.95
N SER C 370 35.98 8.58 -28.87
CA SER C 370 35.61 9.37 -27.75
C SER C 370 34.14 9.59 -27.76
N ASP C 371 33.56 9.99 -28.88
CA ASP C 371 32.14 10.29 -28.98
C ASP C 371 31.25 9.09 -28.65
N LEU C 372 31.70 7.90 -28.99
CA LEU C 372 30.94 6.74 -28.75
C LEU C 372 30.83 6.45 -27.33
N TRP C 373 31.90 6.59 -26.57
CA TRP C 373 31.90 6.29 -25.13
C TRP C 373 31.33 7.41 -24.27
N ILE C 374 31.47 8.70 -24.64
CA ILE C 374 30.72 9.80 -24.00
C ILE C 374 29.21 9.64 -24.23
N THR C 375 28.78 9.27 -25.44
CA THR C 375 27.35 9.08 -25.73
C THR C 375 26.73 7.99 -24.88
N MET C 376 27.37 6.82 -24.78
CA MET C 376 26.84 5.73 -23.96
C MET C 376 26.80 6.07 -22.48
N LEU C 377 27.83 6.75 -21.94
CA LEU C 377 27.81 7.20 -20.55
C LEU C 377 26.64 8.16 -20.31
N SER C 378 26.40 9.10 -21.23
CA SER C 378 25.28 10.02 -21.17
C SER C 378 23.93 9.32 -21.28
N MET C 379 23.76 8.35 -22.18
CA MET C 379 22.55 7.52 -22.28
C MET C 379 22.27 6.77 -20.98
N ILE C 380 23.26 6.13 -20.35
CA ILE C 380 23.06 5.35 -19.11
C ILE C 380 22.71 6.26 -17.94
N VAL C 381 23.43 7.37 -17.74
CA VAL C 381 23.13 8.36 -16.70
C VAL C 381 21.76 9.00 -16.93
N GLY C 382 21.41 9.31 -18.16
CA GLY C 382 20.11 9.87 -18.51
C GLY C 382 18.94 8.91 -18.28
N ALA C 383 18.99 7.71 -18.87
CA ALA C 383 17.89 6.76 -18.78
C ALA C 383 17.65 6.20 -17.37
N THR C 384 18.71 6.03 -16.56
CA THR C 384 18.54 5.66 -15.13
C THR C 384 18.05 6.82 -14.28
N CYS C 385 18.35 8.08 -14.62
CA CYS C 385 17.83 9.24 -13.91
C CYS C 385 16.35 9.56 -14.24
N TYR C 386 15.91 9.38 -15.48
CA TYR C 386 14.50 9.55 -15.84
C TYR C 386 13.58 8.47 -15.23
N ALA C 387 14.06 7.23 -15.07
CA ALA C 387 13.35 6.19 -14.33
C ALA C 387 13.08 6.56 -12.86
N MET C 388 13.99 7.28 -12.20
CA MET C 388 13.78 7.80 -10.84
C MET C 388 12.72 8.90 -10.79
N PHE C 389 12.60 9.70 -11.85
CA PHE C 389 11.53 10.68 -11.99
C PHE C 389 10.15 10.01 -12.13
N VAL C 390 10.02 9.00 -12.99
CA VAL C 390 8.79 8.20 -13.08
C VAL C 390 8.42 7.55 -11.74
N GLY C 391 9.42 7.09 -10.98
CA GLY C 391 9.21 6.62 -9.62
C GLY C 391 8.62 7.67 -8.69
N HIS C 392 9.23 8.86 -8.60
CA HIS C 392 8.69 9.91 -7.74
C HIS C 392 7.35 10.46 -8.22
N ALA C 393 7.11 10.57 -9.52
CA ALA C 393 5.80 10.93 -10.05
C ALA C 393 4.71 9.93 -9.62
N THR C 394 5.03 8.64 -9.60
CA THR C 394 4.13 7.60 -9.11
C THR C 394 3.88 7.71 -7.61
N ALA C 395 4.92 7.94 -6.82
CA ALA C 395 4.80 8.19 -5.38
C ALA C 395 3.98 9.45 -5.05
N LEU C 396 4.09 10.52 -5.83
CA LEU C 396 3.27 11.71 -5.63
C LEU C 396 1.80 11.39 -5.88
N ILE C 397 1.45 10.87 -7.05
CA ILE C 397 0.06 10.62 -7.47
C ILE C 397 -0.66 9.70 -6.48
N GLN C 398 -0.04 8.61 -6.04
CA GLN C 398 -0.63 7.71 -5.05
C GLN C 398 -0.77 8.31 -3.64
N SER C 399 -0.10 9.40 -3.31
CA SER C 399 -0.31 10.06 -2.01
C SER C 399 -1.50 11.02 -2.01
N LEU C 400 -1.92 11.51 -3.18
CA LEU C 400 -2.95 12.54 -3.28
C LEU C 400 -4.38 12.00 -3.14
N ASP C 401 -4.67 10.81 -3.68
CA ASP C 401 -6.02 10.24 -3.60
C ASP C 401 -6.24 9.30 -2.40
N SER C 402 -5.38 9.36 -1.38
CA SER C 402 -5.37 8.48 -0.21
C SER C 402 -6.74 8.30 0.42
N SER C 403 -7.45 9.38 0.75
CA SER C 403 -8.76 9.27 1.42
C SER C 403 -9.82 8.66 0.52
N ARG C 404 -9.93 9.07 -0.75
CA ARG C 404 -10.87 8.47 -1.71
C ARG C 404 -10.56 7.01 -1.96
N ARG C 405 -9.30 6.68 -1.95
CA ARG C 405 -8.97 5.37 -2.23
C ARG C 405 -9.30 4.49 -1.13
N GLN C 406 -8.95 4.85 0.05
CA GLN C 406 -9.27 4.06 1.23
C GLN C 406 -10.78 3.91 1.44
N TYR C 407 -11.61 4.91 1.15
CA TYR C 407 -13.06 4.72 1.17
C TYR C 407 -13.52 3.67 0.16
N GLN C 408 -13.04 3.72 -1.08
CA GLN C 408 -13.37 2.70 -2.08
C GLN C 408 -12.89 1.31 -1.63
N GLU C 409 -11.67 1.19 -1.13
CA GLU C 409 -11.10 -0.08 -0.70
C GLU C 409 -11.83 -0.66 0.51
N LYS C 410 -12.33 0.18 1.42
CA LYS C 410 -13.24 -0.22 2.49
C LYS C 410 -14.57 -0.70 1.94
N TYR C 411 -15.25 0.07 1.11
CA TYR C 411 -16.61 -0.27 0.68
C TYR C 411 -16.64 -1.50 -0.25
N LYS C 412 -15.62 -1.69 -1.08
CA LYS C 412 -15.46 -2.91 -1.90
C LYS C 412 -15.47 -4.17 -1.04
N GLN C 413 -14.95 -4.10 0.18
CA GLN C 413 -14.92 -5.21 1.14
C GLN C 413 -16.31 -5.57 1.68
N VAL C 414 -17.25 -4.62 1.72
CA VAL C 414 -18.65 -4.90 2.09
C VAL C 414 -19.33 -5.73 1.00
N GLU C 415 -19.05 -5.49 -0.28
CA GLU C 415 -19.59 -6.30 -1.37
C GLU C 415 -19.04 -7.75 -1.35
N GLN C 416 -17.82 -7.97 -0.86
CA GLN C 416 -17.32 -9.32 -0.62
C GLN C 416 -18.19 -10.06 0.41
N TYR C 417 -18.62 -9.37 1.47
CA TYR C 417 -19.49 -9.93 2.50
C TYR C 417 -20.91 -10.16 1.98
N MET C 418 -21.53 -9.18 1.33
CA MET C 418 -22.89 -9.32 0.79
C MET C 418 -22.99 -10.41 -0.28
N SER C 419 -21.96 -10.59 -1.10
CA SER C 419 -21.96 -11.66 -2.11
C SER C 419 -21.63 -13.03 -1.52
N PHE C 420 -20.78 -13.15 -0.50
CA PHE C 420 -20.54 -14.43 0.18
C PHE C 420 -21.82 -15.00 0.82
N HIS C 421 -22.64 -14.15 1.42
CA HIS C 421 -23.96 -14.51 1.96
C HIS C 421 -25.09 -14.50 0.91
N LYS C 422 -24.79 -14.18 -0.36
CA LYS C 422 -25.75 -14.18 -1.48
C LYS C 422 -27.00 -13.34 -1.22
N LEU C 423 -26.86 -12.14 -0.66
CA LEU C 423 -28.01 -11.31 -0.25
C LEU C 423 -28.86 -10.82 -1.45
N PRO C 424 -30.19 -10.69 -1.30
CA PRO C 424 -31.10 -10.12 -2.30
C PRO C 424 -30.75 -8.68 -2.71
N ALA C 425 -31.14 -8.30 -3.92
CA ALA C 425 -30.74 -7.02 -4.52
C ALA C 425 -31.39 -5.78 -3.91
N ASP C 426 -32.58 -5.87 -3.33
CA ASP C 426 -33.19 -4.76 -2.59
C ASP C 426 -32.53 -4.58 -1.21
N MET C 427 -32.11 -5.65 -0.56
CA MET C 427 -31.37 -5.56 0.70
C MET C 427 -29.97 -4.97 0.52
N ARG C 428 -29.36 -5.25 -0.63
CA ARG C 428 -28.07 -4.65 -0.94
C ARG C 428 -28.22 -3.12 -1.02
N GLN C 429 -29.35 -2.66 -1.60
CA GLN C 429 -29.62 -1.23 -1.72
C GLN C 429 -29.78 -0.56 -0.34
N LYS C 430 -30.46 -1.19 0.63
CA LYS C 430 -30.55 -0.61 1.99
C LYS C 430 -29.17 -0.49 2.62
N ILE C 431 -28.30 -1.48 2.44
CA ILE C 431 -26.94 -1.47 2.99
C ILE C 431 -26.09 -0.39 2.30
N HIS C 432 -26.17 -0.26 0.98
CA HIS C 432 -25.44 0.77 0.25
C HIS C 432 -25.88 2.16 0.66
N ASP C 433 -27.18 2.39 0.76
CA ASP C 433 -27.77 3.67 1.16
C ASP C 433 -27.42 4.06 2.60
N TYR C 434 -27.45 3.12 3.54
CA TYR C 434 -27.01 3.38 4.91
C TYR C 434 -25.57 3.87 4.97
N TYR C 435 -24.65 3.27 4.22
CA TYR C 435 -23.27 3.73 4.19
C TYR C 435 -23.11 5.16 3.68
N GLU C 436 -23.97 5.64 2.78
CA GLU C 436 -23.93 7.05 2.36
C GLU C 436 -24.43 7.97 3.47
N HIS C 437 -25.51 7.63 4.17
CA HIS C 437 -26.03 8.46 5.27
C HIS C 437 -25.20 8.41 6.56
N ARG C 438 -24.38 7.41 6.80
CA ARG C 438 -23.66 7.44 8.02
C ARG C 438 -22.32 7.97 7.93
N TYR C 439 -21.65 7.86 6.82
CA TYR C 439 -20.27 8.33 6.66
C TYR C 439 -20.10 9.45 5.63
N GLN C 440 -21.10 9.74 4.78
CA GLN C 440 -21.03 10.82 3.77
C GLN C 440 -19.77 10.77 2.89
N GLY C 441 -19.29 9.56 2.56
CA GLY C 441 -18.13 9.34 1.71
C GLY C 441 -16.76 9.62 2.35
N LYS C 442 -16.70 9.86 3.66
CA LYS C 442 -15.46 10.14 4.42
C LYS C 442 -15.05 8.93 5.24
N ILE C 443 -13.77 8.59 5.27
CA ILE C 443 -13.24 7.46 6.03
C ILE C 443 -12.41 7.91 7.24
N PHE C 444 -12.76 7.37 8.41
CA PHE C 444 -12.14 7.57 9.71
C PHE C 444 -12.64 6.49 10.68
N ASP C 445 -12.05 6.37 11.87
CA ASP C 445 -12.58 5.55 12.96
C ASP C 445 -12.71 6.39 14.25
N GLU C 446 -13.93 6.84 14.54
CA GLU C 446 -14.19 7.82 15.60
C GLU C 446 -13.70 7.34 16.97
N GLU C 447 -13.90 6.06 17.28
CA GLU C 447 -13.48 5.45 18.54
C GLU C 447 -11.96 5.30 18.65
N ASN C 448 -11.22 5.36 17.55
CA ASN C 448 -9.77 5.36 17.57
C ASN C 448 -9.20 6.78 17.68
N ILE C 449 -9.74 7.75 16.94
CA ILE C 449 -9.29 9.15 17.01
C ILE C 449 -9.57 9.77 18.38
N LEU C 450 -10.80 9.64 18.90
CA LEU C 450 -11.17 10.25 20.19
C LEU C 450 -10.34 9.73 21.36
N ASN C 451 -9.80 8.52 21.24
CA ASN C 451 -8.99 7.85 22.25
C ASN C 451 -7.54 8.36 22.32
N GLU C 452 -7.02 8.99 21.27
CA GLU C 452 -5.67 9.57 21.28
C GLU C 452 -5.61 10.98 21.88
N LEU C 453 -6.71 11.73 21.81
CA LEU C 453 -6.84 13.04 22.43
C LEU C 453 -6.91 12.93 23.95
N ASN C 454 -6.43 13.94 24.67
CA ASN C 454 -6.56 14.02 26.13
C ASN C 454 -8.00 14.32 26.56
N ASP C 455 -8.26 14.28 27.87
CA ASP C 455 -9.58 14.57 28.43
C ASP C 455 -10.15 15.94 28.05
N PRO C 456 -9.45 17.08 28.22
CA PRO C 456 -10.04 18.38 27.96
C PRO C 456 -10.27 18.73 26.48
N LEU C 457 -9.60 18.11 25.50
CA LEU C 457 -10.01 18.23 24.09
C LEU C 457 -11.28 17.42 23.82
N ARG C 458 -11.32 16.16 24.32
CA ARG C 458 -12.45 15.26 24.12
C ARG C 458 -13.74 15.80 24.73
N GLU C 459 -13.63 16.50 25.86
CA GLU C 459 -14.71 17.23 26.52
C GLU C 459 -15.23 18.41 25.68
N GLU C 460 -14.37 19.11 24.94
CA GLU C 460 -14.74 20.27 24.13
C GLU C 460 -15.41 19.85 22.82
N ILE C 461 -14.85 18.88 22.10
CA ILE C 461 -15.43 18.33 20.87
C ILE C 461 -16.81 17.72 21.15
N VAL C 462 -16.95 16.93 22.21
CA VAL C 462 -18.23 16.33 22.59
C VAL C 462 -19.27 17.32 23.12
N ASN C 463 -18.90 18.55 23.48
CA ASN C 463 -19.87 19.64 23.68
C ASN C 463 -20.32 20.24 22.35
N PHE C 464 -19.40 20.55 21.45
CA PHE C 464 -19.72 21.22 20.20
C PHE C 464 -20.69 20.43 19.31
N ASN C 465 -20.58 19.10 19.29
CA ASN C 465 -21.52 18.25 18.55
C ASN C 465 -22.95 18.26 19.09
N CYS C 466 -23.18 18.73 20.31
CA CYS C 466 -24.44 18.56 21.04
C CYS C 466 -25.05 19.86 21.58
N ARG C 467 -24.54 21.06 21.23
CA ARG C 467 -25.11 22.32 21.74
C ARG C 467 -26.60 22.49 21.41
N LYS C 468 -27.08 21.90 20.32
CA LYS C 468 -28.49 21.83 19.97
C LYS C 468 -29.34 21.10 21.02
N LEU C 469 -28.87 19.97 21.57
CA LEU C 469 -29.57 19.28 22.65
C LEU C 469 -29.51 20.08 23.96
N VAL C 470 -28.33 20.58 24.33
CA VAL C 470 -28.09 21.28 25.60
C VAL C 470 -28.93 22.56 25.72
N ALA C 471 -29.18 23.26 24.60
CA ALA C 471 -30.08 24.40 24.58
C ALA C 471 -31.56 23.99 24.49
N THR C 472 -31.92 23.06 23.60
CA THR C 472 -33.32 22.76 23.29
C THR C 472 -34.04 21.88 24.33
N MET C 473 -33.33 21.01 25.06
CA MET C 473 -33.94 20.01 25.93
C MET C 473 -33.90 20.44 27.41
N PRO C 474 -35.00 20.28 28.15
CA PRO C 474 -35.20 21.00 29.41
C PRO C 474 -34.42 20.43 30.60
N LEU C 475 -34.07 19.13 30.58
CA LEU C 475 -33.43 18.49 31.72
C LEU C 475 -31.94 18.83 31.83
N PHE C 476 -31.24 18.99 30.72
CA PHE C 476 -29.86 19.46 30.70
C PHE C 476 -29.76 20.97 30.95
N ALA C 477 -30.71 21.76 30.44
CA ALA C 477 -30.60 23.22 30.39
C ALA C 477 -30.47 23.93 31.76
N ASN C 478 -30.82 23.28 32.87
CA ASN C 478 -30.69 23.82 34.22
C ASN C 478 -29.82 22.97 35.16
N ALA C 479 -29.21 21.89 34.68
CA ALA C 479 -28.34 21.02 35.48
C ALA C 479 -26.94 21.62 35.74
N ASP C 480 -26.22 21.08 36.73
CA ASP C 480 -24.81 21.42 36.96
C ASP C 480 -23.94 20.97 35.78
N PRO C 481 -23.06 21.81 35.20
CA PRO C 481 -22.25 21.44 34.02
C PRO C 481 -21.36 20.20 34.20
N ASN C 482 -20.97 19.85 35.43
CA ASN C 482 -20.25 18.60 35.70
C ASN C 482 -21.13 17.35 35.55
N PHE C 483 -22.46 17.44 35.64
CA PHE C 483 -23.38 16.37 35.24
C PHE C 483 -23.56 16.31 33.71
N VAL C 484 -23.78 17.44 33.04
CA VAL C 484 -24.01 17.43 31.59
C VAL C 484 -22.82 16.85 30.84
N THR C 485 -21.60 17.25 31.20
CA THR C 485 -20.36 16.65 30.66
C THR C 485 -20.16 15.18 31.05
N ALA C 486 -20.75 14.71 32.15
CA ALA C 486 -20.71 13.29 32.51
C ALA C 486 -21.63 12.44 31.63
N MET C 487 -22.76 12.96 31.12
CA MET C 487 -23.57 12.24 30.12
C MET C 487 -22.99 12.36 28.71
N LEU C 488 -22.72 13.57 28.22
CA LEU C 488 -22.35 13.76 26.81
C LEU C 488 -21.06 13.00 26.43
N SER C 489 -20.15 12.79 27.38
CA SER C 489 -18.94 12.00 27.15
C SER C 489 -19.18 10.49 26.96
N LYS C 490 -20.38 9.99 27.23
CA LYS C 490 -20.75 8.56 27.12
C LYS C 490 -21.82 8.24 26.07
N LEU C 491 -22.36 9.24 25.37
CA LEU C 491 -23.25 9.02 24.23
C LEU C 491 -22.52 8.40 23.03
N ARG C 492 -23.20 7.57 22.25
CA ARG C 492 -22.75 7.00 20.99
C ARG C 492 -23.70 7.40 19.85
N PHE C 493 -23.20 7.53 18.62
CA PHE C 493 -23.95 8.10 17.50
C PHE C 493 -24.50 7.03 16.55
N GLU C 494 -25.78 7.11 16.18
CA GLU C 494 -26.48 6.13 15.34
C GLU C 494 -27.41 6.78 14.32
N VAL C 495 -27.69 6.10 13.21
CA VAL C 495 -28.53 6.58 12.09
C VAL C 495 -29.58 5.54 11.72
N PHE C 496 -30.81 5.97 11.43
CA PHE C 496 -31.91 5.08 11.05
C PHE C 496 -32.61 5.55 9.79
N GLN C 497 -32.93 4.62 8.90
CA GLN C 497 -33.64 4.86 7.63
C GLN C 497 -35.16 4.87 7.84
N PRO C 498 -35.94 5.58 7.01
CA PRO C 498 -37.38 5.73 7.21
C PRO C 498 -38.09 4.38 7.08
N GLY C 499 -39.01 4.12 8.01
CA GLY C 499 -39.76 2.86 8.11
C GLY C 499 -39.16 1.83 9.06
N ASP C 500 -37.90 1.95 9.46
CA ASP C 500 -37.28 1.05 10.44
C ASP C 500 -37.81 1.27 11.87
N TYR C 501 -38.06 0.18 12.60
CA TYR C 501 -38.37 0.22 14.02
C TYR C 501 -37.09 0.35 14.85
N ILE C 502 -37.04 1.33 15.75
CA ILE C 502 -35.97 1.49 16.73
C ILE C 502 -36.28 0.66 17.98
N ILE C 503 -37.55 0.60 18.37
CA ILE C 503 -38.07 -0.10 19.54
C ILE C 503 -39.30 -0.94 19.15
N ARG C 504 -39.46 -2.14 19.70
CA ARG C 504 -40.67 -2.96 19.62
C ARG C 504 -41.22 -3.27 21.02
N GLU C 505 -42.54 -3.36 21.21
CA GLU C 505 -43.10 -3.60 22.52
C GLU C 505 -42.90 -4.98 23.01
N GLY C 506 -42.53 -5.14 24.24
CA GLY C 506 -42.38 -6.47 24.73
C GLY C 506 -41.07 -7.12 24.56
N ALA C 507 -40.05 -6.32 24.55
CA ALA C 507 -38.66 -6.75 24.57
C ALA C 507 -38.07 -6.34 25.87
N VAL C 508 -36.78 -6.08 25.94
CA VAL C 508 -36.15 -5.59 27.16
C VAL C 508 -34.87 -4.75 26.97
N GLY C 509 -34.79 -3.62 27.69
CA GLY C 509 -33.54 -2.98 28.14
C GLY C 509 -32.56 -2.44 27.10
N LYS C 510 -31.28 -2.49 27.46
CA LYS C 510 -30.11 -2.06 26.69
C LYS C 510 -29.86 -0.55 26.52
N LYS C 511 -30.78 0.25 25.98
CA LYS C 511 -30.51 1.63 25.50
C LYS C 511 -31.61 2.67 25.78
N MET C 512 -31.27 3.95 25.73
CA MET C 512 -32.21 5.05 25.46
C MET C 512 -31.66 6.01 24.41
N TYR C 513 -32.49 6.84 23.78
CA TYR C 513 -32.12 7.66 22.63
C TYR C 513 -32.50 9.14 22.78
N PHE C 514 -31.62 10.03 22.35
CA PHE C 514 -31.85 11.48 22.17
C PHE C 514 -31.84 11.83 20.68
N ILE C 515 -32.86 12.55 20.20
CA ILE C 515 -33.00 12.87 18.77
C ILE C 515 -32.16 14.12 18.44
N GLN C 516 -31.04 13.98 17.73
CA GLN C 516 -30.27 15.14 17.29
C GLN C 516 -30.96 15.83 16.11
N HIS C 517 -31.42 15.04 15.13
CA HIS C 517 -32.12 15.54 13.94
C HIS C 517 -33.10 14.49 13.41
N GLY C 518 -34.20 14.92 12.80
CA GLY C 518 -35.23 14.05 12.23
C GLY C 518 -36.45 13.86 13.15
N VAL C 519 -37.33 12.93 12.80
CA VAL C 519 -38.62 12.70 13.47
C VAL C 519 -38.85 11.22 13.72
N ALA C 520 -39.38 10.87 14.89
CA ALA C 520 -39.74 9.50 15.25
C ALA C 520 -41.16 9.45 15.81
N GLY C 521 -41.93 8.41 15.50
CA GLY C 521 -43.32 8.26 15.93
C GLY C 521 -43.49 7.16 16.98
N VAL C 522 -44.36 7.38 17.95
CA VAL C 522 -44.63 6.46 19.06
C VAL C 522 -45.98 5.78 18.86
N ILE C 523 -46.03 4.44 18.94
CA ILE C 523 -47.18 3.63 18.54
C ILE C 523 -47.55 2.62 19.64
N THR C 524 -48.84 2.50 19.96
CA THR C 524 -49.36 1.54 20.93
C THR C 524 -50.85 1.24 20.72
N LYS C 525 -51.35 0.14 21.28
CA LYS C 525 -52.75 -0.24 21.16
C LYS C 525 -53.70 0.81 21.75
N SER C 526 -54.69 1.23 20.96
CA SER C 526 -55.63 2.31 21.27
C SER C 526 -55.01 3.70 21.51
N SER C 527 -53.74 3.92 21.16
CA SER C 527 -53.04 5.18 21.38
C SER C 527 -53.27 6.24 20.28
N LYS C 528 -53.94 5.90 19.18
CA LYS C 528 -53.89 6.66 17.93
C LYS C 528 -52.46 6.77 17.38
N GLU C 529 -51.88 7.96 17.26
CA GLU C 529 -50.48 8.17 16.89
C GLU C 529 -49.89 9.42 17.55
N MET C 530 -48.57 9.44 17.71
CA MET C 530 -47.84 10.48 18.45
C MET C 530 -46.44 10.70 17.85
N LYS C 531 -45.86 11.90 18.00
CA LYS C 531 -44.63 12.31 17.31
C LYS C 531 -43.61 12.95 18.26
N LEU C 532 -42.34 12.65 18.07
CA LEU C 532 -41.20 13.29 18.75
C LEU C 532 -40.31 14.01 17.73
N THR C 533 -40.02 15.27 17.98
CA THR C 533 -39.20 16.15 17.14
C THR C 533 -37.75 16.29 17.67
N ASP C 534 -36.93 17.08 16.97
CA ASP C 534 -35.55 17.32 17.35
C ASP C 534 -35.41 17.85 18.79
N GLY C 535 -34.37 17.42 19.49
CA GLY C 535 -34.13 17.80 20.89
C GLY C 535 -34.86 16.99 21.95
N SER C 536 -35.84 16.13 21.62
CA SER C 536 -36.49 15.26 22.61
C SER C 536 -35.79 13.89 22.77
N TYR C 537 -36.25 13.07 23.71
CA TYR C 537 -35.64 11.79 24.06
C TYR C 537 -36.68 10.72 24.44
N PHE C 538 -36.36 9.46 24.21
CA PHE C 538 -37.26 8.33 24.45
C PHE C 538 -36.50 7.06 24.83
N GLY C 539 -37.20 6.11 25.46
CA GLY C 539 -36.63 4.83 25.87
C GLY C 539 -36.24 4.75 27.34
N GLU C 540 -36.50 5.78 28.14
CA GLU C 540 -36.16 5.84 29.56
C GLU C 540 -36.97 4.92 30.47
N ILE C 541 -38.22 4.59 30.14
CA ILE C 541 -39.11 3.81 31.03
C ILE C 541 -38.54 2.42 31.35
N CYS C 542 -38.05 1.70 30.34
CA CYS C 542 -37.45 0.39 30.54
C CYS C 542 -36.21 0.41 31.43
N LEU C 543 -35.40 1.47 31.35
CA LEU C 543 -34.18 1.59 32.14
C LEU C 543 -34.46 2.02 33.58
N LEU C 544 -35.49 2.83 33.85
CA LEU C 544 -35.87 3.17 35.22
C LEU C 544 -36.65 2.03 35.90
N THR C 545 -37.69 1.50 35.26
CA THR C 545 -38.57 0.50 35.86
C THR C 545 -38.02 -0.93 35.86
N LYS C 546 -36.96 -1.19 35.09
CA LYS C 546 -36.39 -2.52 34.85
C LYS C 546 -37.34 -3.52 34.16
N GLY C 547 -38.51 -3.08 33.70
CA GLY C 547 -39.52 -3.92 33.06
C GLY C 547 -39.33 -4.09 31.55
N ARG C 548 -40.39 -4.40 30.85
CA ARG C 548 -40.34 -4.52 29.42
C ARG C 548 -40.77 -3.24 28.78
N ARG C 549 -40.61 -3.10 27.49
CA ARG C 549 -40.95 -1.92 26.74
C ARG C 549 -42.44 -1.76 26.66
N THR C 550 -42.95 -0.57 26.44
CA THR C 550 -44.40 -0.33 26.55
C THR C 550 -45.04 0.36 25.35
N ALA C 551 -44.27 0.80 24.36
CA ALA C 551 -44.75 1.28 23.07
C ALA C 551 -43.66 1.08 22.01
N SER C 552 -44.03 0.83 20.76
CA SER C 552 -43.07 0.74 19.65
C SER C 552 -42.69 2.13 19.15
N VAL C 553 -41.51 2.30 18.56
CA VAL C 553 -41.07 3.58 18.01
C VAL C 553 -40.45 3.40 16.64
N ARG C 554 -40.86 4.23 15.70
CA ARG C 554 -40.44 4.10 14.31
C ARG C 554 -40.02 5.31 13.57
N ALA C 555 -38.93 5.26 12.84
CA ALA C 555 -38.36 6.44 12.19
C ALA C 555 -39.26 6.93 11.04
N ASP C 556 -39.61 8.22 11.02
CA ASP C 556 -40.45 8.84 10.00
C ASP C 556 -39.68 9.62 8.92
N THR C 557 -38.39 9.84 9.12
CA THR C 557 -37.45 10.44 8.16
C THR C 557 -36.04 9.98 8.48
N TYR C 558 -35.07 10.12 7.59
CA TYR C 558 -33.67 9.81 7.89
C TYR C 558 -33.24 10.63 9.10
N CYS C 559 -32.96 9.96 10.23
CA CYS C 559 -32.76 10.63 11.52
C CYS C 559 -31.44 10.24 12.16
N ARG C 560 -30.84 11.20 12.88
CA ARG C 560 -29.60 11.05 13.64
C ARG C 560 -29.97 10.99 15.11
N LEU C 561 -29.58 9.92 15.78
CA LEU C 561 -29.83 9.70 17.20
C LEU C 561 -28.51 9.59 17.94
N TYR C 562 -28.49 10.05 19.18
CA TYR C 562 -27.47 9.66 20.15
C TYR C 562 -28.06 8.66 21.13
N SER C 563 -27.34 7.59 21.45
CA SER C 563 -27.80 6.54 22.35
C SER C 563 -26.93 6.38 23.59
N LEU C 564 -27.54 5.99 24.70
CA LEU C 564 -26.92 5.79 26.00
C LEU C 564 -27.25 4.41 26.54
N SER C 565 -26.25 3.61 26.93
CA SER C 565 -26.49 2.24 27.38
C SER C 565 -26.87 2.13 28.86
N VAL C 566 -27.56 1.06 29.25
CA VAL C 566 -28.11 0.90 30.60
C VAL C 566 -27.05 0.89 31.70
N ASP C 567 -25.87 0.30 31.44
CA ASP C 567 -24.77 0.32 32.40
C ASP C 567 -24.16 1.72 32.58
N ASN C 568 -24.06 2.52 31.52
CA ASN C 568 -23.58 3.90 31.61
C ASN C 568 -24.62 4.82 32.22
N PHE C 569 -25.91 4.63 31.94
CA PHE C 569 -26.99 5.41 32.50
C PHE C 569 -27.01 5.34 34.03
N ASN C 570 -26.94 4.13 34.61
CA ASN C 570 -26.88 3.97 36.05
C ASN C 570 -25.58 4.52 36.65
N GLU C 571 -24.44 4.38 35.96
CA GLU C 571 -23.17 4.94 36.41
C GLU C 571 -23.22 6.45 36.59
N VAL C 572 -23.90 7.20 35.71
CA VAL C 572 -24.08 8.65 35.86
C VAL C 572 -25.04 8.97 36.99
N LEU C 573 -26.24 8.39 37.00
CA LEU C 573 -27.26 8.75 38.00
C LEU C 573 -26.87 8.39 39.45
N GLU C 574 -26.08 7.35 39.68
CA GLU C 574 -25.56 7.03 41.01
C GLU C 574 -24.65 8.12 41.58
N GLU C 575 -23.96 8.90 40.75
CA GLU C 575 -23.15 10.05 41.14
C GLU C 575 -23.94 11.36 41.31
N TYR C 576 -25.17 11.44 40.79
CA TYR C 576 -26.01 12.63 40.83
C TYR C 576 -27.50 12.30 41.13
N PRO C 577 -27.83 11.73 42.30
CA PRO C 577 -29.20 11.26 42.61
C PRO C 577 -30.31 12.30 42.45
N MET C 578 -30.02 13.60 42.50
CA MET C 578 -31.01 14.63 42.22
C MET C 578 -31.55 14.60 40.77
N MET C 579 -30.76 14.12 39.80
CA MET C 579 -31.19 14.05 38.40
C MET C 579 -32.16 12.89 38.12
N ARG C 580 -32.05 11.76 38.84
CA ARG C 580 -32.97 10.61 38.65
C ARG C 580 -34.41 10.99 38.94
N ARG C 581 -34.64 11.88 39.91
CA ARG C 581 -35.98 12.39 40.19
C ARG C 581 -36.57 13.15 39.00
N ALA C 582 -35.77 13.88 38.23
CA ALA C 582 -36.27 14.58 37.05
C ALA C 582 -36.73 13.58 35.97
N PHE C 583 -35.90 12.59 35.64
CA PHE C 583 -36.27 11.56 34.67
C PHE C 583 -37.51 10.78 35.13
N GLU C 584 -37.63 10.46 36.41
CA GLU C 584 -38.80 9.78 36.95
C GLU C 584 -40.07 10.63 36.91
N THR C 585 -39.99 11.91 37.25
CA THR C 585 -41.16 12.81 37.21
C THR C 585 -41.60 13.19 35.81
N VAL C 586 -40.76 13.05 34.78
CA VAL C 586 -41.21 13.01 33.38
C VAL C 586 -41.84 11.66 33.03
N ALA C 587 -41.21 10.55 33.43
CA ALA C 587 -41.67 9.20 33.09
C ALA C 587 -43.10 8.92 33.58
N ILE C 588 -43.40 9.26 34.83
CA ILE C 588 -44.74 9.03 35.39
C ILE C 588 -45.82 9.82 34.66
N ASP C 589 -45.51 11.01 34.15
CA ASP C 589 -46.44 11.81 33.36
C ASP C 589 -46.72 11.20 31.99
N ARG C 590 -45.69 10.69 31.29
CA ARG C 590 -45.85 10.00 30.00
C ARG C 590 -46.68 8.72 30.13
N LEU C 591 -46.44 7.93 31.17
CA LEU C 591 -47.23 6.71 31.43
C LEU C 591 -48.70 7.02 31.74
N ASP C 592 -49.03 8.24 32.17
CA ASP C 592 -50.42 8.68 32.33
C ASP C 592 -51.10 8.97 31.00
N ARG C 593 -50.43 9.62 30.05
CA ARG C 593 -51.00 9.91 28.71
C ARG C 593 -51.35 8.64 27.94
N ILE C 594 -50.46 7.65 27.92
CA ILE C 594 -50.69 6.36 27.29
C ILE C 594 -51.61 5.43 28.11
N GLY C 595 -52.00 5.81 29.32
CA GLY C 595 -52.89 5.05 30.19
C GLY C 595 -52.29 3.80 30.84
N LYS C 596 -51.01 3.49 30.63
CA LYS C 596 -50.39 2.28 31.18
C LYS C 596 -50.22 2.31 32.71
N LYS C 597 -50.04 3.49 33.30
CA LYS C 597 -50.13 3.74 34.75
C LYS C 597 -49.34 2.79 35.67
N ASN C 598 -48.12 2.38 35.29
CA ASN C 598 -47.36 1.32 35.96
C ASN C 598 -47.12 1.54 37.46
N SER C 599 -47.48 0.55 38.27
CA SER C 599 -47.59 0.69 39.72
C SER C 599 -46.27 0.80 40.48
N ILE C 600 -45.19 0.18 40.00
CA ILE C 600 -43.90 0.18 40.70
C ILE C 600 -43.25 1.57 40.75
N LEU C 601 -43.31 2.32 39.65
CA LEU C 601 -42.81 3.70 39.60
C LEU C 601 -43.69 4.65 40.43
N LEU C 602 -45.02 4.51 40.35
CA LEU C 602 -45.95 5.30 41.16
C LEU C 602 -45.76 5.07 42.67
N GLN C 603 -45.48 3.83 43.08
CA GLN C 603 -45.13 3.49 44.45
C GLN C 603 -43.76 4.05 44.86
N LYS C 604 -42.79 4.05 43.94
CA LYS C 604 -41.44 4.55 44.18
C LYS C 604 -41.34 6.06 44.42
N PHE C 605 -42.36 6.84 44.07
CA PHE C 605 -42.36 8.30 44.22
C PHE C 605 -42.92 8.80 45.57
N GLN C 606 -43.77 8.02 46.22
CA GLN C 606 -44.57 8.47 47.36
C GLN C 606 -43.76 8.95 48.58
N LYS C 607 -44.16 10.07 49.17
CA LYS C 607 -43.59 10.67 50.39
C LYS C 607 -42.07 10.94 50.36
N ASP C 608 -41.53 11.30 49.20
CA ASP C 608 -40.13 11.70 49.02
C ASP C 608 -39.72 12.90 49.88
N MET D 94 -45.45 28.72 -15.99
CA MET D 94 -45.45 30.17 -15.68
C MET D 94 -44.12 30.58 -15.06
N GLN D 95 -43.83 31.89 -14.99
CA GLN D 95 -42.53 32.44 -14.59
C GLN D 95 -42.06 32.06 -13.17
N ARG D 96 -42.97 31.69 -12.27
CA ARG D 96 -42.62 31.16 -10.94
C ARG D 96 -41.84 29.84 -11.00
N GLN D 97 -42.04 29.02 -12.04
CA GLN D 97 -41.23 27.83 -12.29
C GLN D 97 -39.81 28.16 -12.75
N PHE D 98 -39.61 29.33 -13.36
CA PHE D 98 -38.28 29.88 -13.66
C PHE D 98 -37.61 30.49 -12.43
N THR D 99 -38.34 31.23 -11.60
CA THR D 99 -37.84 31.74 -10.32
C THR D 99 -37.44 30.65 -9.33
N SER D 100 -38.05 29.47 -9.43
CA SER D 100 -37.69 28.26 -8.67
C SER D 100 -36.43 27.54 -9.17
N MET D 101 -35.87 27.90 -10.32
CA MET D 101 -34.70 27.24 -10.93
C MET D 101 -33.36 27.67 -10.34
N LEU D 102 -33.30 28.83 -9.68
CA LEU D 102 -32.09 29.40 -9.08
C LEU D 102 -31.83 28.95 -7.63
N GLN D 103 -32.84 28.41 -6.93
CA GLN D 103 -32.72 27.83 -5.58
C GLN D 103 -32.31 26.35 -5.59
N PRO D 104 -31.83 25.77 -4.47
CA PRO D 104 -31.41 24.38 -4.40
C PRO D 104 -32.57 23.42 -4.65
N GLY D 105 -32.29 22.28 -5.27
CA GLY D 105 -33.27 21.23 -5.56
C GLY D 105 -33.39 20.18 -4.46
N VAL D 106 -34.14 19.14 -4.80
CA VAL D 106 -34.45 18.03 -3.92
C VAL D 106 -34.04 16.67 -4.44
N ASN D 107 -33.12 16.63 -5.40
CA ASN D 107 -32.44 15.43 -5.91
C ASN D 107 -31.51 14.83 -4.83
N LYS D 108 -31.14 13.55 -4.91
CA LYS D 108 -30.47 12.83 -3.82
C LYS D 108 -29.16 13.45 -3.33
N PHE D 109 -28.47 14.23 -4.16
CA PHE D 109 -27.31 15.01 -3.73
C PHE D 109 -27.65 16.03 -2.64
N SER D 110 -28.75 16.75 -2.80
CA SER D 110 -29.21 17.75 -1.84
C SER D 110 -29.50 17.10 -0.49
N LEU D 111 -30.21 15.96 -0.50
CA LEU D 111 -30.44 15.16 0.71
C LEU D 111 -29.14 14.62 1.33
N ARG D 112 -28.17 14.18 0.54
CA ARG D 112 -26.87 13.74 1.06
C ARG D 112 -26.05 14.87 1.69
N MET D 113 -26.13 16.10 1.16
CA MET D 113 -25.39 17.24 1.70
C MET D 113 -26.02 17.81 2.98
N PHE D 114 -27.35 17.85 3.07
CA PHE D 114 -28.05 18.57 4.14
C PHE D 114 -28.79 17.67 5.16
N GLY D 115 -29.06 16.41 4.85
CA GLY D 115 -29.89 15.52 5.67
C GLY D 115 -31.33 15.43 5.15
N SER D 116 -32.31 15.50 6.03
CA SER D 116 -33.73 15.40 5.65
C SER D 116 -34.22 16.61 4.85
N GLN D 117 -35.41 16.49 4.24
CA GLN D 117 -36.07 17.59 3.52
C GLN D 117 -36.26 18.85 4.39
N LYS D 118 -36.36 18.72 5.72
CA LYS D 118 -36.48 19.86 6.62
C LYS D 118 -35.20 20.69 6.72
N ALA D 119 -34.02 20.15 6.37
CA ALA D 119 -32.80 20.95 6.21
C ALA D 119 -32.74 21.61 4.82
N VAL D 120 -33.12 20.88 3.77
CA VAL D 120 -33.16 21.40 2.39
C VAL D 120 -34.14 22.56 2.26
N GLU D 121 -35.38 22.42 2.76
CA GLU D 121 -36.38 23.47 2.69
C GLU D 121 -36.04 24.71 3.52
N LYS D 122 -35.21 24.59 4.56
CA LYS D 122 -34.66 25.74 5.30
C LYS D 122 -33.60 26.48 4.49
N GLU D 123 -32.66 25.77 3.88
CA GLU D 123 -31.66 26.40 3.00
C GLU D 123 -32.30 27.04 1.76
N GLN D 124 -33.34 26.41 1.20
CA GLN D 124 -34.13 26.97 0.10
C GLN D 124 -34.80 28.31 0.47
N GLU D 125 -35.28 28.49 1.70
CA GLU D 125 -35.74 29.80 2.18
C GLU D 125 -34.59 30.78 2.46
N ARG D 126 -33.44 30.27 2.82
CA ARG D 126 -32.33 31.16 3.07
C ARG D 126 -31.95 31.91 1.86
N VAL D 127 -31.96 31.25 0.71
CA VAL D 127 -31.74 31.89 -0.61
C VAL D 127 -32.80 32.93 -0.91
N LYS D 128 -34.09 32.56 -0.85
CA LYS D 128 -35.22 33.44 -1.21
C LYS D 128 -35.28 34.72 -0.36
N THR D 129 -34.87 34.63 0.90
CA THR D 129 -34.86 35.75 1.86
C THR D 129 -33.60 36.65 1.80
N ALA D 130 -32.63 36.35 0.93
CA ALA D 130 -31.45 37.19 0.70
C ALA D 130 -31.75 38.37 -0.26
N GLY D 131 -30.73 38.90 -0.94
CA GLY D 131 -30.87 39.96 -1.95
C GLY D 131 -31.71 39.58 -3.18
N PHE D 132 -31.95 40.55 -4.06
CA PHE D 132 -32.96 40.45 -5.12
C PHE D 132 -32.89 39.18 -5.99
N TRP D 133 -31.67 38.83 -6.43
CA TRP D 133 -31.35 37.52 -7.00
C TRP D 133 -29.99 37.04 -6.50
N ILE D 134 -29.91 35.77 -6.11
CA ILE D 134 -28.66 35.03 -5.90
C ILE D 134 -28.86 33.61 -6.45
N ILE D 135 -27.85 33.07 -7.12
CA ILE D 135 -27.86 31.73 -7.71
C ILE D 135 -27.20 30.79 -6.71
N HIS D 136 -27.89 29.73 -6.30
CA HIS D 136 -27.29 28.74 -5.40
C HIS D 136 -26.33 27.84 -6.19
N PRO D 137 -25.15 27.47 -5.68
CA PRO D 137 -24.16 26.75 -6.46
C PRO D 137 -24.59 25.34 -6.88
N TYR D 138 -25.54 24.74 -6.18
CA TYR D 138 -26.13 23.44 -6.53
C TYR D 138 -27.47 23.53 -7.27
N SER D 139 -27.87 24.72 -7.71
CA SER D 139 -29.12 24.90 -8.45
C SER D 139 -29.08 24.25 -9.82
N ASP D 140 -30.24 23.86 -10.34
CA ASP D 140 -30.34 23.31 -11.70
C ASP D 140 -29.92 24.34 -12.75
N PHE D 141 -30.15 25.64 -12.51
CA PHE D 141 -29.65 26.69 -13.39
C PHE D 141 -28.13 26.78 -13.43
N ARG D 142 -27.47 26.66 -12.29
CA ARG D 142 -26.02 26.68 -12.23
C ARG D 142 -25.43 25.45 -12.94
N PHE D 143 -26.09 24.33 -12.77
CA PHE D 143 -25.61 23.14 -13.40
C PHE D 143 -25.80 23.00 -14.88
N TYR D 144 -26.87 23.45 -15.43
CA TYR D 144 -27.01 23.57 -16.88
C TYR D 144 -26.16 24.69 -17.48
N TRP D 145 -25.96 25.81 -16.79
CA TRP D 145 -25.05 26.85 -17.25
C TRP D 145 -23.61 26.34 -17.37
N ASP D 146 -23.12 25.62 -16.37
CA ASP D 146 -21.79 25.02 -16.44
C ASP D 146 -21.66 24.02 -17.59
N LEU D 147 -22.67 23.21 -17.92
CA LEU D 147 -22.62 22.34 -19.10
C LEU D 147 -22.59 23.12 -20.42
N ILE D 148 -23.39 24.18 -20.55
CA ILE D 148 -23.34 25.07 -21.73
C ILE D 148 -21.93 25.67 -21.88
N MET D 149 -21.32 26.13 -20.80
CA MET D 149 -19.93 26.60 -20.84
C MET D 149 -18.95 25.50 -21.21
N LEU D 150 -18.94 24.35 -20.54
CA LEU D 150 -17.97 23.27 -20.81
C LEU D 150 -17.97 22.82 -22.27
N ILE D 151 -19.15 22.59 -22.85
CA ILE D 151 -19.31 22.13 -24.25
C ILE D 151 -18.78 23.18 -25.23
N MET D 152 -19.02 24.46 -24.98
CA MET D 152 -18.56 25.56 -25.83
C MET D 152 -17.08 25.89 -25.62
N MET D 153 -16.58 25.80 -24.39
CA MET D 153 -15.22 26.14 -23.99
C MET D 153 -14.19 25.16 -24.54
N VAL D 154 -14.48 23.85 -24.57
CA VAL D 154 -13.63 22.88 -25.28
C VAL D 154 -13.56 23.19 -26.77
N GLY D 155 -14.68 23.58 -27.39
CA GLY D 155 -14.70 24.04 -28.78
C GLY D 155 -13.82 25.26 -29.05
N ASN D 156 -13.81 26.25 -28.14
CA ASN D 156 -12.98 27.44 -28.28
C ASN D 156 -11.49 27.16 -28.07
N LEU D 157 -11.09 26.38 -27.07
CA LEU D 157 -9.69 26.02 -26.86
C LEU D 157 -9.10 25.10 -27.95
N VAL D 158 -9.95 24.46 -28.76
CA VAL D 158 -9.54 23.75 -29.98
C VAL D 158 -9.43 24.67 -31.19
N ILE D 159 -10.44 25.49 -31.50
CA ILE D 159 -10.49 26.30 -32.73
C ILE D 159 -9.58 27.54 -32.70
N ILE D 160 -9.46 28.23 -31.57
CA ILE D 160 -8.74 29.51 -31.50
C ILE D 160 -7.25 29.41 -31.90
N PRO D 161 -6.43 28.47 -31.40
CA PRO D 161 -5.05 28.32 -31.86
C PRO D 161 -4.92 28.13 -33.38
N VAL D 162 -5.80 27.36 -34.00
CA VAL D 162 -5.75 27.07 -35.44
C VAL D 162 -6.11 28.30 -36.25
N GLY D 163 -7.20 28.98 -35.88
CA GLY D 163 -7.64 30.21 -36.52
C GLY D 163 -6.64 31.37 -36.39
N ILE D 164 -5.85 31.42 -35.32
CA ILE D 164 -4.76 32.40 -35.17
C ILE D 164 -3.53 31.97 -35.99
N THR D 165 -3.15 30.69 -35.96
CA THR D 165 -1.87 30.22 -36.52
C THR D 165 -1.89 30.05 -38.03
N PHE D 166 -2.82 29.28 -38.58
CA PHE D 166 -2.76 28.82 -39.98
C PHE D 166 -3.48 29.72 -40.98
N PHE D 167 -4.07 30.84 -40.53
CA PHE D 167 -4.85 31.77 -41.37
C PHE D 167 -4.34 33.23 -41.29
N THR D 168 -4.29 33.89 -42.43
CA THR D 168 -4.42 35.35 -42.51
C THR D 168 -5.91 35.74 -42.50
N GLU D 169 -6.21 37.03 -42.42
CA GLU D 169 -7.58 37.54 -42.52
C GLU D 169 -8.56 37.10 -41.41
N GLN D 170 -8.12 37.14 -40.15
CA GLN D 170 -8.97 36.99 -38.96
C GLN D 170 -9.96 38.16 -38.72
N THR D 171 -10.04 39.13 -39.63
CA THR D 171 -11.07 40.18 -39.69
C THR D 171 -12.14 39.93 -40.78
N THR D 172 -12.16 38.77 -41.43
CA THR D 172 -13.20 38.40 -42.41
C THR D 172 -14.53 38.00 -41.75
N THR D 173 -15.61 38.00 -42.52
CA THR D 173 -17.00 37.94 -42.02
C THR D 173 -17.32 36.82 -41.01
N PRO D 174 -17.04 35.53 -41.28
CA PRO D 174 -17.41 34.46 -40.37
C PRO D 174 -16.59 34.44 -39.07
N TRP D 175 -15.34 34.92 -39.08
CA TRP D 175 -14.54 35.06 -37.86
C TRP D 175 -15.02 36.22 -36.98
N ILE D 176 -15.39 37.36 -37.55
CA ILE D 176 -16.00 38.47 -36.81
C ILE D 176 -17.31 38.03 -36.14
N ILE D 177 -18.15 37.24 -36.83
CA ILE D 177 -19.37 36.68 -36.27
C ILE D 177 -19.10 35.69 -35.13
N PHE D 178 -18.20 34.71 -35.32
CA PHE D 178 -17.89 33.69 -34.33
C PHE D 178 -17.20 34.24 -33.07
N ASN D 179 -16.20 35.10 -33.22
CA ASN D 179 -15.55 35.71 -32.05
C ASN D 179 -16.37 36.69 -31.31
N VAL D 180 -17.25 37.42 -31.96
CA VAL D 180 -18.23 38.24 -31.22
C VAL D 180 -19.18 37.37 -30.40
N ALA D 181 -19.83 36.36 -31.01
CA ALA D 181 -20.79 35.50 -30.33
C ALA D 181 -20.19 34.77 -29.12
N SER D 182 -19.04 34.11 -29.32
CA SER D 182 -18.28 33.43 -28.25
C SER D 182 -17.52 34.38 -27.31
N ASP D 183 -17.63 35.71 -27.46
CA ASP D 183 -17.28 36.67 -26.41
C ASP D 183 -18.46 36.96 -25.47
N THR D 184 -19.67 37.12 -25.99
CA THR D 184 -20.86 37.43 -25.16
C THR D 184 -21.12 36.39 -24.08
N VAL D 185 -21.09 35.09 -24.40
CA VAL D 185 -21.40 34.04 -23.42
C VAL D 185 -20.37 34.00 -22.29
N PHE D 186 -19.09 34.17 -22.60
CA PHE D 186 -18.02 34.24 -21.58
C PHE D 186 -18.03 35.54 -20.77
N LEU D 187 -18.71 36.59 -21.24
CA LEU D 187 -18.93 37.82 -20.48
C LEU D 187 -20.20 37.76 -19.60
N LEU D 188 -21.27 37.09 -20.04
CA LEU D 188 -22.40 36.74 -19.17
C LEU D 188 -21.97 35.83 -18.04
N ASP D 189 -21.09 34.87 -18.32
CA ASP D 189 -20.51 34.02 -17.29
C ASP D 189 -19.75 34.82 -16.23
N LEU D 190 -19.00 35.86 -16.62
CA LEU D 190 -18.35 36.79 -15.67
C LEU D 190 -19.36 37.56 -14.83
N ILE D 191 -20.49 37.99 -15.40
CA ILE D 191 -21.57 38.65 -14.66
C ILE D 191 -22.21 37.69 -13.64
N MET D 192 -22.59 36.48 -14.03
CA MET D 192 -23.19 35.52 -13.10
C MET D 192 -22.25 35.06 -11.99
N ASN D 193 -20.93 35.14 -12.14
CA ASN D 193 -20.02 34.85 -11.03
C ASN D 193 -20.01 35.93 -9.94
N PHE D 194 -20.50 37.16 -10.19
CA PHE D 194 -20.80 38.11 -9.12
C PHE D 194 -22.09 37.80 -8.36
N ARG D 195 -22.97 36.98 -8.93
CA ARG D 195 -24.22 36.56 -8.30
C ARG D 195 -24.41 35.06 -8.06
N THR D 196 -23.34 34.30 -7.88
CA THR D 196 -23.35 32.89 -7.49
C THR D 196 -22.80 32.71 -6.08
N GLY D 197 -23.50 32.00 -5.21
CA GLY D 197 -23.01 31.70 -3.86
C GLY D 197 -21.81 30.77 -3.87
N THR D 198 -20.68 31.18 -3.29
CA THR D 198 -19.48 30.35 -3.19
C THR D 198 -19.62 29.28 -2.13
N VAL D 199 -19.26 28.04 -2.46
CA VAL D 199 -18.97 26.98 -1.49
C VAL D 199 -17.71 27.36 -0.72
N ASN D 200 -17.66 27.09 0.59
CA ASN D 200 -16.51 27.37 1.42
C ASN D 200 -15.73 26.09 1.76
N GLU D 201 -14.42 26.08 1.49
CA GLU D 201 -13.52 24.98 1.86
C GLU D 201 -13.42 24.77 3.38
N ASP D 202 -13.68 25.82 4.17
CA ASP D 202 -13.82 25.76 5.64
C ASP D 202 -15.09 25.05 6.13
N SER D 203 -15.88 24.40 5.26
CA SER D 203 -17.07 23.58 5.57
C SER D 203 -18.26 24.30 6.21
N SER D 204 -18.30 25.63 6.19
CA SER D 204 -19.45 26.42 6.67
C SER D 204 -20.70 26.23 5.78
N GLU D 205 -21.80 26.87 6.17
CA GLU D 205 -22.87 27.19 5.24
C GLU D 205 -22.35 28.04 4.06
N ILE D 206 -22.98 27.91 2.90
CA ILE D 206 -22.62 28.64 1.67
C ILE D 206 -22.76 30.15 1.88
N ILE D 207 -21.81 30.94 1.39
CA ILE D 207 -21.69 32.35 1.74
C ILE D 207 -22.90 33.22 1.33
N LEU D 208 -23.53 32.92 0.19
CA LEU D 208 -24.89 33.31 -0.18
C LEU D 208 -25.34 34.77 0.09
N ASP D 209 -24.44 35.75 -0.01
CA ASP D 209 -24.75 37.18 0.15
C ASP D 209 -23.93 38.06 -0.81
N PRO D 210 -24.50 39.14 -1.37
CA PRO D 210 -23.88 39.83 -2.49
C PRO D 210 -22.61 40.61 -2.10
N LYS D 211 -22.59 41.27 -0.94
CA LYS D 211 -21.43 42.04 -0.49
C LYS D 211 -20.23 41.16 -0.12
N VAL D 212 -20.47 39.92 0.33
CA VAL D 212 -19.41 38.95 0.57
C VAL D 212 -18.89 38.34 -0.73
N ILE D 213 -19.77 37.96 -1.66
CA ILE D 213 -19.40 37.37 -2.95
C ILE D 213 -18.62 38.33 -3.84
N LYS D 214 -19.08 39.58 -3.99
CA LYS D 214 -18.39 40.59 -4.78
C LYS D 214 -16.99 40.94 -4.24
N MET D 215 -16.79 40.88 -2.92
CA MET D 215 -15.48 41.06 -2.31
C MET D 215 -14.58 39.83 -2.46
N ASN D 216 -15.14 38.62 -2.31
CA ASN D 216 -14.40 37.37 -2.40
C ASN D 216 -13.93 37.03 -3.83
N TYR D 217 -14.72 37.40 -4.85
CA TYR D 217 -14.37 37.14 -6.25
C TYR D 217 -13.29 38.09 -6.79
N LEU D 218 -13.44 39.40 -6.56
CA LEU D 218 -12.50 40.40 -7.08
C LEU D 218 -11.09 40.25 -6.51
N LYS D 219 -10.94 39.66 -5.32
CA LYS D 219 -9.67 39.33 -4.69
C LYS D 219 -9.02 38.02 -5.18
N SER D 220 -9.58 37.37 -6.21
CA SER D 220 -9.14 36.08 -6.73
C SER D 220 -9.15 36.04 -8.26
N TRP D 221 -9.98 35.20 -8.88
CA TRP D 221 -9.91 34.92 -10.31
C TRP D 221 -10.37 36.04 -11.25
N PHE D 222 -10.98 37.12 -10.75
CA PHE D 222 -11.54 38.16 -11.61
C PHE D 222 -10.55 38.77 -12.60
N VAL D 223 -9.29 38.96 -12.23
CA VAL D 223 -8.27 39.53 -13.12
C VAL D 223 -8.02 38.67 -14.37
N VAL D 224 -7.97 37.34 -14.24
CA VAL D 224 -7.88 36.40 -15.37
C VAL D 224 -9.21 36.22 -16.11
N ASP D 225 -10.34 36.21 -15.39
CA ASP D 225 -11.66 36.11 -16.00
C ASP D 225 -12.01 37.33 -16.86
N PHE D 226 -11.59 38.54 -16.50
CA PHE D 226 -11.85 39.71 -17.32
C PHE D 226 -11.00 39.72 -18.60
N ILE D 227 -9.67 39.55 -18.48
CA ILE D 227 -8.73 39.54 -19.61
C ILE D 227 -9.12 38.49 -20.66
N SER D 228 -9.56 37.30 -20.26
CA SER D 228 -10.00 36.24 -21.17
C SER D 228 -11.39 36.46 -21.81
N SER D 229 -12.18 37.41 -21.31
CA SER D 229 -13.55 37.65 -21.79
C SER D 229 -13.66 38.74 -22.85
N ILE D 230 -13.01 39.89 -22.65
CA ILE D 230 -13.08 41.02 -23.60
C ILE D 230 -12.23 40.79 -24.87
N PRO D 231 -12.65 41.30 -26.05
CA PRO D 231 -11.92 41.16 -27.30
C PRO D 231 -10.75 42.16 -27.41
N VAL D 232 -9.68 41.95 -26.63
CA VAL D 232 -8.50 42.84 -26.55
C VAL D 232 -7.87 43.15 -27.92
N ASP D 233 -7.81 42.17 -28.82
CA ASP D 233 -7.27 42.33 -30.16
C ASP D 233 -8.11 43.27 -31.04
N TYR D 234 -9.43 43.14 -31.04
CA TYR D 234 -10.28 44.09 -31.78
C TYR D 234 -10.32 45.47 -31.11
N ILE D 235 -10.26 45.55 -29.77
CA ILE D 235 -10.17 46.84 -29.06
C ILE D 235 -8.87 47.58 -29.46
N PHE D 236 -7.73 46.89 -29.43
CA PHE D 236 -6.44 47.43 -29.88
C PHE D 236 -6.46 47.86 -31.36
N LEU D 237 -7.06 47.04 -32.24
CA LEU D 237 -7.23 47.37 -33.65
C LEU D 237 -8.10 48.63 -33.86
N ILE D 238 -9.15 48.83 -33.06
CA ILE D 238 -10.01 50.02 -33.10
C ILE D 238 -9.26 51.26 -32.58
N VAL D 239 -8.51 51.15 -31.49
CA VAL D 239 -7.71 52.25 -30.95
C VAL D 239 -6.60 52.69 -31.91
N GLU D 240 -5.90 51.74 -32.53
CA GLU D 240 -4.86 52.03 -33.53
C GLU D 240 -5.37 52.49 -34.90
N LYS D 241 -6.68 52.40 -35.16
CA LYS D 241 -7.28 52.69 -36.46
C LYS D 241 -7.39 54.18 -36.82
N GLY D 242 -7.08 55.09 -35.90
CA GLY D 242 -7.15 56.54 -36.14
C GLY D 242 -6.70 57.39 -34.93
N ARG D 252 5.42 48.54 -44.16
CA ARG D 252 5.13 49.42 -43.01
C ARG D 252 4.15 48.78 -42.03
N ALA D 253 2.87 48.63 -42.40
CA ALA D 253 1.80 48.20 -41.49
C ALA D 253 1.86 46.72 -41.03
N LEU D 254 2.67 45.86 -41.66
CA LEU D 254 2.67 44.41 -41.41
C LEU D 254 2.94 44.00 -39.95
N ARG D 255 3.66 44.80 -39.16
CA ARG D 255 3.88 44.53 -37.73
C ARG D 255 2.59 44.52 -36.89
N ILE D 256 1.55 45.23 -37.30
CA ILE D 256 0.25 45.27 -36.60
C ILE D 256 -0.45 43.92 -36.67
N VAL D 257 -0.35 43.22 -37.80
CA VAL D 257 -0.92 41.88 -37.98
C VAL D 257 -0.22 40.85 -37.10
N ARG D 258 1.09 40.96 -36.91
CA ARG D 258 1.84 40.14 -35.95
C ARG D 258 1.47 40.45 -34.50
N PHE D 259 1.39 41.72 -34.10
CA PHE D 259 1.05 42.05 -32.72
C PHE D 259 -0.39 41.69 -32.35
N THR D 260 -1.36 41.89 -33.25
CA THR D 260 -2.76 41.46 -33.00
C THR D 260 -2.91 39.94 -32.93
N LYS D 261 -2.12 39.15 -33.67
CA LYS D 261 -2.02 37.69 -33.45
C LYS D 261 -1.57 37.36 -32.02
N ILE D 262 -0.49 37.97 -31.54
CA ILE D 262 0.00 37.74 -30.18
C ILE D 262 -1.02 38.16 -29.11
N LEU D 263 -1.69 39.31 -29.25
CA LEU D 263 -2.76 39.73 -28.34
C LEU D 263 -3.95 38.77 -28.32
N SER D 264 -4.38 38.25 -29.48
CA SER D 264 -5.57 37.40 -29.56
C SER D 264 -5.42 36.08 -28.79
N LEU D 265 -4.21 35.58 -28.57
CA LEU D 265 -3.94 34.37 -27.77
C LEU D 265 -4.28 34.51 -26.27
N LEU D 266 -4.57 35.70 -25.76
CA LEU D 266 -5.11 35.87 -24.40
C LEU D 266 -6.38 35.05 -24.17
N ARG D 267 -7.17 34.75 -25.21
CA ARG D 267 -8.35 33.91 -25.11
C ARG D 267 -8.09 32.48 -24.64
N LEU D 268 -6.85 31.98 -24.66
CA LEU D 268 -6.53 30.65 -24.13
C LEU D 268 -6.60 30.57 -22.60
N LEU D 269 -6.60 31.70 -21.88
CA LEU D 269 -6.75 31.73 -20.42
C LEU D 269 -8.11 31.22 -19.92
N ARG D 270 -8.98 30.88 -20.88
CA ARG D 270 -10.26 30.28 -20.55
C ARG D 270 -10.02 28.93 -19.86
N LEU D 271 -8.90 28.27 -20.19
CA LEU D 271 -8.52 27.00 -19.57
C LEU D 271 -8.64 27.04 -18.04
N SER D 272 -8.47 28.20 -17.40
CA SER D 272 -8.69 28.34 -15.96
C SER D 272 -10.15 28.07 -15.59
N ARG D 273 -11.12 28.57 -16.37
CA ARG D 273 -12.55 28.25 -16.18
C ARG D 273 -12.84 26.79 -16.48
N LEU D 274 -12.26 26.19 -17.51
CA LEU D 274 -12.44 24.77 -17.78
C LEU D 274 -11.97 23.90 -16.58
N ILE D 275 -10.83 24.22 -15.98
CA ILE D 275 -10.34 23.50 -14.78
C ILE D 275 -11.24 23.76 -13.56
N ARG D 276 -11.61 25.01 -13.26
CA ARG D 276 -12.50 25.35 -12.14
C ARG D 276 -13.87 24.70 -12.26
N TYR D 277 -14.50 24.74 -13.43
CA TYR D 277 -15.84 24.21 -13.62
C TYR D 277 -15.86 22.69 -13.62
N ILE D 278 -14.87 22.01 -14.20
CA ILE D 278 -14.79 20.54 -14.08
C ILE D 278 -14.63 20.12 -12.62
N HIS D 279 -13.69 20.66 -11.84
CA HIS D 279 -13.45 20.18 -10.48
C HIS D 279 -14.65 20.38 -9.53
N GLN D 280 -15.55 21.32 -9.78
CA GLN D 280 -16.81 21.44 -9.02
C GLN D 280 -17.90 20.51 -9.54
N TRP D 281 -18.16 20.50 -10.85
CA TRP D 281 -19.16 19.66 -11.51
C TRP D 281 -18.87 18.17 -11.33
N GLU D 282 -17.61 17.76 -11.35
CA GLU D 282 -17.16 16.39 -11.12
C GLU D 282 -17.54 15.89 -9.72
N GLU D 283 -17.36 16.68 -8.67
CA GLU D 283 -17.68 16.25 -7.30
C GLU D 283 -19.16 15.93 -7.11
N ILE D 284 -20.07 16.61 -7.80
CA ILE D 284 -21.50 16.30 -7.73
C ILE D 284 -21.78 14.92 -8.35
N PHE D 285 -21.23 14.65 -9.54
CA PHE D 285 -21.37 13.34 -10.18
C PHE D 285 -20.64 12.24 -9.39
N HIS D 286 -19.45 12.50 -8.88
CA HIS D 286 -18.64 11.54 -8.13
C HIS D 286 -19.24 11.23 -6.74
N MET D 287 -19.97 12.16 -6.12
CA MET D 287 -20.77 11.92 -4.91
C MET D 287 -22.04 11.12 -5.19
N THR D 288 -22.73 11.38 -6.29
CA THR D 288 -24.01 10.73 -6.61
C THR D 288 -23.87 9.35 -7.27
N TYR D 289 -22.93 9.15 -8.20
CA TYR D 289 -22.88 7.96 -9.06
C TYR D 289 -21.71 6.99 -8.77
N ASP D 290 -20.82 7.32 -7.83
CA ASP D 290 -19.80 6.43 -7.27
C ASP D 290 -18.76 5.79 -8.22
N LEU D 291 -18.43 6.41 -9.35
CA LEU D 291 -17.32 5.96 -10.21
C LEU D 291 -15.95 6.15 -9.54
N ALA D 292 -15.06 5.18 -9.68
CA ALA D 292 -13.79 5.10 -8.94
C ALA D 292 -12.79 6.23 -9.26
N SER D 293 -11.96 6.59 -8.27
CA SER D 293 -11.02 7.73 -8.33
C SER D 293 -10.12 7.71 -9.58
N ALA D 294 -9.39 6.64 -9.80
CA ALA D 294 -8.41 6.58 -10.88
C ALA D 294 -9.05 6.66 -12.28
N VAL D 295 -10.27 6.17 -12.45
CA VAL D 295 -10.99 6.23 -13.74
C VAL D 295 -11.26 7.68 -14.12
N VAL D 296 -11.80 8.45 -13.18
CA VAL D 296 -12.14 9.86 -13.39
C VAL D 296 -10.88 10.69 -13.62
N ARG D 297 -9.84 10.46 -12.82
CA ARG D 297 -8.55 11.16 -12.96
C ARG D 297 -7.85 10.87 -14.29
N ILE D 298 -7.91 9.64 -14.83
CA ILE D 298 -7.38 9.33 -16.16
C ILE D 298 -8.16 10.04 -17.27
N PHE D 299 -9.50 10.03 -17.25
CA PHE D 299 -10.26 10.71 -18.29
C PHE D 299 -10.11 12.23 -18.26
N ASN D 300 -9.77 12.85 -17.13
CA ASN D 300 -9.29 14.23 -17.10
C ASN D 300 -7.90 14.38 -17.76
N LEU D 301 -6.92 13.55 -17.41
CA LEU D 301 -5.56 13.65 -17.92
C LEU D 301 -5.45 13.41 -19.43
N ILE D 302 -6.21 12.48 -20.00
CA ILE D 302 -6.24 12.25 -21.45
C ILE D 302 -6.70 13.50 -22.20
N GLY D 303 -7.63 14.27 -21.63
CA GLY D 303 -8.05 15.55 -22.19
C GLY D 303 -6.92 16.57 -22.20
N MET D 304 -6.13 16.66 -21.14
CA MET D 304 -4.97 17.56 -21.08
C MET D 304 -3.85 17.17 -22.04
N LEU D 305 -3.53 15.88 -22.18
CA LEU D 305 -2.49 15.42 -23.12
C LEU D 305 -2.81 15.83 -24.54
N LEU D 306 -4.02 15.56 -25.03
CA LEU D 306 -4.44 15.95 -26.37
C LEU D 306 -4.46 17.46 -26.56
N LEU D 307 -4.85 18.23 -25.55
CA LEU D 307 -4.91 19.68 -25.65
C LEU D 307 -3.51 20.32 -25.68
N LEU D 308 -2.60 19.93 -24.79
CA LEU D 308 -1.22 20.44 -24.80
C LEU D 308 -0.52 20.09 -26.11
N CYS D 309 -0.72 18.87 -26.59
CA CYS D 309 -0.21 18.40 -27.87
C CYS D 309 -0.74 19.20 -29.07
N HIS D 310 -2.03 19.51 -29.09
CA HIS D 310 -2.64 20.39 -30.09
C HIS D 310 -2.08 21.81 -30.06
N TRP D 311 -1.93 22.42 -28.88
CA TRP D 311 -1.36 23.76 -28.74
C TRP D 311 0.11 23.83 -29.12
N ASP D 312 0.91 22.84 -28.74
CA ASP D 312 2.31 22.71 -29.16
C ASP D 312 2.40 22.60 -30.69
N GLY D 313 1.57 21.75 -31.31
CA GLY D 313 1.43 21.66 -32.77
C GLY D 313 1.02 22.96 -33.47
N CYS D 314 0.52 23.97 -32.75
CA CYS D 314 0.32 25.31 -33.29
C CYS D 314 1.54 26.20 -33.03
N LEU D 315 2.09 26.16 -31.82
CA LEU D 315 3.28 26.94 -31.43
C LEU D 315 4.46 26.69 -32.35
N GLN D 316 4.66 25.44 -32.76
CA GLN D 316 5.76 25.00 -33.63
C GLN D 316 5.71 25.63 -35.03
N PHE D 317 4.56 26.17 -35.45
CA PHE D 317 4.38 26.87 -36.71
C PHE D 317 4.22 28.39 -36.49
N LEU D 318 3.60 28.80 -35.39
CA LEU D 318 3.41 30.22 -35.08
C LEU D 318 4.73 30.99 -34.98
N VAL D 319 5.77 30.45 -34.34
CA VAL D 319 7.04 31.18 -34.21
C VAL D 319 7.72 31.42 -35.58
N PRO D 320 7.84 30.42 -36.48
CA PRO D 320 8.19 30.67 -37.87
C PRO D 320 7.34 31.74 -38.56
N LEU D 321 6.02 31.76 -38.36
CA LEU D 321 5.17 32.76 -38.99
C LEU D 321 5.45 34.18 -38.48
N LEU D 322 5.58 34.37 -37.17
CA LEU D 322 5.91 35.67 -36.58
C LEU D 322 7.32 36.15 -36.96
N GLN D 323 8.22 35.24 -37.33
CA GLN D 323 9.54 35.56 -37.89
C GLN D 323 9.53 35.72 -39.42
N ASP D 324 8.37 35.59 -40.08
CA ASP D 324 8.24 35.61 -41.54
C ASP D 324 9.05 34.53 -42.28
N PHE D 325 9.02 33.30 -41.79
CA PHE D 325 9.58 32.10 -42.44
C PHE D 325 11.05 32.22 -42.86
N PRO D 326 11.99 32.33 -41.91
CA PRO D 326 13.40 32.51 -42.21
C PRO D 326 14.00 31.26 -42.88
N PRO D 327 14.96 31.38 -43.81
CA PRO D 327 15.50 30.27 -44.60
C PRO D 327 16.05 29.07 -43.85
N ASP D 328 16.42 29.22 -42.59
CA ASP D 328 16.92 28.12 -41.77
C ASP D 328 15.85 27.27 -41.07
N CYS D 329 14.58 27.70 -40.98
CA CYS D 329 13.56 27.02 -40.18
C CYS D 329 12.94 25.80 -40.88
N TRP D 330 12.27 24.93 -40.11
CA TRP D 330 11.75 23.67 -40.65
C TRP D 330 10.75 23.82 -41.79
N VAL D 331 9.95 24.89 -41.80
CA VAL D 331 8.94 25.11 -42.85
C VAL D 331 9.60 25.38 -44.20
N SER D 332 10.68 26.18 -44.20
CA SER D 332 11.38 26.55 -45.44
C SER D 332 12.27 25.42 -45.96
N LEU D 333 12.98 24.71 -45.08
CA LEU D 333 13.76 23.52 -45.45
C LEU D 333 12.89 22.39 -46.04
N ASN D 334 11.69 22.18 -45.52
CA ASN D 334 10.73 21.23 -46.10
C ASN D 334 9.94 21.79 -47.30
N GLU D 335 10.22 23.02 -47.71
CA GLU D 335 9.62 23.66 -48.88
C GLU D 335 8.09 23.66 -48.91
N MET D 336 7.44 23.83 -47.75
CA MET D 336 5.97 23.76 -47.61
C MET D 336 5.31 25.07 -47.14
N VAL D 337 5.85 26.22 -47.54
CA VAL D 337 5.25 27.53 -47.25
C VAL D 337 3.89 27.73 -47.92
N ASN D 338 3.68 27.18 -49.13
CA ASN D 338 2.46 27.40 -49.92
C ASN D 338 1.49 26.20 -49.97
N ASP D 339 1.75 25.10 -49.27
CA ASP D 339 0.83 23.95 -49.17
C ASP D 339 -0.47 24.32 -48.47
N SER D 340 -1.55 23.55 -48.67
CA SER D 340 -2.85 23.82 -48.03
C SER D 340 -2.80 23.72 -46.51
N TRP D 341 -3.70 24.40 -45.80
CA TRP D 341 -3.57 24.51 -44.33
C TRP D 341 -3.65 23.15 -43.63
N GLY D 342 -4.43 22.21 -44.16
CA GLY D 342 -4.53 20.85 -43.63
C GLY D 342 -3.22 20.06 -43.72
N LYS D 343 -2.44 20.24 -44.79
CA LYS D 343 -1.11 19.63 -44.93
C LYS D 343 -0.14 20.19 -43.89
N GLN D 344 -0.10 21.51 -43.72
CA GLN D 344 0.76 22.17 -42.74
C GLN D 344 0.40 21.78 -41.31
N TYR D 345 -0.89 21.77 -40.95
CA TYR D 345 -1.33 21.39 -39.61
C TYR D 345 -1.06 19.92 -39.30
N SER D 346 -1.32 19.01 -40.25
CA SER D 346 -1.06 17.58 -40.02
C SER D 346 0.41 17.33 -39.75
N TYR D 347 1.30 18.02 -40.47
CA TYR D 347 2.74 17.91 -40.26
C TYR D 347 3.17 18.52 -38.93
N ALA D 348 2.69 19.70 -38.56
CA ALA D 348 3.08 20.35 -37.32
C ALA D 348 2.58 19.60 -36.08
N LEU D 349 1.41 18.96 -36.13
CA LEU D 349 0.93 18.10 -35.05
C LEU D 349 1.74 16.80 -34.95
N PHE D 350 2.10 16.18 -36.07
CA PHE D 350 3.01 15.03 -36.07
C PHE D 350 4.34 15.36 -35.40
N LYS D 351 4.95 16.48 -35.76
CA LYS D 351 6.18 16.97 -35.13
C LYS D 351 5.98 17.16 -33.62
N ALA D 352 4.90 17.81 -33.19
CA ALA D 352 4.65 18.06 -31.77
C ALA D 352 4.49 16.78 -30.95
N MET D 353 3.70 15.80 -31.42
CA MET D 353 3.52 14.56 -30.65
C MET D 353 4.67 13.57 -30.79
N SER D 354 5.49 13.68 -31.82
CA SER D 354 6.76 12.96 -31.88
C SER D 354 7.68 13.31 -30.71
N HIS D 355 7.77 14.60 -30.33
CA HIS D 355 8.50 15.03 -29.14
C HIS D 355 7.89 14.51 -27.86
N MET D 356 6.57 14.57 -27.70
CA MET D 356 5.90 14.13 -26.48
C MET D 356 6.07 12.63 -26.20
N LEU D 357 5.93 11.78 -27.20
CA LEU D 357 6.10 10.33 -27.08
C LEU D 357 7.55 9.88 -27.30
N CYS D 358 8.49 10.82 -27.39
CA CYS D 358 9.94 10.60 -27.52
C CYS D 358 10.39 9.78 -28.75
N ILE D 359 9.82 9.99 -29.91
CA ILE D 359 10.22 9.19 -31.05
C ILE D 359 11.33 9.74 -31.87
N GLY D 360 11.25 10.98 -32.25
CA GLY D 360 12.29 11.60 -33.05
C GLY D 360 11.95 13.07 -33.16
N TYR D 361 12.30 13.76 -34.21
CA TYR D 361 11.87 15.12 -34.37
C TYR D 361 11.41 15.41 -35.78
N GLY D 362 10.78 14.48 -36.44
CA GLY D 362 10.35 14.75 -37.80
C GLY D 362 11.49 14.51 -38.73
N ALA D 363 11.56 15.25 -39.81
CA ALA D 363 12.48 15.02 -40.86
C ALA D 363 13.93 15.00 -40.42
N GLN D 364 14.37 16.04 -39.75
CA GLN D 364 15.77 16.13 -39.28
C GLN D 364 15.84 16.95 -38.04
N ALA D 365 16.99 16.99 -37.41
CA ALA D 365 17.23 17.72 -36.18
C ALA D 365 17.24 19.17 -36.43
N PRO D 366 16.89 20.02 -35.45
CA PRO D 366 16.82 21.48 -35.62
C PRO D 366 18.10 22.12 -36.14
N VAL D 367 17.97 23.24 -36.85
CA VAL D 367 19.06 23.93 -37.55
C VAL D 367 19.26 25.38 -37.09
N SER D 368 18.26 26.02 -36.46
CA SER D 368 18.31 27.43 -36.08
C SER D 368 18.07 27.63 -34.58
N MET D 369 18.30 28.83 -34.07
CA MET D 369 18.17 29.12 -32.64
C MET D 369 16.73 29.04 -32.14
N SER D 370 15.77 29.53 -32.88
CA SER D 370 14.44 29.44 -32.42
C SER D 370 14.02 28.02 -32.35
N ASP D 371 14.26 27.23 -33.40
CA ASP D 371 13.85 25.84 -33.44
C ASP D 371 14.47 24.98 -32.35
N LEU D 372 15.70 25.30 -31.97
CA LEU D 372 16.35 24.55 -30.97
C LEU D 372 15.74 24.73 -29.67
N TRP D 373 15.36 25.94 -29.30
CA TRP D 373 14.77 26.23 -27.99
C TRP D 373 13.28 25.89 -27.91
N ILE D 374 12.50 26.02 -28.99
CA ILE D 374 11.12 25.48 -29.04
C ILE D 374 11.14 23.94 -28.92
N THR D 375 12.06 23.25 -29.59
CA THR D 375 12.14 21.79 -29.51
C THR D 375 12.42 21.31 -28.10
N MET D 376 13.40 21.89 -27.41
CA MET D 376 13.72 21.50 -26.03
C MET D 376 12.57 21.78 -25.06
N LEU D 377 11.89 22.93 -25.19
CA LEU D 377 10.72 23.22 -24.37
C LEU D 377 9.62 22.18 -24.59
N SER D 378 9.37 21.80 -25.84
CA SER D 378 8.41 20.76 -26.20
C SER D 378 8.81 19.38 -25.67
N MET D 379 10.08 18.98 -25.78
CA MET D 379 10.60 17.74 -25.18
C MET D 379 10.40 17.70 -23.68
N ILE D 380 10.71 18.77 -22.93
CA ILE D 380 10.58 18.80 -21.46
C ILE D 380 9.12 18.75 -21.04
N VAL D 381 8.23 19.55 -21.65
CA VAL D 381 6.79 19.51 -21.38
C VAL D 381 6.19 18.16 -21.75
N GLY D 382 6.60 17.57 -22.86
CA GLY D 382 6.15 16.26 -23.29
C GLY D 382 6.60 15.12 -22.37
N ALA D 383 7.89 14.98 -22.13
CA ALA D 383 8.42 13.88 -21.33
C ALA D 383 8.00 13.92 -19.85
N THR D 384 7.84 15.11 -19.26
CA THR D 384 7.29 15.23 -17.89
C THR D 384 5.79 14.98 -17.85
N CYS D 385 5.03 15.27 -18.91
CA CYS D 385 3.60 14.97 -18.98
C CYS D 385 3.30 13.47 -19.22
N TYR D 386 4.09 12.76 -20.03
CA TYR D 386 3.93 11.31 -20.22
C TYR D 386 4.29 10.50 -18.96
N ALA D 387 5.26 10.94 -18.16
CA ALA D 387 5.55 10.36 -16.86
C ALA D 387 4.35 10.42 -15.88
N MET D 388 3.54 11.48 -15.92
CA MET D 388 2.31 11.57 -15.13
C MET D 388 1.23 10.60 -15.60
N PHE D 389 1.19 10.30 -16.90
CA PHE D 389 0.31 9.27 -17.46
C PHE D 389 0.70 7.87 -16.97
N VAL D 390 1.99 7.52 -17.02
CA VAL D 390 2.48 6.24 -16.45
C VAL D 390 2.16 6.15 -14.95
N GLY D 391 2.24 7.26 -14.22
CA GLY D 391 1.80 7.32 -12.83
C GLY D 391 0.33 6.98 -12.66
N HIS D 392 -0.57 7.65 -13.38
CA HIS D 392 -2.00 7.36 -13.26
C HIS D 392 -2.38 5.97 -13.77
N ALA D 393 -1.76 5.47 -14.83
CA ALA D 393 -1.96 4.09 -15.28
C ALA D 393 -1.58 3.08 -14.19
N THR D 394 -0.50 3.33 -13.45
CA THR D 394 -0.11 2.49 -12.31
C THR D 394 -1.11 2.58 -11.17
N ALA D 395 -1.59 3.78 -10.82
CA ALA D 395 -2.63 3.96 -9.82
C ALA D 395 -3.97 3.29 -10.20
N LEU D 396 -4.35 3.30 -11.48
CA LEU D 396 -5.54 2.59 -11.93
C LEU D 396 -5.39 1.09 -11.72
N ILE D 397 -4.35 0.48 -12.29
CA ILE D 397 -4.15 -0.98 -12.27
C ILE D 397 -4.09 -1.53 -10.85
N GLN D 398 -3.38 -0.88 -9.93
CA GLN D 398 -3.34 -1.30 -8.52
C GLN D 398 -4.64 -1.11 -7.75
N SER D 399 -5.61 -0.34 -8.23
CA SER D 399 -6.92 -0.23 -7.59
C SER D 399 -7.88 -1.34 -8.00
N LEU D 400 -7.66 -1.98 -9.15
CA LEU D 400 -8.59 -2.96 -9.71
C LEU D 400 -8.48 -4.35 -9.09
N ASP D 401 -7.26 -4.80 -8.75
CA ASP D 401 -7.07 -6.13 -8.16
C ASP D 401 -7.06 -6.15 -6.61
N SER D 402 -7.55 -5.08 -5.97
CA SER D 402 -7.52 -4.88 -4.52
C SER D 402 -7.98 -6.09 -3.71
N SER D 403 -9.14 -6.67 -4.01
CA SER D 403 -9.66 -7.80 -3.25
C SER D 403 -8.82 -9.06 -3.43
N ARG D 404 -8.43 -9.41 -4.66
CA ARG D 404 -7.55 -10.56 -4.93
C ARG D 404 -6.18 -10.37 -4.30
N ARG D 405 -5.72 -9.17 -4.27
CA ARG D 405 -4.45 -8.97 -3.74
C ARG D 405 -4.46 -9.09 -2.30
N GLN D 406 -5.36 -8.49 -1.64
CA GLN D 406 -5.48 -8.60 -0.19
C GLN D 406 -5.72 -10.04 0.27
N TYR D 407 -6.48 -10.86 -0.44
CA TYR D 407 -6.59 -12.28 -0.10
C TYR D 407 -5.24 -13.00 -0.20
N GLN D 408 -4.48 -12.79 -1.28
CA GLN D 408 -3.14 -13.35 -1.41
C GLN D 408 -2.22 -12.87 -0.29
N GLU D 409 -2.21 -11.57 0.01
CA GLU D 409 -1.35 -10.98 1.03
C GLU D 409 -1.71 -11.48 2.44
N LYS D 410 -2.99 -11.74 2.71
CA LYS D 410 -3.44 -12.42 3.92
C LYS D 410 -2.96 -13.86 3.97
N TYR D 411 -3.20 -14.66 2.94
CA TYR D 411 -2.89 -16.08 3.00
C TYR D 411 -1.39 -16.38 3.01
N LYS D 412 -0.57 -15.57 2.32
CA LYS D 412 0.89 -15.65 2.39
C LYS D 412 1.41 -15.52 3.83
N GLN D 413 0.71 -14.76 4.68
CA GLN D 413 1.05 -14.59 6.08
C GLN D 413 0.80 -15.84 6.92
N VAL D 414 -0.14 -16.71 6.52
CA VAL D 414 -0.36 -18.01 7.17
C VAL D 414 0.82 -18.95 6.91
N GLU D 415 1.42 -18.92 5.72
CA GLU D 415 2.62 -19.72 5.42
C GLU D 415 3.85 -19.26 6.23
N GLN D 416 3.95 -17.96 6.58
CA GLN D 416 4.97 -17.49 7.52
C GLN D 416 4.82 -18.16 8.89
N TYR D 417 3.57 -18.34 9.36
CA TYR D 417 3.29 -18.99 10.64
C TYR D 417 3.53 -20.51 10.56
N MET D 418 3.03 -21.19 9.54
CA MET D 418 3.23 -22.63 9.39
C MET D 418 4.70 -23.02 9.22
N SER D 419 5.50 -22.19 8.54
CA SER D 419 6.94 -22.44 8.39
C SER D 419 7.75 -22.07 9.63
N PHE D 420 7.39 -21.03 10.39
CA PHE D 420 8.05 -20.73 11.65
C PHE D 420 7.93 -21.86 12.67
N HIS D 421 6.75 -22.50 12.75
CA HIS D 421 6.52 -23.69 13.57
C HIS D 421 6.94 -25.01 12.90
N LYS D 422 7.46 -24.98 11.67
CA LYS D 422 7.96 -26.14 10.91
C LYS D 422 6.93 -27.27 10.79
N LEU D 423 5.68 -26.96 10.49
CA LEU D 423 4.59 -27.95 10.48
C LEU D 423 4.75 -29.01 9.35
N PRO D 424 4.34 -30.28 9.57
CA PRO D 424 4.31 -31.34 8.58
C PRO D 424 3.46 -31.03 7.34
N ALA D 425 3.79 -31.63 6.20
CA ALA D 425 3.20 -31.31 4.91
C ALA D 425 1.74 -31.76 4.73
N ASP D 426 1.28 -32.80 5.41
CA ASP D 426 -0.13 -33.18 5.42
C ASP D 426 -0.97 -32.24 6.29
N MET D 427 -0.42 -31.75 7.41
CA MET D 427 -1.11 -30.76 8.23
C MET D 427 -1.24 -29.41 7.54
N ARG D 428 -0.25 -29.05 6.72
CA ARG D 428 -0.34 -27.83 5.94
C ARG D 428 -1.54 -27.94 4.98
N GLN D 429 -1.75 -29.12 4.40
CA GLN D 429 -2.88 -29.35 3.49
C GLN D 429 -4.23 -29.19 4.19
N LYS D 430 -4.41 -29.68 5.43
CA LYS D 430 -5.66 -29.45 6.16
C LYS D 430 -5.91 -27.96 6.40
N ILE D 431 -4.87 -27.20 6.72
CA ILE D 431 -4.96 -25.76 6.96
C ILE D 431 -5.30 -25.03 5.66
N HIS D 432 -4.63 -25.36 4.55
CA HIS D 432 -4.91 -24.76 3.25
C HIS D 432 -6.35 -25.04 2.81
N ASP D 433 -6.80 -26.28 2.92
CA ASP D 433 -8.14 -26.70 2.55
C ASP D 433 -9.23 -26.04 3.40
N TYR D 434 -9.04 -25.91 4.71
CA TYR D 434 -9.96 -25.19 5.58
C TYR D 434 -10.16 -23.75 5.12
N TYR D 435 -9.08 -23.04 4.77
CA TYR D 435 -9.21 -21.67 4.28
C TYR D 435 -10.04 -21.55 3.00
N GLU D 436 -10.03 -22.56 2.12
CA GLU D 436 -10.90 -22.54 0.94
C GLU D 436 -12.37 -22.75 1.32
N HIS D 437 -12.69 -23.68 2.23
CA HIS D 437 -14.07 -23.91 2.67
C HIS D 437 -14.64 -22.84 3.60
N ARG D 438 -13.85 -22.03 4.27
CA ARG D 438 -14.45 -21.07 5.13
C ARG D 438 -14.62 -19.76 4.54
N TYR D 439 -13.78 -19.34 3.66
CA TYR D 439 -13.83 -18.01 3.04
C TYR D 439 -14.10 -18.00 1.53
N GLN D 440 -14.01 -19.12 0.83
CA GLN D 440 -14.26 -19.23 -0.61
C GLN D 440 -13.51 -18.19 -1.46
N GLY D 441 -12.29 -17.85 -1.05
CA GLY D 441 -11.41 -16.89 -1.76
C GLY D 441 -11.79 -15.41 -1.61
N LYS D 442 -12.73 -15.06 -0.73
CA LYS D 442 -13.19 -13.68 -0.47
C LYS D 442 -12.63 -13.17 0.85
N ILE D 443 -12.17 -11.92 0.89
CA ILE D 443 -11.62 -11.29 2.10
C ILE D 443 -12.55 -10.23 2.67
N PHE D 444 -12.85 -10.35 3.96
CA PHE D 444 -13.67 -9.46 4.78
C PHE D 444 -13.44 -9.80 6.27
N ASP D 445 -13.94 -8.98 7.18
CA ASP D 445 -14.01 -9.30 8.61
C ASP D 445 -15.44 -9.12 9.14
N GLU D 446 -16.17 -10.23 9.27
CA GLU D 446 -17.62 -10.23 9.56
C GLU D 446 -17.94 -9.48 10.84
N GLU D 447 -17.14 -9.68 11.89
CA GLU D 447 -17.31 -9.03 13.18
C GLU D 447 -17.01 -7.53 13.16
N ASN D 448 -16.30 -7.03 12.15
CA ASN D 448 -16.08 -5.61 11.97
C ASN D 448 -17.18 -4.97 11.12
N ILE D 449 -17.62 -5.60 10.03
CA ILE D 449 -18.69 -5.08 9.18
C ILE D 449 -20.03 -5.04 9.93
N LEU D 450 -20.43 -6.13 10.59
CA LEU D 450 -21.72 -6.20 11.29
C LEU D 450 -21.84 -5.17 12.41
N ASN D 451 -20.72 -4.72 12.97
CA ASN D 451 -20.65 -3.75 14.05
C ASN D 451 -20.86 -2.30 13.60
N GLU D 452 -20.67 -1.97 12.31
CA GLU D 452 -20.92 -0.63 11.79
C GLU D 452 -22.38 -0.38 11.41
N LEU D 453 -23.11 -1.44 11.05
CA LEU D 453 -24.54 -1.36 10.76
C LEU D 453 -25.34 -1.13 12.05
N ASN D 454 -26.49 -0.45 11.94
CA ASN D 454 -27.42 -0.27 13.06
C ASN D 454 -28.15 -1.58 13.43
N ASP D 455 -28.92 -1.56 14.51
CA ASP D 455 -29.70 -2.71 14.96
C ASP D 455 -30.66 -3.29 13.92
N PRO D 456 -31.56 -2.51 13.27
CA PRO D 456 -32.53 -3.08 12.36
C PRO D 456 -31.99 -3.59 11.02
N LEU D 457 -30.82 -3.17 10.53
CA LEU D 457 -30.16 -3.87 9.42
C LEU D 457 -29.56 -5.19 9.87
N ARG D 458 -28.86 -5.20 11.00
CA ARG D 458 -28.20 -6.39 11.54
C ARG D 458 -29.21 -7.49 11.88
N GLU D 459 -30.40 -7.11 12.33
CA GLU D 459 -31.54 -8.00 12.56
C GLU D 459 -32.08 -8.62 11.27
N GLU D 460 -32.08 -7.89 10.15
CA GLU D 460 -32.59 -8.37 8.87
C GLU D 460 -31.60 -9.32 8.17
N ILE D 461 -30.32 -8.98 8.12
CA ILE D 461 -29.27 -9.82 7.56
C ILE D 461 -29.17 -11.15 8.33
N VAL D 462 -29.17 -11.10 9.66
CA VAL D 462 -29.11 -12.29 10.50
C VAL D 462 -30.39 -13.15 10.47
N ASN D 463 -31.52 -12.66 9.96
CA ASN D 463 -32.65 -13.51 9.60
C ASN D 463 -32.44 -14.19 8.25
N PHE D 464 -32.01 -13.46 7.23
CA PHE D 464 -31.88 -14.02 5.88
C PHE D 464 -30.90 -15.19 5.79
N ASN D 465 -29.81 -15.15 6.56
CA ASN D 465 -28.84 -16.25 6.63
C ASN D 465 -29.40 -17.55 7.24
N CYS D 466 -30.53 -17.49 7.95
CA CYS D 466 -31.02 -18.57 8.79
C CYS D 466 -32.47 -19.00 8.52
N ARG D 467 -33.14 -18.52 7.46
CA ARG D 467 -34.53 -18.90 7.19
C ARG D 467 -34.73 -20.41 7.03
N LYS D 468 -33.70 -21.14 6.60
CA LYS D 468 -33.67 -22.60 6.55
C LYS D 468 -33.83 -23.25 7.94
N LEU D 469 -33.18 -22.73 8.99
CA LEU D 469 -33.37 -23.21 10.35
C LEU D 469 -34.75 -22.85 10.89
N VAL D 470 -35.17 -21.59 10.72
CA VAL D 470 -36.43 -21.06 11.26
C VAL D 470 -37.66 -21.79 10.70
N ALA D 471 -37.61 -22.24 9.44
CA ALA D 471 -38.66 -23.07 8.86
C ALA D 471 -38.52 -24.56 9.24
N THR D 472 -37.31 -25.14 9.14
CA THR D 472 -37.12 -26.58 9.28
C THR D 472 -37.15 -27.10 10.72
N MET D 473 -36.77 -26.30 11.72
CA MET D 473 -36.56 -26.76 13.10
C MET D 473 -37.76 -26.40 14.00
N PRO D 474 -38.25 -27.33 14.83
CA PRO D 474 -39.59 -27.22 15.42
C PRO D 474 -39.67 -26.23 16.58
N LEU D 475 -38.58 -25.96 17.30
CA LEU D 475 -38.63 -25.14 18.50
C LEU D 475 -38.72 -23.64 18.18
N PHE D 476 -38.09 -23.18 17.10
CA PHE D 476 -38.23 -21.80 16.62
C PHE D 476 -39.56 -21.59 15.89
N ALA D 477 -40.05 -22.59 15.15
CA ALA D 477 -41.17 -22.42 14.22
C ALA D 477 -42.51 -21.98 14.85
N ASN D 478 -42.69 -22.11 16.16
CA ASN D 478 -43.88 -21.68 16.89
C ASN D 478 -43.60 -20.67 18.02
N ALA D 479 -42.36 -20.22 18.20
CA ALA D 479 -41.99 -19.25 19.24
C ALA D 479 -42.40 -17.81 18.88
N ASP D 480 -42.42 -16.92 19.88
CA ASP D 480 -42.59 -15.49 19.67
C ASP D 480 -41.41 -14.89 18.89
N PRO D 481 -41.60 -14.11 17.80
CA PRO D 481 -40.49 -13.58 16.99
C PRO D 481 -39.45 -12.74 17.75
N ASN D 482 -39.82 -12.12 18.86
CA ASN D 482 -38.87 -11.42 19.74
C ASN D 482 -37.93 -12.37 20.49
N PHE D 483 -38.27 -13.65 20.70
CA PHE D 483 -37.33 -14.69 21.15
C PHE D 483 -36.43 -15.18 20.01
N VAL D 484 -36.97 -15.48 18.83
CA VAL D 484 -36.16 -16.01 17.72
C VAL D 484 -35.07 -15.03 17.32
N THR D 485 -35.40 -13.74 17.19
CA THR D 485 -34.40 -12.68 16.96
C THR D 485 -33.43 -12.46 18.13
N ALA D 486 -33.79 -12.83 19.35
CA ALA D 486 -32.86 -12.80 20.48
C ALA D 486 -31.82 -13.92 20.44
N MET D 487 -32.12 -15.11 19.87
CA MET D 487 -31.10 -16.14 19.62
C MET D 487 -30.29 -15.87 18.37
N LEU D 488 -30.92 -15.65 17.21
CA LEU D 488 -30.18 -15.56 15.94
C LEU D 488 -29.16 -14.42 15.93
N SER D 489 -29.38 -13.35 16.66
CA SER D 489 -28.43 -12.24 16.79
C SER D 489 -27.15 -12.60 17.58
N LYS D 490 -27.10 -13.74 18.26
CA LYS D 490 -25.95 -14.18 19.08
C LYS D 490 -25.28 -15.47 18.60
N LEU D 491 -25.75 -16.09 17.52
CA LEU D 491 -25.06 -17.21 16.88
C LEU D 491 -23.75 -16.77 16.21
N ARG D 492 -22.75 -17.65 16.19
CA ARG D 492 -21.49 -17.50 15.46
C ARG D 492 -21.30 -18.64 14.46
N PHE D 493 -20.61 -18.40 13.35
CA PHE D 493 -20.53 -19.35 12.23
C PHE D 493 -19.22 -20.13 12.20
N GLU D 494 -19.28 -21.46 12.04
CA GLU D 494 -18.12 -22.35 12.06
C GLU D 494 -18.21 -23.46 10.99
N VAL D 495 -17.06 -23.99 10.57
CA VAL D 495 -16.93 -25.02 9.52
C VAL D 495 -16.06 -26.17 9.99
N PHE D 496 -16.43 -27.41 9.68
CA PHE D 496 -15.69 -28.62 10.08
C PHE D 496 -15.45 -29.54 8.89
N GLN D 497 -14.24 -30.08 8.79
CA GLN D 497 -13.81 -31.02 7.75
C GLN D 497 -14.19 -32.47 8.11
N PRO D 498 -14.41 -33.37 7.14
CA PRO D 498 -14.87 -34.72 7.42
C PRO D 498 -13.84 -35.51 8.22
N GLY D 499 -14.32 -36.24 9.23
CA GLY D 499 -13.50 -37.00 10.17
C GLY D 499 -13.12 -36.27 11.45
N ASP D 500 -13.25 -34.94 11.53
CA ASP D 500 -12.99 -34.18 12.76
C ASP D 500 -14.08 -34.39 13.82
N TYR D 501 -13.68 -34.53 15.08
CA TYR D 501 -14.59 -34.54 16.22
C TYR D 501 -14.96 -33.11 16.62
N ILE D 502 -16.26 -32.83 16.73
CA ILE D 502 -16.78 -31.56 17.27
C ILE D 502 -16.89 -31.65 18.79
N ILE D 503 -17.28 -32.82 19.31
CA ILE D 503 -17.48 -33.12 20.72
C ILE D 503 -16.79 -34.43 21.08
N ARG D 504 -16.18 -34.53 22.27
CA ARG D 504 -15.67 -35.76 22.86
C ARG D 504 -16.32 -36.04 24.22
N GLU D 505 -16.58 -37.28 24.60
CA GLU D 505 -17.24 -37.57 25.87
C GLU D 505 -16.39 -37.33 27.04
N GLY D 506 -16.91 -36.72 28.06
CA GLY D 506 -16.12 -36.55 29.23
C GLY D 506 -15.29 -35.32 29.31
N ALA D 507 -15.75 -34.29 28.67
CA ALA D 507 -15.18 -32.95 28.75
C ALA D 507 -16.18 -32.08 29.46
N VAL D 508 -16.22 -30.80 29.17
CA VAL D 508 -17.22 -29.90 29.75
C VAL D 508 -17.57 -28.65 28.92
N GLY D 509 -18.87 -28.37 28.80
CA GLY D 509 -19.44 -27.03 28.59
C GLY D 509 -19.10 -26.25 27.31
N LYS D 510 -19.06 -24.93 27.44
CA LYS D 510 -18.76 -23.94 26.42
C LYS D 510 -19.83 -23.66 25.35
N LYS D 511 -20.31 -24.64 24.57
CA LYS D 511 -21.08 -24.40 23.32
C LYS D 511 -22.25 -25.35 23.08
N MET D 512 -23.19 -24.97 22.21
CA MET D 512 -24.08 -25.90 21.48
C MET D 512 -24.14 -25.53 20.00
N TYR D 513 -24.57 -26.44 19.11
CA TYR D 513 -24.50 -26.27 17.66
C TYR D 513 -25.83 -26.54 16.95
N PHE D 514 -26.14 -25.73 15.93
CA PHE D 514 -27.23 -25.92 14.97
C PHE D 514 -26.64 -26.21 13.59
N ILE D 515 -27.10 -27.27 12.92
CA ILE D 515 -26.56 -27.68 11.62
C ILE D 515 -27.23 -26.88 10.50
N GLN D 516 -26.52 -25.94 9.86
CA GLN D 516 -27.06 -25.21 8.71
C GLN D 516 -27.04 -26.10 7.47
N HIS D 517 -25.92 -26.80 7.23
CA HIS D 517 -25.75 -27.71 6.09
C HIS D 517 -24.76 -28.83 6.44
N GLY D 518 -24.93 -30.01 5.85
CA GLY D 518 -24.07 -31.17 6.07
C GLY D 518 -24.66 -32.17 7.08
N VAL D 519 -23.85 -33.15 7.48
CA VAL D 519 -24.28 -34.28 8.33
C VAL D 519 -23.27 -34.53 9.44
N ALA D 520 -23.76 -34.83 10.65
CA ALA D 520 -22.94 -35.16 11.81
C ALA D 520 -23.45 -36.44 12.47
N GLY D 521 -22.57 -37.30 12.95
CA GLY D 521 -22.92 -38.58 13.58
C GLY D 521 -22.68 -38.58 15.09
N VAL D 522 -23.56 -39.21 15.85
CA VAL D 522 -23.51 -39.30 17.31
C VAL D 522 -23.08 -40.69 17.75
N ILE D 523 -22.06 -40.79 18.62
CA ILE D 523 -21.37 -42.04 18.95
C ILE D 523 -21.27 -42.22 20.47
N THR D 524 -21.57 -43.41 20.97
CA THR D 524 -21.45 -43.77 22.39
C THR D 524 -21.33 -45.28 22.61
N LYS D 525 -20.86 -45.70 23.78
CA LYS D 525 -20.71 -47.12 24.11
C LYS D 525 -22.04 -47.87 24.07
N SER D 526 -22.09 -48.98 23.34
CA SER D 526 -23.29 -49.78 23.07
C SER D 526 -24.43 -49.06 22.33
N SER D 527 -24.20 -47.88 21.75
CA SER D 527 -25.22 -47.09 21.06
C SER D 527 -25.46 -47.50 19.59
N LYS D 528 -24.66 -48.39 19.03
CA LYS D 528 -24.53 -48.58 17.57
C LYS D 528 -24.06 -47.27 16.89
N GLU D 529 -24.85 -46.69 15.99
CA GLU D 529 -24.57 -45.39 15.37
C GLU D 529 -25.85 -44.61 15.07
N MET D 530 -25.76 -43.28 15.00
CA MET D 530 -26.89 -42.36 14.86
C MET D 530 -26.50 -41.11 14.06
N LYS D 531 -27.44 -40.46 13.37
CA LYS D 531 -27.16 -39.38 12.42
C LYS D 531 -28.06 -38.16 12.63
N LEU D 532 -27.50 -36.96 12.49
CA LEU D 532 -28.22 -35.69 12.48
C LEU D 532 -28.06 -34.99 11.13
N THR D 533 -29.17 -34.59 10.53
CA THR D 533 -29.24 -33.91 9.23
C THR D 533 -29.42 -32.40 9.35
N ASP D 534 -29.52 -31.70 8.22
CA ASP D 534 -29.71 -30.25 8.18
C ASP D 534 -30.93 -29.79 8.96
N GLY D 535 -30.83 -28.65 9.64
CA GLY D 535 -31.92 -28.10 10.48
C GLY D 535 -31.99 -28.65 11.91
N SER D 536 -31.28 -29.70 12.29
CA SER D 536 -31.26 -30.18 13.69
C SER D 536 -30.15 -29.53 14.54
N TYR D 537 -30.11 -29.83 15.83
CA TYR D 537 -29.19 -29.21 16.80
C TYR D 537 -28.74 -30.21 17.88
N PHE D 538 -27.54 -30.00 18.42
CA PHE D 538 -26.93 -30.88 19.41
C PHE D 538 -26.01 -30.13 20.37
N GLY D 539 -25.74 -30.72 21.53
CA GLY D 539 -24.86 -30.13 22.55
C GLY D 539 -25.58 -29.45 23.71
N GLU D 540 -26.91 -29.48 23.73
CA GLU D 540 -27.73 -28.85 24.77
C GLU D 540 -27.64 -29.50 26.16
N ILE D 541 -27.40 -30.81 26.28
CA ILE D 541 -27.44 -31.54 27.56
C ILE D 541 -26.42 -30.99 28.56
N CYS D 542 -25.18 -30.74 28.14
CA CYS D 542 -24.14 -30.19 29.00
C CYS D 542 -24.48 -28.79 29.51
N LEU D 543 -25.14 -27.95 28.71
CA LEU D 543 -25.51 -26.59 29.08
C LEU D 543 -26.73 -26.55 30.01
N LEU D 544 -27.70 -27.45 29.86
CA LEU D 544 -28.84 -27.54 30.80
C LEU D 544 -28.45 -28.20 32.12
N THR D 545 -27.82 -29.38 32.08
CA THR D 545 -27.51 -30.16 33.28
C THR D 545 -26.28 -29.69 34.06
N LYS D 546 -25.46 -28.82 33.47
CA LYS D 546 -24.16 -28.38 33.99
C LYS D 546 -23.12 -29.50 34.19
N GLY D 547 -23.39 -30.72 33.72
CA GLY D 547 -22.52 -31.88 33.85
C GLY D 547 -21.47 -32.02 32.74
N ARG D 548 -20.99 -33.23 32.54
CA ARG D 548 -20.05 -33.47 31.47
C ARG D 548 -20.78 -33.98 30.26
N ARG D 549 -20.12 -34.07 29.13
CA ARG D 549 -20.68 -34.51 27.87
C ARG D 549 -21.00 -35.96 27.93
N THR D 550 -21.91 -36.45 27.11
CA THR D 550 -22.41 -37.83 27.25
C THR D 550 -22.36 -38.69 25.98
N ALA D 551 -22.01 -38.11 24.83
CA ALA D 551 -21.73 -38.83 23.59
C ALA D 551 -20.77 -37.99 22.73
N SER D 552 -19.91 -38.63 21.95
CA SER D 552 -19.04 -37.93 21.00
C SER D 552 -19.80 -37.60 19.72
N VAL D 553 -19.39 -36.56 18.98
CA VAL D 553 -20.03 -36.17 17.72
C VAL D 553 -18.99 -35.87 16.66
N ARG D 554 -19.17 -36.42 15.48
CA ARG D 554 -18.18 -36.32 14.41
C ARG D 554 -18.66 -35.99 13.03
N ALA D 555 -18.02 -35.09 12.33
CA ALA D 555 -18.48 -34.62 11.04
C ALA D 555 -18.36 -35.71 9.96
N ASP D 556 -19.44 -35.98 9.22
CA ASP D 556 -19.48 -36.99 8.16
C ASP D 556 -19.35 -36.43 6.74
N THR D 557 -19.42 -35.12 6.57
CA THR D 557 -19.20 -34.38 5.34
C THR D 557 -18.77 -32.94 5.68
N TYR D 558 -18.22 -32.18 4.75
CA TYR D 558 -17.91 -30.76 4.98
C TYR D 558 -19.19 -30.04 5.39
N CYS D 559 -19.28 -29.57 6.64
CA CYS D 559 -20.53 -29.07 7.22
C CYS D 559 -20.37 -27.66 7.77
N ARG D 560 -21.46 -26.89 7.68
CA ARG D 560 -21.57 -25.53 8.20
C ARG D 560 -22.45 -25.58 9.44
N LEU D 561 -21.91 -25.11 10.56
CA LEU D 561 -22.60 -25.07 11.84
C LEU D 561 -22.72 -23.63 12.31
N TYR D 562 -23.81 -23.33 13.02
CA TYR D 562 -23.89 -22.15 13.86
C TYR D 562 -23.76 -22.57 15.32
N SER D 563 -22.97 -21.86 16.12
CA SER D 563 -22.73 -22.17 17.53
C SER D 563 -23.18 -21.06 18.47
N LEU D 564 -23.61 -21.46 19.66
CA LEU D 564 -24.11 -20.57 20.71
C LEU D 564 -23.37 -20.86 22.02
N SER D 565 -22.79 -19.85 22.66
CA SER D 565 -21.99 -20.04 23.88
C SER D 565 -22.83 -20.10 25.16
N VAL D 566 -22.32 -20.77 26.20
CA VAL D 566 -23.06 -21.01 27.46
C VAL D 566 -23.52 -19.75 28.17
N ASP D 567 -22.72 -18.69 28.16
CA ASP D 567 -23.10 -17.41 28.74
C ASP D 567 -24.23 -16.71 27.97
N ASN D 568 -24.23 -16.79 26.63
CA ASN D 568 -25.30 -16.24 25.81
C ASN D 568 -26.57 -17.08 25.89
N PHE D 569 -26.46 -18.41 25.96
CA PHE D 569 -27.60 -19.31 26.08
C PHE D 569 -28.42 -19.02 27.33
N ASN D 570 -27.78 -18.89 28.49
CA ASN D 570 -28.49 -18.53 29.72
C ASN D 570 -29.05 -17.10 29.68
N GLU D 571 -28.35 -16.16 29.06
CA GLU D 571 -28.85 -14.79 28.91
C GLU D 571 -30.17 -14.73 28.14
N VAL D 572 -30.37 -15.55 27.11
CA VAL D 572 -31.65 -15.60 26.38
C VAL D 572 -32.72 -16.30 27.20
N LEU D 573 -32.46 -17.49 27.73
CA LEU D 573 -33.49 -18.25 28.44
C LEU D 573 -33.99 -17.60 29.73
N GLU D 574 -33.15 -16.83 30.43
CA GLU D 574 -33.58 -16.06 31.60
C GLU D 574 -34.64 -15.00 31.28
N GLU D 575 -34.66 -14.47 30.05
CA GLU D 575 -35.68 -13.53 29.57
C GLU D 575 -36.95 -14.21 29.03
N TYR D 576 -36.91 -15.51 28.73
CA TYR D 576 -38.02 -16.27 28.16
C TYR D 576 -38.17 -17.67 28.80
N PRO D 577 -38.45 -17.78 30.11
CA PRO D 577 -38.48 -19.07 30.83
C PRO D 577 -39.39 -20.15 30.23
N MET D 578 -40.41 -19.79 29.45
CA MET D 578 -41.24 -20.76 28.74
C MET D 578 -40.46 -21.59 27.71
N MET D 579 -39.38 -21.05 27.11
CA MET D 579 -38.59 -21.77 26.12
C MET D 579 -37.67 -22.83 26.72
N ARG D 580 -37.16 -22.63 27.95
CA ARG D 580 -36.29 -23.62 28.62
C ARG D 580 -36.99 -24.95 28.82
N ARG D 581 -38.30 -24.93 29.08
CA ARG D 581 -39.08 -26.15 29.19
C ARG D 581 -39.10 -26.94 27.88
N ALA D 582 -39.11 -26.28 26.72
CA ALA D 582 -39.06 -26.98 25.44
C ALA D 582 -37.71 -27.70 25.25
N PHE D 583 -36.59 -27.02 25.46
CA PHE D 583 -35.27 -27.63 25.38
C PHE D 583 -35.12 -28.78 26.37
N GLU D 584 -35.63 -28.64 27.60
CA GLU D 584 -35.58 -29.71 28.59
C GLU D 584 -36.45 -30.91 28.22
N THR D 585 -37.66 -30.70 27.71
CA THR D 585 -38.55 -31.81 27.30
C THR D 585 -38.10 -32.52 26.03
N VAL D 586 -37.25 -31.91 25.20
CA VAL D 586 -36.49 -32.66 24.17
C VAL D 586 -35.31 -33.40 24.80
N ALA D 587 -34.55 -32.76 25.68
CA ALA D 587 -33.35 -33.35 26.30
C ALA D 587 -33.65 -34.64 27.05
N ILE D 588 -34.69 -34.67 27.88
CA ILE D 588 -35.05 -35.86 28.64
C ILE D 588 -35.44 -37.03 27.74
N ASP D 589 -36.04 -36.78 26.57
CA ASP D 589 -36.38 -37.82 25.60
C ASP D 589 -35.13 -38.41 24.92
N ARG D 590 -34.16 -37.57 24.54
CA ARG D 590 -32.88 -38.03 23.96
C ARG D 590 -32.08 -38.88 24.95
N LEU D 591 -32.00 -38.47 26.21
CA LEU D 591 -31.32 -39.24 27.25
C LEU D 591 -31.98 -40.60 27.53
N ASP D 592 -33.26 -40.78 27.17
CA ASP D 592 -33.93 -42.07 27.23
C ASP D 592 -33.49 -43.01 26.10
N ARG D 593 -33.35 -42.52 24.86
CA ARG D 593 -32.91 -43.34 23.72
C ARG D 593 -31.51 -43.90 23.92
N ILE D 594 -30.57 -43.07 24.38
CA ILE D 594 -29.20 -43.51 24.69
C ILE D 594 -29.08 -44.27 26.02
N GLY D 595 -30.16 -44.39 26.79
CA GLY D 595 -30.19 -45.12 28.07
C GLY D 595 -29.47 -44.45 29.25
N LYS D 596 -28.89 -43.26 29.09
CA LYS D 596 -28.16 -42.60 30.16
C LYS D 596 -29.04 -42.10 31.32
N LYS D 597 -30.30 -41.75 31.05
CA LYS D 597 -31.34 -41.53 32.06
C LYS D 597 -30.98 -40.61 33.25
N ASN D 598 -30.25 -39.52 33.01
CA ASN D 598 -29.66 -38.69 34.07
C ASN D 598 -30.67 -38.13 35.09
N SER D 599 -30.41 -38.36 36.37
CA SER D 599 -31.38 -38.16 37.45
C SER D 599 -31.69 -36.70 37.80
N ILE D 600 -30.74 -35.78 37.64
CA ILE D 600 -30.93 -34.37 38.02
C ILE D 600 -31.97 -33.66 37.13
N LEU D 601 -31.94 -33.90 35.82
CA LEU D 601 -32.93 -33.37 34.89
C LEU D 601 -34.31 -34.00 35.09
N LEU D 602 -34.38 -35.33 35.29
CA LEU D 602 -35.62 -36.03 35.59
C LEU D 602 -36.29 -35.55 36.89
N GLN D 603 -35.49 -35.25 37.92
CA GLN D 603 -35.96 -34.63 39.15
C GLN D 603 -36.41 -33.18 38.94
N LYS D 604 -35.72 -32.42 38.10
CA LYS D 604 -36.04 -31.02 37.79
C LYS D 604 -37.37 -30.81 37.05
N PHE D 605 -37.95 -31.84 36.46
CA PHE D 605 -39.20 -31.74 35.70
C PHE D 605 -40.48 -31.98 36.53
N GLN D 606 -40.38 -32.71 37.64
CA GLN D 606 -41.52 -33.23 38.38
C GLN D 606 -42.49 -32.16 38.93
N LYS D 607 -43.78 -32.39 38.78
CA LYS D 607 -44.88 -31.55 39.30
C LYS D 607 -44.82 -30.05 38.91
N ASP D 608 -44.35 -29.74 37.70
CA ASP D 608 -44.34 -28.39 37.13
C ASP D 608 -45.72 -27.75 37.03
C2 PCW E . -7.69 -9.13 -21.63
C3 PCW E . -6.97 -10.36 -22.16
C11 PCW E . -6.56 -11.61 -24.19
C12 PCW E . -6.47 -11.64 -25.68
C13 PCW E . -6.12 -13.02 -26.11
C14 PCW E . -4.69 -13.28 -25.76
C15 PCW E . -4.10 -13.85 -27.02
C16 PCW E . -2.94 -14.75 -26.68
C17 PCW E . -2.28 -15.19 -27.96
C18 PCW E . -2.00 -14.02 -28.87
C19 PCW E . -1.03 -14.50 -29.90
C20 PCW E . -0.32 -13.62 -30.57
C21 PCW E . 0.65 -14.10 -31.61
C22 PCW E . 0.86 -13.00 -32.63
C31 PCW E . -6.94 -7.03 -20.66
C32 PCW E . -7.12 -5.57 -20.92
C33 PCW E . -6.31 -5.19 -22.16
C34 PCW E . -5.12 -4.33 -21.76
C35 PCW E . -4.62 -3.46 -22.90
C36 PCW E . -5.37 -2.16 -22.97
C37 PCW E . -5.62 -1.84 -24.42
C38 PCW E . -4.67 -0.81 -24.97
C39 PCW E . -5.38 -0.18 -26.13
C40 PCW E . -5.59 1.12 -26.09
C41 PCW E . -6.29 1.79 -27.23
C42 PCW E . -6.50 3.26 -26.91
O2 PCW E . -6.92 -7.93 -21.79
O3 PCW E . -7.36 -10.67 -23.49
O11 PCW E . -5.95 -12.39 -23.56
O31 PCW E . -6.79 -7.43 -19.51
C15 PCW F . -10.49 -5.00 -22.80
C16 PCW F . -10.60 -4.45 -24.21
C17 PCW F . -9.40 -4.82 -25.07
C18 PCW F . -9.70 -4.72 -26.56
C19 PCW F . -9.17 -3.45 -27.18
C20 PCW F . -8.83 -3.40 -28.46
C21 PCW F . -8.30 -2.13 -29.09
C22 PCW F . -7.79 -2.42 -30.49
C23 PCW F . -7.40 -1.17 -31.29
C24 PCW F . -6.31 -1.48 -32.32
C25 PCW F . -6.02 -0.33 -33.28
C26 PCW F . -4.67 -0.41 -33.93
C27 PCW F . -4.62 -1.66 -34.73
C11 PCW G . -12.74 -4.76 -31.83
C12 PCW G . -13.10 -5.98 -31.05
C13 PCW G . -13.87 -5.58 -29.80
C14 PCW G . -12.99 -5.72 -28.58
C15 PCW G . -13.78 -5.56 -27.30
C16 PCW G . -14.85 -6.62 -27.17
C17 PCW G . -14.71 -7.37 -25.87
C18 PCW G . -15.37 -6.64 -24.71
C19 PCW G . -15.27 -7.49 -23.48
C20 PCW G . -16.18 -7.31 -22.52
C21 PCW G . -16.17 -8.10 -21.24
C22 PCW G . -17.60 -8.37 -20.82
C23 PCW G . -17.66 -9.46 -19.78
C24 PCW G . -19.00 -10.12 -19.97
P CMP H . 8.46 -19.93 42.84
O1P CMP H . 7.13 -19.38 42.61
O2P CMP H . 8.98 -19.65 44.29
O5' CMP H . 9.63 -19.33 41.93
C5' CMP H . 10.96 -19.90 41.98
C4' CMP H . 10.79 -21.40 41.74
O4' CMP H . 11.98 -22.17 41.89
C3' CMP H . 9.94 -22.03 42.81
O3' CMP H . 8.62 -21.51 42.71
C2' CMP H . 10.09 -23.50 42.45
O2' CMP H . 9.21 -23.85 41.36
C1' CMP H . 11.57 -23.55 42.01
N9 CMP H . 12.45 -24.18 42.97
C8 CMP H . 12.71 -23.83 44.29
N7 CMP H . 13.59 -24.63 44.89
C5 CMP H . 13.90 -25.49 43.88
C6 CMP H . 14.79 -26.55 43.88
N6 CMP H . 15.57 -26.86 44.92
N1 CMP H . 15.02 -27.29 42.81
C2 CMP H . 14.30 -26.98 41.74
N3 CMP H . 13.39 -25.98 41.64
C4 CMP H . 13.23 -25.25 42.74
C2 PCW I . 18.57 -12.48 -10.49
C3 PCW I . 19.97 -11.94 -10.27
C11 PCW I . 22.23 -12.04 -11.17
C12 PCW I . 23.12 -12.25 -12.34
C13 PCW I . 24.53 -12.07 -11.89
C14 PCW I . 24.77 -10.62 -11.66
C15 PCW I . 26.05 -10.33 -12.40
C16 PCW I . 26.75 -9.17 -11.74
C17 PCW I . 27.97 -8.82 -12.59
C18 PCW I . 27.61 -8.68 -14.04
C19 PCW I . 28.74 -7.96 -14.69
C20 PCW I . 28.54 -7.37 -15.85
C21 PCW I . 29.70 -6.66 -16.51
C22 PCW I . 29.44 -6.62 -18.01
C31 PCW I . 16.46 -11.44 -11.08
C32 PCW I . 15.41 -11.61 -12.14
C33 PCW I . 15.95 -11.06 -13.46
C34 PCW I . 15.24 -9.76 -13.82
C35 PCW I . 15.29 -9.47 -15.32
C36 PCW I . 14.16 -10.15 -16.05
C37 PCW I . 14.71 -10.68 -17.35
C38 PCW I . 14.36 -9.83 -18.53
C39 PCW I . 14.42 -10.72 -19.73
C40 PCW I . 13.32 -10.87 -20.44
C41 PCW I . 13.34 -11.76 -21.64
C42 PCW I . 11.94 -11.82 -22.25
O2 PCW I . 17.84 -11.71 -11.43
O3 PCW I . 20.93 -12.62 -11.07
O11 PCW I . 22.57 -11.36 -10.29
O31 PCW I . 16.14 -11.09 -9.96
C15 PCW J . 15.49 -15.26 -13.50
C16 PCW J . 15.85 -15.64 -14.93
C17 PCW J . 16.85 -14.66 -15.55
C18 PCW J . 17.58 -15.27 -16.74
C19 PCW J . 17.01 -14.81 -18.06
C20 PCW J . 17.78 -14.75 -19.15
C21 PCW J . 17.21 -14.29 -20.48
C22 PCW J . 18.34 -14.10 -21.48
C23 PCW J . 17.86 -13.82 -22.91
C24 PCW J . 18.90 -13.01 -23.69
C25 PCW J . 18.58 -12.85 -25.17
C26 PCW J . 19.24 -11.67 -25.84
C27 PCW J . 20.71 -11.86 -25.71
C11 PCW K . 20.17 -19.33 -20.44
C12 PCW K . 20.62 -19.58 -19.05
C13 PCW K . 19.46 -20.05 -18.20
C14 PCW K . 19.01 -18.96 -17.27
C15 PCW K . 18.01 -19.44 -16.25
C16 PCW K . 18.61 -20.52 -15.38
C17 PCW K . 18.47 -20.15 -13.91
C18 PCW K . 17.12 -20.51 -13.34
C19 PCW K . 17.09 -20.19 -11.88
C20 PCW K . 16.24 -20.88 -11.11
C21 PCW K . 16.14 -20.63 -9.62
C22 PCW K . 15.87 -21.95 -8.93
C23 PCW K . 16.13 -21.84 -7.45
C24 PCW K . 16.54 -23.24 -7.02
P CMP L . -7.54 16.25 44.53
O1P CMP L . -8.07 14.91 44.20
O2P CMP L . -8.52 17.06 45.43
O5' CMP L . -7.30 17.23 43.29
C5' CMP L . -6.66 18.50 43.49
C4' CMP L . -5.35 18.22 44.23
O4' CMP L . -4.63 19.37 44.64
C3' CMP L . -5.60 17.57 45.56
O3' CMP L . -6.19 16.29 45.35
C2' CMP L . -4.21 17.57 46.15
O2' CMP L . -3.43 16.47 45.61
C1' CMP L . -3.66 18.94 45.61
N9 CMP L . -3.57 19.95 46.64
C8 CMP L . -4.58 20.49 47.43
N7 CMP L . -4.13 21.45 48.25
C5 CMP L . -2.81 21.49 47.95
C6 CMP L . -1.82 22.33 48.44
N6 CMP L . -2.05 23.28 49.34
N1 CMP L . -0.57 22.28 48.03
C2 CMP L . -0.32 21.37 47.09
N3 CMP L . -1.21 20.52 46.54
C4 CMP L . -2.46 20.62 46.99
C2 PCW M . 19.08 15.34 -3.33
C3 PCW M . 18.76 16.79 -3.67
C11 PCW M . 19.72 18.79 -4.64
C12 PCW M . 20.72 19.41 -5.54
C13 PCW M . 20.55 20.88 -5.51
C14 PCW M . 19.29 21.24 -6.24
C15 PCW M . 19.70 22.35 -7.16
C16 PCW M . 18.50 23.23 -7.44
C17 PCW M . 18.91 24.26 -8.49
C18 PCW M . 19.58 23.60 -9.67
C19 PCW M . 19.58 24.61 -10.76
C20 PCW M . 19.74 24.21 -12.00
C21 PCW M . 19.75 25.23 -13.11
C22 PCW M . 20.54 24.66 -14.28
C31 PCW M . 18.25 13.20 -4.13
C32 PCW M . 18.83 11.95 -4.73
C33 PCW M . 19.23 12.24 -6.17
C34 PCW M . 18.30 11.52 -7.13
C35 PCW M . 18.94 11.27 -8.49
C36 PCW M . 19.73 9.98 -8.50
C37 PCW M . 20.99 10.23 -9.27
C38 PCW M . 20.93 9.67 -10.68
C39 PCW M . 22.35 9.43 -11.10
C40 PCW M . 22.69 8.22 -11.41
C41 PCW M . 24.11 7.94 -11.84
C42 PCW M . 24.28 6.44 -12.08
O2 PCW M . 18.89 14.46 -4.44
O3 PCW M . 19.92 17.52 -4.04
O11 PCW M . 18.72 19.35 -4.41
O31 PCW M . 17.26 13.13 -3.42
C15 PCW N . 22.54 11.57 -3.60
C16 PCW N . 23.73 11.61 -4.55
C17 PCW N . 23.48 12.49 -5.78
C18 PCW N . 24.77 12.93 -6.44
C19 PCW N . 25.07 12.13 -7.68
C20 PCW N . 25.78 12.64 -8.68
C21 PCW N . 26.10 11.84 -9.93
C22 PCW N . 26.71 12.74 -10.98
C23 PCW N . 27.24 11.98 -12.21
C24 PCW N . 27.20 12.88 -13.46
C25 PCW N . 27.90 12.27 -14.67
C26 PCW N . 27.45 12.82 -16.00
C27 PCW N . 27.76 14.27 -15.99
C11 PCW O . 30.58 14.49 -7.28
C12 PCW O . 30.05 15.22 -6.09
C13 PCW O . 29.75 14.23 -4.98
C14 PCW O . 28.25 14.04 -4.85
C15 PCW O . 27.89 13.25 -3.61
C16 PCW O . 28.33 13.96 -2.36
C17 PCW O . 27.16 14.16 -1.41
C18 PCW O . 26.90 12.94 -0.56
C19 PCW O . 25.79 13.23 0.41
C20 PCW O . 25.76 12.53 1.55
C21 PCW O . 24.69 12.74 2.59
C22 PCW O . 25.30 12.57 3.96
C23 PCW O . 24.39 13.13 5.02
C24 PCW O . 25.32 13.55 6.13
P CMP P . -40.02 2.72 26.37
O1P CMP P . -38.86 2.07 26.98
O2P CMP P . -41.35 1.99 26.73
O5' CMP P . -40.05 2.75 24.77
C5' CMP P . -41.07 3.48 24.07
C4' CMP P . -41.06 4.90 24.64
O4' CMP P . -42.10 5.74 24.17
C3' CMP P . -41.36 4.90 26.12
O3' CMP P . -40.31 4.22 26.81
C2' CMP P . -41.48 6.39 26.39
O2' CMP P . -40.16 6.98 26.51
C1' CMP P . -42.16 6.87 25.07
N9 CMP P . -43.55 7.22 25.25
C8 CMP P . -44.61 6.42 25.69
N7 CMP P . -45.77 7.09 25.71
C5 CMP P . -45.42 8.31 25.25
C6 CMP P . -46.20 9.43 25.01
N6 CMP P . -47.53 9.43 25.17
N1 CMP P . -45.73 10.55 24.54
C2 CMP P . -44.40 10.56 24.31
N3 CMP P . -43.55 9.54 24.51
C4 CMP P . -44.10 8.42 24.97
C2 PCW Q . -7.19 18.69 -14.49
C3 PCW Q . -8.20 18.37 -15.58
C11 PCW Q . -9.08 19.20 -17.68
C12 PCW Q . -8.88 20.02 -18.90
C13 PCW Q . -10.12 19.93 -19.74
C14 PCW Q . -10.18 18.58 -20.34
C15 PCW Q . -10.47 18.82 -21.79
C16 PCW Q . -11.20 17.65 -22.38
C17 PCW Q . -11.35 17.87 -23.87
C18 PCW Q . -10.04 18.25 -24.51
C19 PCW Q . -10.21 18.07 -25.98
C20 PCW Q . -9.13 17.95 -26.74
C21 PCW Q . -9.31 17.78 -28.21
C22 PCW Q . -8.04 18.27 -28.91
C31 PCW Q . -5.15 17.60 -13.71
C32 PCW Q . -3.72 17.99 -13.51
C33 PCW Q . -3.05 18.10 -14.87
C34 PCW Q . -2.07 16.96 -15.07
C35 PCW Q . -0.97 17.27 -16.08
C36 PCW Q . 0.18 17.98 -15.42
C37 PCW Q . 0.65 19.07 -16.36
C38 PCW Q . 1.90 18.69 -17.12
C39 PCW Q . 2.56 19.98 -17.50
C40 PCW Q . 3.77 20.19 -17.07
C41 PCW Q . 4.47 21.47 -17.43
C42 PCW Q . 5.83 21.51 -16.74
O2 PCW Q . -5.88 18.23 -14.80
O3 PCW Q . -8.38 19.46 -16.47
O11 PCW Q . -9.83 18.31 -17.68
O31 PCW Q . -5.68 16.79 -12.97
C15 PCW R . -3.46 21.82 -12.91
C16 PCW R . -2.74 22.79 -13.85
C17 PCW R . -2.79 22.33 -15.31
C18 PCW R . -2.54 23.48 -16.28
C19 PCW R . -1.13 23.48 -16.80
C20 PCW R . -0.84 23.98 -18.01
C21 PCW R . 0.58 23.99 -18.55
C22 PCW R . 0.57 24.41 -20.00
C23 PCW R . 1.96 24.64 -20.59
C24 PCW R . 1.98 24.39 -22.10
C25 PCW R . 3.28 24.78 -22.79
C26 PCW R . 3.53 24.09 -24.10
C27 PCW R . 2.42 24.47 -25.01
C11 PCW S . -2.34 29.05 -18.68
C12 PCW S . -3.70 28.81 -18.11
C13 PCW S . -3.60 28.70 -16.59
C14 PCW S . -3.77 27.27 -16.17
C15 PCW S . -3.92 27.13 -14.67
C16 PCW S . -5.14 27.86 -14.18
C17 PCW S . -6.05 26.92 -13.38
C18 PCW S . -5.60 26.80 -11.94
C19 PCW S . -6.57 25.93 -11.20
C20 PCW S . -6.70 26.10 -9.88
C21 PCW S . -7.64 25.27 -9.04
C22 PCW S . -8.19 26.14 -7.94
C23 PCW S . -9.41 25.52 -7.33
C24 PCW S . -10.24 26.68 -6.82
P CMP T . -24.01 -33.45 24.67
O1P CMP T . -23.67 -32.21 25.38
O2P CMP T . -23.86 -34.71 25.57
O5' CMP T . -23.12 -33.80 23.40
C5' CMP T . -23.46 -34.92 22.55
C4' CMP T . -24.92 -34.72 22.15
O4' CMP T . -25.50 -35.79 21.41
C3' CMP T . -25.83 -34.70 23.35
O3' CMP T . -25.52 -33.57 24.15
C2' CMP T . -27.19 -34.68 22.69
O2' CMP T . -27.52 -33.34 22.25
C1' CMP T . -26.92 -35.61 21.45
N9 CMP T . -27.54 -36.91 21.58
C8 CMP T . -27.33 -37.89 22.55
N7 CMP T . -28.06 -39.00 22.32
C5 CMP T . -28.71 -38.68 21.18
C6 CMP T . -29.59 -39.45 20.43
N6 CMP T . -29.91 -40.71 20.74
N1 CMP T . -30.13 -39.03 19.32
C2 CMP T . -29.79 -37.78 18.95
N3 CMP T . -28.95 -36.96 19.60
C4 CMP T . -28.42 -37.46 20.72
#